data_5D3E
#
_entry.id   5D3E
#
_cell.length_a   122.450
_cell.length_b   122.450
_cell.length_c   313.159
_cell.angle_alpha   90.000
_cell.angle_beta   90.000
_cell.angle_gamma   90.000
#
_symmetry.space_group_name_H-M   'P 41 21 2'
#
loop_
_entity.id
_entity.type
_entity.pdbx_description
1 polymer '14-3-3 protein gamma'
2 polymer 'Cystic fibrosis transmembrane conductance regulator'
3 water water
#
loop_
_entity_poly.entity_id
_entity_poly.type
_entity_poly.pdbx_seq_one_letter_code
_entity_poly.pdbx_strand_id
1 'polypeptide(L)'
;MGSMVDREQLVQKARLAEQAERYDDMAAAMKNVTELNEPLSNEERNLLSVAYKNVVGARRSSWRVISSIEQKTSADGNEK
KIEMVRAYREKIEKELEAVCQDVLSLLDNYLIKNCSETQYESKVFYLKMKGDYYRYLAEVATGEKRATVVESSEKAYSEA
HEISKEHMQPTHPIRLGLALNYSVFYYEIQNAPEQACHLAKTAFDDAIAELDTLNEDSYKDSTLIMQLLRDNLTLWTSDQ
Q
;
A,B,E,F,I,J
2 'polypeptide(L)' QARRRQ(SEP)VLNLMTHSVNQGQNIHRKTTASTRKV(SEP)LAPQAN C,G,K
#
# COMPACT_ATOMS: atom_id res chain seq x y z
N VAL A 5 32.47 2.35 -19.62
CA VAL A 5 32.15 2.11 -18.22
C VAL A 5 31.86 0.61 -18.00
N ASP A 6 32.84 -0.21 -18.39
CA ASP A 6 32.73 -1.67 -18.31
C ASP A 6 32.75 -2.17 -16.87
N ARG A 7 32.60 -3.48 -16.71
CA ARG A 7 32.43 -4.05 -15.39
C ARG A 7 33.56 -3.78 -14.43
N GLU A 8 34.79 -3.80 -14.92
CA GLU A 8 35.90 -3.63 -13.99
C GLU A 8 36.04 -2.19 -13.53
N GLN A 9 35.52 -1.24 -14.31
CA GLN A 9 35.53 0.16 -13.89
C GLN A 9 34.51 0.44 -12.78
N LEU A 10 33.32 -0.12 -12.94
CA LEU A 10 32.27 -0.01 -11.94
C LEU A 10 32.76 -0.47 -10.56
N VAL A 11 33.36 -1.64 -10.51
CA VAL A 11 33.89 -2.15 -9.26
C VAL A 11 35.00 -1.21 -8.74
N GLN A 12 35.80 -0.66 -9.65
CA GLN A 12 36.84 0.26 -9.23
C GLN A 12 36.14 1.47 -8.58
N LYS A 13 35.04 1.94 -9.18
CA LYS A 13 34.36 3.09 -8.58
C LYS A 13 33.73 2.75 -7.21
N ALA A 14 33.09 1.59 -7.11
CA ALA A 14 32.59 1.13 -5.82
C ALA A 14 33.70 1.18 -4.76
N ARG A 15 34.90 0.70 -5.11
CA ARG A 15 36.02 0.74 -4.15
C ARG A 15 36.41 2.15 -3.74
N LEU A 16 36.50 3.05 -4.72
CA LEU A 16 36.83 4.44 -4.46
C LEU A 16 35.81 5.09 -3.56
N ALA A 17 34.54 4.90 -3.94
CA ALA A 17 33.41 5.41 -3.17
C ALA A 17 33.51 4.97 -1.71
N GLU A 18 33.87 3.72 -1.48
CA GLU A 18 33.99 3.25 -0.10
C GLU A 18 35.07 4.01 0.66
N GLN A 19 36.24 4.21 0.05
CA GLN A 19 37.28 4.98 0.70
C GLN A 19 36.76 6.38 1.04
N ALA A 20 36.00 6.96 0.10
CA ALA A 20 35.47 8.30 0.27
C ALA A 20 34.31 8.36 1.26
N GLU A 21 33.86 7.19 1.71
CA GLU A 21 32.66 7.08 2.54
C GLU A 21 31.45 7.71 1.83
N ARG A 22 31.40 7.51 0.52
CA ARG A 22 30.30 7.97 -0.29
C ARG A 22 29.43 6.78 -0.68
N TYR A 23 28.56 6.38 0.24
CA TYR A 23 27.91 5.09 0.09
C TYR A 23 26.79 5.05 -0.95
N ASP A 24 26.17 6.18 -1.27
CA ASP A 24 25.19 6.20 -2.36
C ASP A 24 25.91 5.94 -3.69
N ASP A 25 27.04 6.60 -3.89
CA ASP A 25 27.85 6.34 -5.05
C ASP A 25 28.21 4.86 -5.13
N MET A 26 28.61 4.30 -3.99
CA MET A 26 29.03 2.90 -3.91
C MET A 26 27.88 1.95 -4.19
N ALA A 27 26.71 2.25 -3.62
CA ALA A 27 25.51 1.47 -3.92
C ALA A 27 25.13 1.55 -5.40
N ALA A 28 25.13 2.76 -5.96
CA ALA A 28 24.81 2.92 -7.37
C ALA A 28 25.77 2.16 -8.28
N ALA A 29 27.06 2.17 -7.93
CA ALA A 29 28.03 1.40 -8.68
C ALA A 29 27.71 -0.10 -8.64
N MET A 30 27.47 -0.64 -7.45
CA MET A 30 27.27 -2.09 -7.38
C MET A 30 25.93 -2.51 -7.93
N LYS A 31 24.96 -1.60 -7.85
CA LYS A 31 23.68 -1.84 -8.50
C LYS A 31 23.89 -2.02 -10.01
N ASN A 32 24.68 -1.14 -10.63
CA ASN A 32 25.02 -1.30 -12.06
C ASN A 32 25.75 -2.61 -12.35
N VAL A 33 26.62 -3.03 -11.44
CA VAL A 33 27.29 -4.31 -11.59
C VAL A 33 26.26 -5.44 -11.53
N THR A 34 25.43 -5.44 -10.49
CA THR A 34 24.39 -6.46 -10.39
C THR A 34 23.53 -6.55 -11.67
N GLU A 35 23.25 -5.40 -12.27
CA GLU A 35 22.35 -5.36 -13.41
C GLU A 35 23.00 -5.84 -14.71
N LEU A 36 24.31 -6.05 -14.70
CA LEU A 36 25.00 -6.65 -15.83
C LEU A 36 24.60 -8.12 -16.02
N ASN A 37 23.83 -8.62 -15.05
CA ASN A 37 23.19 -9.93 -15.05
C ASN A 37 24.13 -11.14 -14.93
N GLU A 38 25.36 -10.94 -14.48
CA GLU A 38 26.25 -12.05 -14.21
C GLU A 38 26.46 -12.22 -12.70
N PRO A 39 26.79 -13.44 -12.24
CA PRO A 39 26.99 -13.66 -10.81
C PRO A 39 28.04 -12.73 -10.21
N LEU A 40 27.94 -12.51 -8.92
CA LEU A 40 28.91 -11.66 -8.26
C LEU A 40 30.03 -12.50 -7.61
N SER A 41 31.25 -12.01 -7.73
CA SER A 41 32.37 -12.57 -7.02
C SER A 41 32.18 -12.33 -5.55
N ASN A 42 32.96 -12.96 -4.69
CA ASN A 42 32.84 -12.71 -3.27
C ASN A 42 33.22 -11.27 -2.93
N GLU A 43 34.17 -10.71 -3.65
CA GLU A 43 34.55 -9.34 -3.38
C GLU A 43 33.36 -8.46 -3.72
N GLU A 44 32.83 -8.65 -4.92
CA GLU A 44 31.76 -7.81 -5.45
C GLU A 44 30.55 -7.87 -4.55
N ARG A 45 30.13 -9.08 -4.21
CA ARG A 45 29.04 -9.35 -3.27
C ARG A 45 29.19 -8.66 -1.90
N ASN A 46 30.40 -8.56 -1.40
CA ASN A 46 30.60 -7.87 -0.12
C ASN A 46 30.54 -6.35 -0.30
N LEU A 47 31.06 -5.88 -1.43
CA LEU A 47 30.93 -4.47 -1.82
C LEU A 47 29.46 -4.03 -1.89
N LEU A 48 28.63 -4.87 -2.52
CA LEU A 48 27.19 -4.64 -2.59
C LEU A 48 26.55 -4.58 -1.21
N SER A 49 26.87 -5.58 -0.39
CA SER A 49 26.31 -5.67 0.95
C SER A 49 26.73 -4.45 1.78
N VAL A 50 27.98 -4.03 1.66
CA VAL A 50 28.47 -2.96 2.48
C VAL A 50 27.86 -1.60 2.12
N ALA A 51 27.79 -1.35 0.81
CA ALA A 51 27.18 -0.14 0.27
C ALA A 51 25.77 0.11 0.81
N TYR A 52 24.87 -0.84 0.55
CA TYR A 52 23.49 -0.72 0.99
C TYR A 52 23.31 -0.84 2.50
N LYS A 53 24.23 -1.51 3.17
CA LYS A 53 24.15 -1.57 4.62
C LYS A 53 24.36 -0.19 5.22
N ASN A 54 25.32 0.57 4.69
CA ASN A 54 25.53 1.94 5.16
C ASN A 54 24.46 2.91 4.66
N VAL A 55 24.00 2.72 3.42
CA VAL A 55 22.95 3.59 2.91
C VAL A 55 21.71 3.48 3.77
N VAL A 56 21.17 2.28 3.89
CA VAL A 56 19.98 2.07 4.71
C VAL A 56 20.26 2.36 6.19
N GLY A 57 21.51 2.16 6.62
CA GLY A 57 21.83 2.24 8.02
C GLY A 57 21.76 3.66 8.52
N ALA A 58 22.17 4.56 7.64
CA ALA A 58 22.10 5.99 7.92
C ALA A 58 20.65 6.38 8.21
N ARG A 59 19.73 5.78 7.46
CA ARG A 59 18.32 6.07 7.63
C ARG A 59 17.78 5.44 8.90
N ARG A 60 18.13 4.19 9.13
CA ARG A 60 17.69 3.49 10.33
C ARG A 60 18.07 4.31 11.55
N SER A 61 19.32 4.79 11.56
CA SER A 61 19.81 5.57 12.66
C SER A 61 19.00 6.83 12.84
N SER A 62 18.81 7.54 11.73
CA SER A 62 18.04 8.78 11.77
C SER A 62 16.65 8.54 12.32
N TRP A 63 15.99 7.51 11.84
CA TRP A 63 14.65 7.21 12.19
C TRP A 63 14.47 6.95 13.65
N ARG A 64 15.42 6.26 14.25
CA ARG A 64 15.37 6.00 15.65
C ARG A 64 15.47 7.24 16.47
N VAL A 65 16.36 8.13 16.10
CA VAL A 65 16.52 9.36 16.82
C VAL A 65 15.27 10.18 16.70
N ILE A 66 14.73 10.26 15.51
CA ILE A 66 13.49 10.94 15.30
C ILE A 66 12.33 10.27 15.96
N SER A 67 12.31 8.96 15.94
CA SER A 67 11.25 8.22 16.59
C SER A 67 11.27 8.38 18.06
N SER A 68 12.46 8.44 18.62
CA SER A 68 12.60 8.59 20.04
C SER A 68 12.00 9.89 20.42
N ILE A 69 12.24 10.91 19.63
CA ILE A 69 11.72 12.23 19.88
C ILE A 69 10.22 12.32 19.83
N GLU A 70 9.61 11.58 18.94
CA GLU A 70 8.20 11.70 18.78
C GLU A 70 7.57 11.28 20.07
N GLN A 71 8.08 10.22 20.66
CA GLN A 71 7.49 9.72 21.88
C GLN A 71 7.63 10.70 23.01
N LYS A 72 8.80 11.27 23.15
CA LYS A 72 9.05 12.18 24.24
C LYS A 72 8.27 13.48 24.14
N THR A 73 8.14 13.99 22.92
CA THR A 73 7.46 15.25 22.74
C THR A 73 5.97 15.11 22.51
N SER A 74 5.48 13.91 22.29
CA SER A 74 4.04 13.77 22.16
C SER A 74 3.44 14.13 23.52
N ALA A 75 4.25 13.96 24.55
CA ALA A 75 3.86 14.32 25.90
C ALA A 75 3.62 15.80 26.05
N ASP A 76 4.51 16.61 25.52
CA ASP A 76 4.42 18.05 25.74
C ASP A 76 3.10 18.50 25.15
N GLY A 77 2.70 17.85 24.08
CA GLY A 77 1.36 17.96 23.58
C GLY A 77 1.03 19.06 22.61
N ASN A 78 1.99 19.87 22.22
CA ASN A 78 1.71 20.89 21.22
C ASN A 78 1.28 20.16 19.97
N GLU A 79 0.20 20.56 19.34
CA GLU A 79 -0.33 19.73 18.25
C GLU A 79 0.24 20.08 16.86
N LYS A 80 1.09 21.09 16.79
CA LYS A 80 1.74 21.44 15.52
C LYS A 80 3.21 21.04 15.53
N LYS A 81 3.78 20.91 16.73
CA LYS A 81 5.13 20.38 16.90
C LYS A 81 5.11 18.85 16.77
N ILE A 82 4.09 18.23 17.34
CA ILE A 82 3.84 16.80 17.18
C ILE A 82 3.68 16.47 15.70
N GLU A 83 2.98 17.33 14.98
CA GLU A 83 2.67 17.07 13.58
C GLU A 83 3.93 17.15 12.72
N MET A 84 4.87 17.97 13.12
CA MET A 84 6.01 18.21 12.27
C MET A 84 6.98 17.05 12.37
N VAL A 85 7.22 16.61 13.59
CA VAL A 85 8.09 15.47 13.83
C VAL A 85 7.55 14.22 13.14
N ARG A 86 6.23 14.10 13.10
CA ARG A 86 5.60 12.94 12.50
C ARG A 86 5.87 12.99 11.01
N ALA A 87 5.90 14.19 10.48
CA ALA A 87 6.13 14.38 9.05
C ALA A 87 7.56 14.01 8.75
N TYR A 88 8.48 14.48 9.60
CA TYR A 88 9.90 14.25 9.37
C TYR A 88 10.23 12.77 9.44
N ARG A 89 9.71 12.10 10.46
CA ARG A 89 9.77 10.64 10.50
C ARG A 89 9.29 10.01 9.21
N GLU A 90 8.14 10.44 8.71
CA GLU A 90 7.58 9.82 7.53
C GLU A 90 8.46 10.10 6.30
N LYS A 91 9.12 11.25 6.30
CA LYS A 91 10.03 11.55 5.20
C LYS A 91 11.18 10.54 5.20
N ILE A 92 11.76 10.32 6.38
CA ILE A 92 12.82 9.36 6.54
C ILE A 92 12.36 7.93 6.25
N GLU A 93 11.24 7.53 6.81
CA GLU A 93 10.66 6.24 6.48
C GLU A 93 10.59 5.90 5.01
N LYS A 94 10.15 6.87 4.21
CA LYS A 94 9.91 6.59 2.79
C LYS A 94 11.24 6.46 2.06
N GLU A 95 12.28 7.14 2.57
CA GLU A 95 13.61 6.98 1.98
C GLU A 95 14.10 5.57 2.27
N LEU A 96 13.97 5.17 3.54
CA LEU A 96 14.43 3.87 4.02
C LEU A 96 13.71 2.72 3.28
N GLU A 97 12.39 2.82 3.18
CA GLU A 97 11.62 1.77 2.49
C GLU A 97 12.03 1.67 1.03
N ALA A 98 12.33 2.82 0.43
CA ALA A 98 12.76 2.88 -0.97
C ALA A 98 14.12 2.19 -1.19
N VAL A 99 15.09 2.47 -0.32
CA VAL A 99 16.33 1.71 -0.32
C VAL A 99 16.02 0.22 -0.19
N CYS A 100 15.21 -0.19 0.80
CA CYS A 100 14.93 -1.63 0.95
C CYS A 100 14.23 -2.23 -0.29
N GLN A 101 13.24 -1.55 -0.90
CA GLN A 101 12.58 -2.11 -2.09
C GLN A 101 13.58 -2.28 -3.21
N ASP A 102 14.55 -1.38 -3.27
CA ASP A 102 15.57 -1.40 -4.32
C ASP A 102 16.49 -2.65 -4.19
N VAL A 103 17.05 -2.85 -3.00
CA VAL A 103 17.85 -4.05 -2.70
C VAL A 103 17.08 -5.34 -2.96
N LEU A 104 15.86 -5.43 -2.42
CA LEU A 104 15.05 -6.63 -2.56
C LEU A 104 14.81 -6.95 -4.00
N SER A 105 14.75 -5.91 -4.81
CA SER A 105 14.47 -6.08 -6.21
C SER A 105 15.72 -6.68 -6.88
N LEU A 106 16.88 -6.14 -6.55
CA LEU A 106 18.14 -6.72 -7.04
C LEU A 106 18.20 -8.20 -6.69
N LEU A 107 17.85 -8.51 -5.44
CA LEU A 107 17.81 -9.88 -4.96
C LEU A 107 16.83 -10.75 -5.73
N ASP A 108 15.57 -10.38 -5.85
CA ASP A 108 14.66 -11.30 -6.55
C ASP A 108 14.89 -11.37 -8.07
N ASN A 109 15.27 -10.27 -8.71
CA ASN A 109 15.39 -10.27 -10.16
C ASN A 109 16.76 -10.61 -10.72
N TYR A 110 17.80 -10.45 -9.91
CA TYR A 110 19.13 -10.76 -10.39
C TYR A 110 19.85 -11.79 -9.53
N LEU A 111 20.30 -11.38 -8.36
CA LEU A 111 21.17 -12.21 -7.52
C LEU A 111 20.61 -13.60 -7.16
N ILE A 112 19.44 -13.68 -6.51
CA ILE A 112 18.89 -14.99 -6.17
C ILE A 112 18.55 -15.81 -7.43
N LYS A 113 17.86 -15.21 -8.39
CA LYS A 113 17.45 -15.90 -9.63
C LYS A 113 18.63 -16.49 -10.42
N ASN A 114 19.86 -16.07 -10.12
CA ASN A 114 21.00 -16.39 -10.97
C ASN A 114 21.94 -17.42 -10.38
N CYS A 115 21.62 -17.87 -9.18
CA CYS A 115 22.32 -18.97 -8.54
C CYS A 115 22.04 -20.30 -9.24
N SER A 116 23.08 -21.11 -9.46
CA SER A 116 22.84 -22.47 -9.91
C SER A 116 22.56 -23.32 -8.69
N GLU A 117 22.17 -24.55 -8.89
CA GLU A 117 21.75 -25.37 -7.80
C GLU A 117 22.85 -25.51 -6.82
N THR A 118 24.07 -25.52 -7.30
CA THR A 118 25.16 -25.83 -6.43
C THR A 118 25.81 -24.65 -5.74
N GLN A 119 25.23 -23.47 -5.91
CA GLN A 119 25.76 -22.27 -5.31
C GLN A 119 25.07 -21.94 -4.00
N TYR A 120 25.33 -22.75 -2.99
CA TYR A 120 24.66 -22.68 -1.73
C TYR A 120 25.15 -21.57 -0.87
N GLU A 121 26.42 -21.27 -0.91
CA GLU A 121 26.92 -20.17 -0.14
C GLU A 121 26.24 -18.93 -0.60
N SER A 122 26.15 -18.78 -1.91
CA SER A 122 25.56 -17.63 -2.52
C SER A 122 24.12 -17.48 -2.15
N LYS A 123 23.35 -18.56 -2.19
CA LYS A 123 21.95 -18.52 -1.82
C LYS A 123 21.67 -18.23 -0.39
N VAL A 124 22.54 -18.67 0.48
CA VAL A 124 22.35 -18.43 1.87
C VAL A 124 22.71 -17.00 2.12
N PHE A 125 23.60 -16.45 1.33
CA PHE A 125 24.03 -15.10 1.52
C PHE A 125 22.93 -14.17 1.06
N TYR A 126 22.28 -14.51 -0.03
CA TYR A 126 21.29 -13.63 -0.61
C TYR A 126 19.96 -13.79 0.04
N LEU A 127 19.68 -14.96 0.60
CA LEU A 127 18.42 -15.16 1.29
C LEU A 127 18.50 -14.48 2.66
N LYS A 128 19.68 -14.54 3.27
CA LYS A 128 19.88 -13.82 4.52
C LYS A 128 19.77 -12.30 4.30
N MET A 129 20.27 -11.81 3.16
CA MET A 129 20.11 -10.39 2.81
C MET A 129 18.63 -10.05 2.67
N LYS A 130 17.94 -10.87 1.87
CA LYS A 130 16.52 -10.69 1.70
C LYS A 130 15.87 -10.65 3.07
N GLY A 131 16.23 -11.63 3.90
CA GLY A 131 15.77 -11.66 5.27
C GLY A 131 16.03 -10.35 5.98
N ASP A 132 17.28 -9.89 5.93
CA ASP A 132 17.66 -8.64 6.59
C ASP A 132 16.84 -7.41 6.22
N TYR A 133 16.56 -7.28 4.93
CA TYR A 133 16.00 -6.03 4.44
C TYR A 133 14.49 -6.02 4.62
N TYR A 134 13.82 -7.18 4.57
CA TYR A 134 12.43 -7.22 5.08
C TYR A 134 12.36 -6.94 6.60
N ARG A 135 13.40 -7.29 7.34
CA ARG A 135 13.46 -6.96 8.74
C ARG A 135 13.57 -5.47 8.95
N TYR A 136 14.38 -4.79 8.12
CA TYR A 136 14.53 -3.34 8.21
C TYR A 136 13.18 -2.63 7.98
N LEU A 137 12.41 -3.20 7.06
CA LEU A 137 11.09 -2.74 6.77
C LEU A 137 10.17 -2.92 7.98
N ALA A 138 10.30 -4.07 8.64
CA ALA A 138 9.46 -4.40 9.80
C ALA A 138 9.72 -3.50 11.00
N GLU A 139 10.93 -3.00 11.13
CA GLU A 139 11.24 -2.11 12.24
C GLU A 139 10.45 -0.79 12.20
N VAL A 140 9.97 -0.39 11.01
CA VAL A 140 9.31 0.91 10.84
C VAL A 140 7.85 0.75 10.45
N ALA A 141 7.45 -0.47 10.14
CA ALA A 141 6.06 -0.75 9.78
C ALA A 141 5.15 -1.03 10.98
N THR A 142 3.84 -0.93 10.74
CA THR A 142 2.83 -1.21 11.75
C THR A 142 1.70 -1.98 11.10
N GLY A 143 0.76 -2.43 11.92
CA GLY A 143 -0.41 -3.10 11.42
C GLY A 143 -0.16 -4.24 10.48
N GLU A 144 -1.04 -4.38 9.48
CA GLU A 144 -0.96 -5.47 8.53
C GLU A 144 0.28 -5.34 7.65
N LYS A 145 0.80 -4.12 7.55
CA LYS A 145 1.99 -3.87 6.78
C LYS A 145 3.15 -4.62 7.41
N ARG A 146 3.33 -4.40 8.72
CA ARG A 146 4.31 -5.12 9.52
C ARG A 146 4.14 -6.62 9.41
N ALA A 147 2.91 -7.10 9.60
CA ALA A 147 2.69 -8.54 9.52
C ALA A 147 3.21 -9.06 8.20
N THR A 148 2.99 -8.30 7.13
CA THR A 148 3.33 -8.84 5.81
C THR A 148 4.85 -8.94 5.64
N VAL A 149 5.57 -7.92 6.09
CA VAL A 149 7.00 -7.91 5.86
C VAL A 149 7.69 -8.85 6.84
N VAL A 150 7.17 -8.91 8.06
CA VAL A 150 7.69 -9.84 9.08
C VAL A 150 7.60 -11.27 8.57
N GLU A 151 6.46 -11.60 7.99
CA GLU A 151 6.27 -12.89 7.35
C GLU A 151 7.31 -13.13 6.26
N SER A 152 7.63 -12.08 5.49
CA SER A 152 8.54 -12.23 4.35
C SER A 152 9.94 -12.42 4.84
N SER A 153 10.27 -11.70 5.92
CA SER A 153 11.59 -11.80 6.53
C SER A 153 11.82 -13.19 7.06
N GLU A 154 10.83 -13.69 7.77
CA GLU A 154 10.85 -15.05 8.29
C GLU A 154 11.02 -16.05 7.16
N LYS A 155 10.17 -15.95 6.14
CA LYS A 155 10.21 -16.92 5.05
C LYS A 155 11.60 -17.01 4.40
N ALA A 156 12.34 -15.90 4.34
CA ALA A 156 13.64 -15.87 3.70
C ALA A 156 14.71 -16.38 4.65
N TYR A 157 14.67 -15.89 5.89
CA TYR A 157 15.61 -16.35 6.91
C TYR A 157 15.56 -17.86 7.01
N SER A 158 14.35 -18.39 7.17
CA SER A 158 14.11 -19.81 7.34
C SER A 158 14.64 -20.70 6.22
N GLU A 159 14.57 -20.24 4.97
CA GLU A 159 15.06 -21.06 3.86
C GLU A 159 16.57 -21.03 3.80
N ALA A 160 17.14 -19.87 4.08
CA ALA A 160 18.57 -19.74 4.22
C ALA A 160 19.09 -20.68 5.32
N HIS A 161 18.32 -20.79 6.41
CA HIS A 161 18.71 -21.58 7.57
C HIS A 161 18.88 -23.02 7.19
N GLU A 162 17.88 -23.54 6.49
CA GLU A 162 17.87 -24.93 6.09
C GLU A 162 18.93 -25.29 5.07
N ILE A 163 19.13 -24.46 4.05
CA ILE A 163 20.20 -24.70 3.09
C ILE A 163 21.55 -24.66 3.81
N SER A 164 21.70 -23.83 4.83
CA SER A 164 23.01 -23.67 5.45
C SER A 164 23.33 -24.83 6.39
N LYS A 165 22.31 -25.35 7.09
CA LYS A 165 22.54 -26.49 7.99
C LYS A 165 22.74 -27.80 7.23
N GLU A 166 22.41 -27.82 5.94
CA GLU A 166 22.61 -29.01 5.12
C GLU A 166 23.88 -28.93 4.28
N HIS A 167 24.31 -27.72 3.96
CA HIS A 167 25.35 -27.58 2.95
C HIS A 167 26.56 -26.81 3.43
N MET A 168 26.51 -26.25 4.64
CA MET A 168 27.66 -25.53 5.14
C MET A 168 28.05 -26.00 6.53
N GLN A 169 29.30 -25.71 6.89
CA GLN A 169 29.82 -26.09 8.18
C GLN A 169 29.50 -25.05 9.25
N PRO A 170 29.30 -25.50 10.50
CA PRO A 170 28.95 -24.62 11.60
C PRO A 170 29.90 -23.45 11.75
N THR A 171 31.15 -23.60 11.32
CA THR A 171 32.10 -22.52 11.51
C THR A 171 32.08 -21.54 10.34
N HIS A 172 31.38 -21.90 9.26
CA HIS A 172 31.27 -21.01 8.12
C HIS A 172 30.72 -19.63 8.52
N PRO A 173 31.41 -18.55 8.13
CA PRO A 173 30.94 -17.23 8.57
C PRO A 173 29.58 -16.82 7.97
N ILE A 174 29.23 -17.31 6.79
CA ILE A 174 27.92 -16.95 6.25
C ILE A 174 26.82 -17.63 7.05
N ARG A 175 27.08 -18.86 7.45
CA ARG A 175 26.15 -19.60 8.31
C ARG A 175 26.07 -18.99 9.72
N LEU A 176 27.20 -18.59 10.27
CA LEU A 176 27.20 -17.99 11.60
C LEU A 176 26.46 -16.66 11.57
N GLY A 177 26.77 -15.82 10.58
CA GLY A 177 26.12 -14.53 10.42
C GLY A 177 24.62 -14.63 10.24
N LEU A 178 24.18 -15.69 9.56
CA LEU A 178 22.77 -15.96 9.40
C LEU A 178 22.14 -16.22 10.75
N ALA A 179 22.84 -16.99 11.56
CA ALA A 179 22.31 -17.29 12.84
C ALA A 179 22.17 -16.07 13.69
N LEU A 180 23.15 -15.20 13.66
CA LEU A 180 23.11 -14.00 14.46
C LEU A 180 22.02 -13.06 14.09
N ASN A 181 21.87 -12.81 12.82
CA ASN A 181 20.83 -11.94 12.34
C ASN A 181 19.43 -12.49 12.48
N TYR A 182 19.30 -13.77 12.26
CA TYR A 182 18.09 -14.49 12.51
C TYR A 182 17.69 -14.56 13.96
N SER A 183 18.65 -14.69 14.85
CA SER A 183 18.36 -14.65 16.27
C SER A 183 17.86 -13.28 16.64
N VAL A 184 18.40 -12.28 16.00
CA VAL A 184 17.95 -10.92 16.19
C VAL A 184 16.52 -10.72 15.72
N PHE A 185 16.15 -11.34 14.63
CA PHE A 185 14.83 -11.25 14.12
C PHE A 185 13.89 -11.79 15.15
N TYR A 186 14.26 -12.90 15.78
CA TYR A 186 13.42 -13.50 16.79
C TYR A 186 13.26 -12.65 18.00
N TYR A 187 14.32 -12.02 18.42
CA TYR A 187 14.29 -11.16 19.60
C TYR A 187 13.58 -9.83 19.33
N GLU A 188 14.13 -9.01 18.46
CA GLU A 188 13.59 -7.69 18.18
C GLU A 188 12.25 -7.64 17.51
N ILE A 189 12.04 -8.46 16.52
CA ILE A 189 10.88 -8.38 15.64
C ILE A 189 9.73 -9.27 16.12
N GLN A 190 10.00 -10.53 16.36
CA GLN A 190 8.99 -11.46 16.80
C GLN A 190 8.84 -11.49 18.28
N ASN A 191 9.72 -10.80 18.97
CA ASN A 191 9.64 -10.71 20.41
C ASN A 191 9.60 -12.05 21.12
N ALA A 192 10.47 -12.97 20.73
CA ALA A 192 10.47 -14.33 21.19
C ALA A 192 11.83 -14.68 21.74
N PRO A 193 12.09 -14.18 23.03
CA PRO A 193 13.50 -14.23 23.42
C PRO A 193 14.03 -15.62 23.52
N GLU A 194 13.19 -16.47 24.02
CA GLU A 194 13.53 -17.87 24.19
C GLU A 194 13.98 -18.47 22.85
N GLN A 195 13.18 -18.30 21.79
CA GLN A 195 13.51 -18.86 20.48
C GLN A 195 14.76 -18.19 19.89
N ALA A 196 15.03 -16.96 20.32
CA ALA A 196 16.22 -16.25 19.91
C ALA A 196 17.44 -16.91 20.54
N CYS A 197 17.48 -16.92 21.87
CA CYS A 197 18.60 -17.51 22.61
C CYS A 197 18.92 -18.94 22.20
N HIS A 198 17.89 -19.75 22.01
CA HIS A 198 18.14 -21.12 21.58
C HIS A 198 18.90 -21.14 20.26
N LEU A 199 18.47 -20.31 19.31
CA LEU A 199 19.12 -20.24 18.01
C LEU A 199 20.55 -19.70 18.08
N ALA A 200 20.77 -18.67 18.88
CA ALA A 200 22.13 -18.15 19.05
C ALA A 200 23.06 -19.17 19.74
N LYS A 201 22.58 -19.84 20.78
CA LYS A 201 23.44 -20.76 21.54
C LYS A 201 23.76 -21.99 20.70
N THR A 202 22.74 -22.56 20.07
CA THR A 202 22.95 -23.70 19.20
C THR A 202 24.02 -23.45 18.13
N ALA A 203 23.96 -22.31 17.46
CA ALA A 203 24.93 -22.01 16.40
C ALA A 203 26.33 -21.82 16.96
N PHE A 204 26.41 -21.20 18.13
CA PHE A 204 27.68 -20.99 18.84
C PHE A 204 28.30 -22.32 19.30
N ASP A 205 27.52 -23.11 20.04
CA ASP A 205 27.98 -24.40 20.54
C ASP A 205 28.30 -25.36 19.37
N ASP A 206 27.50 -25.34 18.31
CA ASP A 206 27.82 -26.15 17.14
C ASP A 206 29.17 -25.75 16.54
N ALA A 207 29.48 -24.46 16.60
CA ALA A 207 30.72 -23.93 16.02
C ALA A 207 31.90 -24.37 16.86
N ILE A 208 31.78 -24.21 18.17
CA ILE A 208 32.77 -24.74 19.10
C ILE A 208 33.03 -26.25 18.93
N ALA A 209 31.99 -27.01 18.74
CA ALA A 209 32.11 -28.43 18.62
C ALA A 209 33.03 -28.74 17.49
N GLU A 210 32.98 -27.94 16.45
CA GLU A 210 33.74 -28.21 15.25
C GLU A 210 34.74 -27.14 14.93
N LEU A 211 35.31 -26.56 15.95
CA LEU A 211 36.16 -25.42 15.80
C LEU A 211 37.32 -25.77 14.92
N ASP A 212 37.71 -27.01 14.90
CA ASP A 212 38.85 -27.45 14.08
C ASP A 212 38.67 -27.11 12.60
N THR A 213 37.44 -26.84 12.19
CA THR A 213 37.15 -26.65 10.76
C THR A 213 37.35 -25.22 10.26
N LEU A 214 37.81 -24.33 11.15
CA LEU A 214 38.18 -22.97 10.75
C LEU A 214 39.37 -23.04 9.79
N ASN A 215 39.17 -22.54 8.57
CA ASN A 215 40.27 -22.37 7.63
C ASN A 215 40.95 -21.01 7.84
N GLU A 216 42.19 -20.88 7.39
CA GLU A 216 42.97 -19.67 7.61
C GLU A 216 42.36 -18.43 6.96
N ASP A 217 41.64 -18.64 5.89
CA ASP A 217 41.04 -17.56 5.13
C ASP A 217 39.94 -16.79 5.84
N SER A 218 39.10 -17.50 6.56
CA SER A 218 38.06 -16.89 7.34
C SER A 218 37.91 -17.56 8.70
N TYR A 219 38.77 -17.20 9.63
CA TYR A 219 38.59 -17.58 11.01
C TYR A 219 38.33 -16.28 11.76
N LYS A 220 38.93 -15.20 11.26
CA LYS A 220 38.68 -13.87 11.80
C LYS A 220 37.19 -13.52 11.63
N ASP A 221 36.62 -13.78 10.46
CA ASP A 221 35.20 -13.48 10.27
C ASP A 221 34.35 -14.35 11.19
N SER A 222 34.62 -15.66 11.18
CA SER A 222 33.89 -16.58 12.04
C SER A 222 34.06 -16.28 13.51
N THR A 223 35.28 -15.94 13.93
CA THR A 223 35.48 -15.78 15.36
C THR A 223 34.77 -14.53 15.87
N LEU A 224 34.78 -13.43 15.11
CA LEU A 224 34.11 -12.21 15.55
C LEU A 224 32.60 -12.42 15.69
N ILE A 225 32.00 -13.11 14.73
CA ILE A 225 30.58 -13.40 14.82
C ILE A 225 30.27 -14.25 16.05
N MET A 226 31.15 -15.19 16.38
CA MET A 226 30.97 -16.04 17.57
C MET A 226 30.97 -15.18 18.81
N GLN A 227 31.88 -14.20 18.82
CA GLN A 227 31.95 -13.18 19.86
C GLN A 227 30.63 -12.41 19.99
N LEU A 228 29.95 -12.15 18.87
CA LEU A 228 28.73 -11.34 18.90
C LEU A 228 27.54 -12.14 19.42
N LEU A 229 27.48 -13.40 19.02
CA LEU A 229 26.42 -14.25 19.43
C LEU A 229 26.47 -14.34 20.91
N ARG A 230 27.66 -14.43 21.47
CA ARG A 230 27.79 -14.44 22.90
C ARG A 230 27.38 -13.15 23.53
N ASP A 231 27.78 -12.04 22.96
CA ASP A 231 27.52 -10.76 23.57
C ASP A 231 26.04 -10.63 23.64
N ASN A 232 25.38 -11.08 22.59
CA ASN A 232 23.93 -11.08 22.54
C ASN A 232 23.28 -11.90 23.64
N LEU A 233 23.67 -13.17 23.75
CA LEU A 233 23.11 -14.06 24.76
C LEU A 233 23.33 -13.49 26.16
N THR A 234 24.46 -12.88 26.37
CA THR A 234 24.69 -12.34 27.65
C THR A 234 23.66 -11.30 27.89
N LEU A 235 23.53 -10.39 26.96
CA LEU A 235 22.60 -9.30 27.10
C LEU A 235 21.16 -9.75 27.14
N TRP A 236 20.80 -10.67 26.30
CA TRP A 236 19.44 -11.10 26.25
C TRP A 236 19.01 -11.88 27.46
N THR A 237 19.84 -12.79 27.94
CA THR A 237 19.52 -13.50 29.15
C THR A 237 19.54 -12.59 30.35
N SER A 238 20.54 -11.74 30.40
CA SER A 238 20.84 -11.09 31.64
C SER A 238 19.67 -10.25 32.04
N ASP A 239 19.16 -9.50 31.08
CA ASP A 239 18.15 -8.52 31.35
C ASP A 239 18.32 -7.82 32.71
N MET B 1 7.62 38.84 5.60
CA MET B 1 7.89 37.55 4.99
C MET B 1 7.39 36.46 5.90
N GLY B 2 7.98 36.38 7.06
CA GLY B 2 7.58 35.39 8.05
C GLY B 2 6.09 35.22 8.18
N SER B 3 5.32 36.14 7.63
CA SER B 3 3.89 36.03 7.71
C SER B 3 3.42 34.93 6.78
N MET B 4 4.26 34.61 5.82
CA MET B 4 3.95 33.62 4.79
C MET B 4 4.36 32.22 5.18
N VAL B 5 5.56 32.12 5.71
CA VAL B 5 6.12 30.87 6.18
C VAL B 5 6.43 30.99 7.67
N ASP B 6 6.18 29.92 8.41
CA ASP B 6 6.42 29.96 9.83
C ASP B 6 7.88 29.84 10.03
N ARG B 7 8.48 30.88 10.55
CA ARG B 7 9.91 30.93 10.72
C ARG B 7 10.37 30.01 11.85
N GLU B 8 9.55 29.88 12.90
CA GLU B 8 9.97 29.09 14.05
C GLU B 8 9.86 27.60 13.78
N GLN B 9 8.92 27.20 12.92
CA GLN B 9 8.84 25.80 12.54
C GLN B 9 10.07 25.41 11.73
N LEU B 10 10.59 26.34 10.93
CA LEU B 10 11.76 26.06 10.11
C LEU B 10 12.98 25.81 10.98
N VAL B 11 13.16 26.63 11.99
CA VAL B 11 14.29 26.46 12.89
C VAL B 11 14.14 25.16 13.66
N GLN B 12 12.94 24.80 14.00
CA GLN B 12 12.70 23.56 14.68
C GLN B 12 13.10 22.42 13.82
N LYS B 13 12.80 22.49 12.55
CA LYS B 13 13.16 21.46 11.63
C LYS B 13 14.65 21.32 11.55
N ALA B 14 15.35 22.42 11.58
CA ALA B 14 16.78 22.42 11.56
C ALA B 14 17.37 21.76 12.78
N ARG B 15 16.77 21.99 13.92
CA ARG B 15 17.26 21.36 15.16
C ARG B 15 17.04 19.86 15.04
N LEU B 16 15.84 19.51 14.61
CA LEU B 16 15.48 18.14 14.35
C LEU B 16 16.47 17.46 13.40
N ALA B 17 16.76 18.10 12.26
CA ALA B 17 17.66 17.51 11.26
C ALA B 17 19.05 17.29 11.86
N GLU B 18 19.48 18.21 12.73
CA GLU B 18 20.79 18.12 13.37
C GLU B 18 20.89 16.84 14.19
N GLN B 19 19.80 16.49 14.84
CA GLN B 19 19.81 15.32 15.69
C GLN B 19 19.72 14.01 14.88
N ALA B 20 19.02 14.05 13.75
CA ALA B 20 19.03 12.90 12.86
C ALA B 20 20.36 12.85 12.04
N GLU B 21 21.24 13.82 12.26
CA GLU B 21 22.47 13.92 11.47
C GLU B 21 22.18 13.96 9.97
N ARG B 22 21.12 14.69 9.62
CA ARG B 22 20.77 14.94 8.24
C ARG B 22 21.10 16.39 7.90
N TYR B 23 22.34 16.65 7.49
CA TYR B 23 22.81 18.02 7.44
C TYR B 23 22.41 18.75 6.17
N ASP B 24 21.99 18.03 5.14
CA ASP B 24 21.48 18.72 3.96
C ASP B 24 20.14 19.35 4.35
N ASP B 25 19.27 18.56 4.95
CA ASP B 25 18.00 19.06 5.48
C ASP B 25 18.24 20.27 6.38
N MET B 26 19.21 20.13 7.26
CA MET B 26 19.53 21.19 8.19
C MET B 26 19.93 22.50 7.49
N ALA B 27 20.84 22.40 6.51
CA ALA B 27 21.26 23.59 5.77
C ALA B 27 20.09 24.18 4.96
N ALA B 28 19.28 23.31 4.38
CA ALA B 28 18.13 23.73 3.63
C ALA B 28 17.17 24.57 4.48
N ALA B 29 16.90 24.09 5.69
CA ALA B 29 16.04 24.82 6.60
C ALA B 29 16.66 26.17 6.97
N MET B 30 17.98 26.22 7.15
CA MET B 30 18.58 27.44 7.63
C MET B 30 18.79 28.44 6.50
N LYS B 31 19.01 27.93 5.29
CA LYS B 31 19.02 28.80 4.12
C LYS B 31 17.67 29.52 4.07
N ASN B 32 16.61 28.74 4.09
CA ASN B 32 15.27 29.29 4.05
C ASN B 32 15.06 30.33 5.16
N VAL B 33 15.53 30.05 6.38
CA VAL B 33 15.31 30.99 7.49
C VAL B 33 16.00 32.31 7.22
N THR B 34 17.27 32.22 6.83
CA THR B 34 18.04 33.37 6.40
C THR B 34 17.27 34.18 5.36
N GLU B 35 16.68 33.52 4.39
CA GLU B 35 16.01 34.18 3.31
C GLU B 35 14.79 34.95 3.72
N LEU B 36 14.29 34.74 4.91
CA LEU B 36 13.22 35.54 5.38
C LEU B 36 13.72 36.94 5.65
N ASN B 37 15.03 37.10 5.71
CA ASN B 37 15.66 38.38 5.67
C ASN B 37 15.69 39.11 6.96
N GLU B 38 15.19 38.48 8.00
CA GLU B 38 15.43 38.92 9.34
C GLU B 38 16.84 38.52 9.69
N PRO B 39 17.42 39.17 10.70
CA PRO B 39 18.76 38.85 11.23
C PRO B 39 18.73 37.62 12.11
N LEU B 40 19.88 36.96 12.25
CA LEU B 40 19.91 35.64 12.86
C LEU B 40 20.28 35.68 14.33
N SER B 41 19.43 35.06 15.15
CA SER B 41 19.72 34.88 16.57
C SER B 41 21.02 34.13 16.73
N ASN B 42 21.64 34.22 17.91
CA ASN B 42 22.91 33.56 18.14
C ASN B 42 22.85 32.05 17.95
N GLU B 43 21.73 31.46 18.37
CA GLU B 43 21.52 30.04 18.12
C GLU B 43 21.38 29.78 16.61
N GLU B 44 20.47 30.50 15.94
CA GLU B 44 20.25 30.32 14.50
C GLU B 44 21.54 30.44 13.73
N ARG B 45 22.38 31.37 14.15
CA ARG B 45 23.67 31.57 13.49
C ARG B 45 24.56 30.33 13.61
N ASN B 46 24.43 29.61 14.73
CA ASN B 46 25.15 28.37 14.97
C ASN B 46 24.62 27.21 14.15
N LEU B 47 23.30 27.05 14.18
CA LEU B 47 22.62 26.09 13.33
C LEU B 47 23.06 26.24 11.88
N LEU B 48 23.05 27.47 11.38
CA LEU B 48 23.48 27.71 10.01
C LEU B 48 24.91 27.23 9.80
N SER B 49 25.80 27.61 10.71
CA SER B 49 27.20 27.28 10.54
C SER B 49 27.47 25.78 10.62
N VAL B 50 26.85 25.13 11.59
CA VAL B 50 27.02 23.70 11.77
C VAL B 50 26.52 22.92 10.56
N ALA B 51 25.34 23.29 10.07
CA ALA B 51 24.77 22.68 8.87
C ALA B 51 25.72 22.73 7.66
N TYR B 52 26.24 23.91 7.35
CA TYR B 52 27.06 24.01 6.16
C TYR B 52 28.45 23.45 6.40
N LYS B 53 28.90 23.48 7.66
CA LYS B 53 30.25 23.00 7.97
C LYS B 53 30.29 21.49 7.77
N ASN B 54 29.19 20.83 8.08
CA ASN B 54 29.10 19.39 7.91
C ASN B 54 28.84 19.00 6.46
N VAL B 55 28.08 19.82 5.75
CA VAL B 55 27.84 19.54 4.35
C VAL B 55 29.14 19.74 3.56
N VAL B 56 29.83 20.87 3.72
CA VAL B 56 31.09 21.00 3.00
C VAL B 56 32.14 20.04 3.57
N GLY B 57 32.11 19.81 4.88
CA GLY B 57 33.13 19.00 5.56
C GLY B 57 33.18 17.57 5.05
N ALA B 58 32.01 17.02 4.74
CA ALA B 58 31.95 15.67 4.19
C ALA B 58 32.65 15.59 2.85
N ARG B 59 32.52 16.63 2.02
CA ARG B 59 33.19 16.64 0.72
C ARG B 59 34.69 16.80 0.88
N ARG B 60 35.09 17.73 1.75
CA ARG B 60 36.49 17.95 2.08
C ARG B 60 37.15 16.63 2.47
N SER B 61 36.58 15.97 3.46
CA SER B 61 37.09 14.70 3.93
C SER B 61 37.23 13.69 2.80
N SER B 62 36.23 13.60 1.93
CA SER B 62 36.29 12.64 0.84
C SER B 62 37.34 13.03 -0.19
N TRP B 63 37.45 14.32 -0.40
CA TRP B 63 38.42 14.85 -1.34
C TRP B 63 39.82 14.48 -0.89
N ARG B 64 40.11 14.72 0.39
CA ARG B 64 41.45 14.41 0.90
C ARG B 64 41.78 12.94 0.75
N VAL B 65 40.81 12.06 0.97
CA VAL B 65 41.05 10.63 0.78
C VAL B 65 41.33 10.34 -0.70
N ILE B 66 40.51 10.90 -1.56
CA ILE B 66 40.62 10.63 -2.99
C ILE B 66 41.91 11.26 -3.55
N SER B 67 42.31 12.39 -3.00
CA SER B 67 43.55 13.03 -3.43
C SER B 67 44.77 12.19 -3.08
N SER B 68 44.76 11.63 -1.89
CA SER B 68 45.83 10.82 -1.42
C SER B 68 45.94 9.60 -2.26
N ILE B 69 44.82 9.04 -2.63
CA ILE B 69 44.80 7.90 -3.52
C ILE B 69 45.34 8.20 -4.90
N GLU B 70 45.09 9.39 -5.40
CA GLU B 70 45.58 9.77 -6.68
C GLU B 70 47.08 9.87 -6.69
N GLN B 71 47.66 10.32 -5.61
CA GLN B 71 49.11 10.36 -5.55
C GLN B 71 49.77 9.02 -5.58
N LYS B 72 49.28 8.07 -4.79
CA LYS B 72 49.79 6.74 -4.84
C LYS B 72 49.50 6.09 -6.16
N THR B 73 48.32 6.34 -6.69
CA THR B 73 47.90 5.68 -7.90
C THR B 73 48.74 6.11 -9.05
N SER B 74 48.98 7.39 -9.13
CA SER B 74 49.72 7.92 -10.26
C SER B 74 51.06 7.25 -10.29
N ALA B 75 51.54 6.91 -9.12
CA ALA B 75 52.88 6.41 -9.00
C ALA B 75 52.97 5.18 -9.85
N ASP B 76 51.93 4.37 -9.84
CA ASP B 76 51.94 3.16 -10.63
C ASP B 76 52.01 3.44 -12.12
N GLY B 77 51.28 4.43 -12.59
CA GLY B 77 51.27 4.74 -14.01
C GLY B 77 50.15 4.06 -14.79
N ASN B 78 49.18 3.50 -14.08
CA ASN B 78 48.08 2.86 -14.77
C ASN B 78 47.11 3.91 -15.23
N GLU B 79 47.12 4.12 -16.52
CA GLU B 79 46.29 5.13 -17.19
C GLU B 79 44.83 5.12 -16.78
N LYS B 80 44.17 3.98 -17.00
CA LYS B 80 42.73 3.88 -16.77
C LYS B 80 42.36 4.15 -15.32
N LYS B 81 43.15 3.59 -14.41
CA LYS B 81 42.88 3.71 -12.99
C LYS B 81 43.02 5.17 -12.53
N ILE B 82 44.10 5.84 -12.96
CA ILE B 82 44.32 7.25 -12.65
C ILE B 82 43.20 8.16 -13.13
N GLU B 83 42.67 7.86 -14.31
CA GLU B 83 41.65 8.71 -14.89
C GLU B 83 40.33 8.53 -14.13
N MET B 84 40.08 7.30 -13.71
CA MET B 84 39.00 6.95 -12.81
C MET B 84 38.99 7.86 -11.57
N VAL B 85 40.13 7.90 -10.90
CA VAL B 85 40.30 8.67 -9.67
C VAL B 85 40.26 10.16 -9.91
N ARG B 86 40.87 10.63 -10.99
CA ARG B 86 40.88 12.05 -11.25
C ARG B 86 39.46 12.50 -11.58
N ALA B 87 38.76 11.69 -12.35
CA ALA B 87 37.36 11.96 -12.64
C ALA B 87 36.57 12.06 -11.35
N TYR B 88 36.81 11.12 -10.43
CA TYR B 88 36.03 11.06 -9.19
C TYR B 88 36.35 12.24 -8.28
N ARG B 89 37.64 12.58 -8.17
CA ARG B 89 38.07 13.75 -7.42
C ARG B 89 37.37 14.99 -7.96
N GLU B 90 37.15 15.03 -9.27
CA GLU B 90 36.56 16.21 -9.87
C GLU B 90 35.07 16.33 -9.59
N LYS B 91 34.37 15.20 -9.70
CA LYS B 91 33.00 15.12 -9.25
C LYS B 91 32.82 15.70 -7.84
N ILE B 92 33.69 15.29 -6.91
CA ILE B 92 33.60 15.75 -5.53
C ILE B 92 33.93 17.25 -5.44
N GLU B 93 34.97 17.68 -6.14
CA GLU B 93 35.27 19.12 -6.22
C GLU B 93 34.05 19.94 -6.63
N LYS B 94 33.35 19.51 -7.68
CA LYS B 94 32.25 20.30 -8.16
C LYS B 94 31.08 20.33 -7.16
N GLU B 95 30.91 19.26 -6.38
CA GLU B 95 29.92 19.31 -5.29
C GLU B 95 30.40 20.34 -4.28
N LEU B 96 31.69 20.31 -3.97
CA LEU B 96 32.28 21.20 -2.97
C LEU B 96 32.20 22.66 -3.37
N GLU B 97 32.52 22.96 -4.62
CA GLU B 97 32.38 24.33 -5.09
C GLU B 97 30.92 24.78 -4.97
N ALA B 98 30.00 23.90 -5.32
CA ALA B 98 28.59 24.28 -5.29
C ALA B 98 28.13 24.62 -3.88
N VAL B 99 28.57 23.87 -2.89
CA VAL B 99 28.19 24.17 -1.51
C VAL B 99 28.80 25.49 -1.05
N CYS B 100 30.08 25.70 -1.35
CA CYS B 100 30.73 26.97 -1.01
C CYS B 100 30.00 28.15 -1.67
N GLN B 101 29.69 28.02 -2.96
CA GLN B 101 28.93 29.08 -3.64
C GLN B 101 27.59 29.39 -2.96
N ASP B 102 26.87 28.34 -2.55
CA ASP B 102 25.60 28.54 -1.87
C ASP B 102 25.77 29.39 -0.62
N VAL B 103 26.80 29.06 0.17
CA VAL B 103 27.11 29.76 1.41
C VAL B 103 27.49 31.21 1.17
N LEU B 104 28.50 31.40 0.31
CA LEU B 104 28.98 32.73 -0.04
C LEU B 104 27.85 33.64 -0.54
N SER B 105 26.98 33.15 -1.41
CA SER B 105 25.87 33.95 -1.87
C SER B 105 25.03 34.39 -0.69
N LEU B 106 24.70 33.46 0.18
CA LEU B 106 23.92 33.74 1.38
C LEU B 106 24.59 34.82 2.21
N LEU B 107 25.90 34.70 2.36
CA LEU B 107 26.64 35.59 3.21
C LEU B 107 26.59 37.00 2.64
N ASP B 108 27.11 37.16 1.42
CA ASP B 108 27.19 38.46 0.75
C ASP B 108 25.82 39.16 0.60
N ASN B 109 24.76 38.41 0.29
CA ASN B 109 23.52 39.05 -0.11
C ASN B 109 22.44 39.05 0.94
N TYR B 110 22.66 38.26 1.97
CA TYR B 110 21.76 38.27 3.08
C TYR B 110 22.42 38.60 4.39
N LEU B 111 23.35 37.79 4.81
CA LEU B 111 23.89 37.92 6.15
C LEU B 111 24.77 39.10 6.48
N ILE B 112 25.76 39.34 5.65
CA ILE B 112 26.66 40.42 5.89
C ILE B 112 25.92 41.70 5.66
N LYS B 113 25.13 41.70 4.63
CA LYS B 113 24.48 42.89 4.19
C LYS B 113 23.55 43.42 5.24
N ASN B 114 22.79 42.54 5.84
CA ASN B 114 21.77 42.95 6.75
C ASN B 114 22.22 43.58 8.04
N CYS B 115 23.27 43.04 8.65
CA CYS B 115 23.64 43.50 9.99
C CYS B 115 24.26 44.87 10.04
N SER B 116 24.09 45.53 11.17
CA SER B 116 24.62 46.86 11.42
C SER B 116 26.09 46.88 11.76
N GLU B 117 26.66 48.07 11.72
CA GLU B 117 27.96 48.32 12.31
C GLU B 117 27.92 48.09 13.81
N THR B 118 26.82 48.45 14.45
CA THR B 118 26.71 48.23 15.88
C THR B 118 26.79 46.76 16.24
N GLN B 119 26.11 45.93 15.47
CA GLN B 119 26.17 44.50 15.70
C GLN B 119 27.53 44.14 15.19
N TYR B 120 28.46 43.94 16.11
CA TYR B 120 29.86 43.74 15.71
C TYR B 120 30.24 42.28 15.62
N GLU B 121 29.68 41.47 16.50
CA GLU B 121 30.08 40.07 16.52
C GLU B 121 29.54 39.37 15.27
N SER B 122 28.26 39.57 14.95
CA SER B 122 27.67 39.02 13.74
C SER B 122 28.55 39.30 12.53
N LYS B 123 28.99 40.55 12.41
CA LYS B 123 29.79 40.98 11.28
C LYS B 123 31.10 40.21 11.17
N VAL B 124 31.74 39.93 12.31
CA VAL B 124 33.02 39.21 12.31
C VAL B 124 32.76 37.72 12.03
N PHE B 125 31.75 37.17 12.70
CA PHE B 125 31.35 35.80 12.50
C PHE B 125 31.15 35.49 11.02
N TYR B 126 30.32 36.29 10.34
CA TYR B 126 30.01 36.04 8.92
C TYR B 126 31.21 36.36 8.05
N LEU B 127 32.00 37.33 8.48
CA LEU B 127 33.17 37.67 7.68
C LEU B 127 34.22 36.56 7.79
N LYS B 128 34.32 35.95 8.97
CA LYS B 128 35.15 34.77 9.14
C LYS B 128 34.64 33.61 8.28
N MET B 129 33.32 33.38 8.27
CA MET B 129 32.73 32.32 7.43
C MET B 129 33.19 32.50 5.99
N LYS B 130 33.03 33.72 5.49
CA LYS B 130 33.43 34.03 4.12
C LYS B 130 34.91 33.68 3.91
N GLY B 131 35.74 33.99 4.91
CA GLY B 131 37.13 33.56 4.88
C GLY B 131 37.30 32.03 4.77
N ASP B 132 36.54 31.30 5.58
CA ASP B 132 36.65 29.85 5.61
C ASP B 132 36.29 29.24 4.28
N TYR B 133 35.18 29.68 3.69
CA TYR B 133 34.69 29.01 2.49
C TYR B 133 35.47 29.38 1.25
N TYR B 134 36.00 30.59 1.18
CA TYR B 134 37.00 30.83 0.15
C TYR B 134 38.25 29.98 0.41
N ARG B 135 38.57 29.73 1.68
CA ARG B 135 39.70 28.85 1.99
C ARG B 135 39.42 27.43 1.56
N TYR B 136 38.19 26.98 1.74
CA TYR B 136 37.83 25.65 1.26
C TYR B 136 37.92 25.56 -0.27
N LEU B 137 37.54 26.63 -0.95
CA LEU B 137 37.69 26.69 -2.39
C LEU B 137 39.17 26.63 -2.75
N ALA B 138 39.99 27.40 -2.00
CA ALA B 138 41.42 27.46 -2.21
C ALA B 138 42.10 26.10 -2.11
N GLU B 139 41.61 25.23 -1.22
CA GLU B 139 42.24 23.92 -0.98
C GLU B 139 42.17 23.00 -2.17
N VAL B 140 41.17 23.19 -3.03
CA VAL B 140 41.00 22.30 -4.19
C VAL B 140 41.23 23.01 -5.52
N ALA B 141 41.44 24.32 -5.47
CA ALA B 141 41.69 25.11 -6.69
C ALA B 141 43.11 24.98 -7.26
N THR B 142 43.26 25.33 -8.54
CA THR B 142 44.59 25.39 -9.17
C THR B 142 44.70 26.63 -10.05
N GLY B 143 45.93 26.97 -10.43
CA GLY B 143 46.18 28.09 -11.35
C GLY B 143 45.57 29.43 -10.99
N GLU B 144 45.04 30.12 -12.00
CA GLU B 144 44.45 31.43 -11.79
C GLU B 144 43.30 31.35 -10.82
N LYS B 145 42.47 30.33 -11.01
CA LYS B 145 41.24 30.15 -10.22
C LYS B 145 41.61 30.16 -8.73
N ARG B 146 42.74 29.53 -8.39
CA ARG B 146 43.21 29.49 -7.02
C ARG B 146 43.60 30.85 -6.46
N ALA B 147 44.46 31.59 -7.18
CA ALA B 147 44.89 32.91 -6.72
C ALA B 147 43.71 33.80 -6.34
N THR B 148 42.66 33.73 -7.14
CA THR B 148 41.47 34.54 -6.93
C THR B 148 40.73 34.21 -5.62
N VAL B 149 40.55 32.93 -5.32
CA VAL B 149 39.99 32.50 -4.05
C VAL B 149 40.86 32.80 -2.86
N VAL B 150 42.14 32.53 -3.00
CA VAL B 150 43.10 32.89 -1.93
C VAL B 150 43.04 34.37 -1.59
N GLU B 151 43.17 35.24 -2.59
CA GLU B 151 42.97 36.67 -2.39
C GLU B 151 41.63 36.99 -1.71
N SER B 152 40.56 36.33 -2.15
CA SER B 152 39.24 36.62 -1.59
C SER B 152 39.15 36.21 -0.13
N SER B 153 39.74 35.05 0.19
CA SER B 153 39.81 34.54 1.55
C SER B 153 40.58 35.51 2.43
N GLU B 154 41.80 35.81 1.96
CA GLU B 154 42.63 36.85 2.53
C GLU B 154 41.85 38.12 2.87
N LYS B 155 41.25 38.73 1.85
CA LYS B 155 40.49 39.97 2.03
C LYS B 155 39.44 39.83 3.12
N ALA B 156 38.78 38.67 3.18
CA ALA B 156 37.67 38.48 4.09
C ALA B 156 38.15 38.25 5.51
N TYR B 157 39.26 37.53 5.65
CA TYR B 157 39.87 37.32 6.97
C TYR B 157 40.46 38.65 7.47
N SER B 158 41.15 39.36 6.59
CA SER B 158 41.84 40.61 6.91
C SER B 158 40.90 41.68 7.48
N GLU B 159 39.71 41.77 6.92
CA GLU B 159 38.71 42.71 7.38
C GLU B 159 38.04 42.21 8.65
N ALA B 160 37.85 40.89 8.74
CA ALA B 160 37.29 40.30 9.94
C ALA B 160 38.17 40.60 11.13
N HIS B 161 39.48 40.60 10.88
CA HIS B 161 40.50 40.87 11.88
C HIS B 161 40.46 42.30 12.40
N GLU B 162 40.50 43.26 11.48
CA GLU B 162 40.52 44.67 11.83
C GLU B 162 39.32 45.03 12.73
N ILE B 163 38.15 44.54 12.38
CA ILE B 163 36.94 44.82 13.13
C ILE B 163 36.98 44.18 14.53
N SER B 164 37.74 43.11 14.69
CA SER B 164 37.76 42.40 15.97
C SER B 164 38.78 43.03 16.93
N LYS B 165 39.93 43.45 16.39
CA LYS B 165 40.92 44.19 17.16
C LYS B 165 40.26 45.36 17.87
N GLU B 166 39.59 46.18 17.08
CA GLU B 166 39.07 47.45 17.57
C GLU B 166 37.89 47.27 18.53
N HIS B 167 37.07 46.24 18.33
CA HIS B 167 35.79 46.17 19.05
C HIS B 167 35.53 44.91 19.85
N MET B 168 36.54 44.05 19.97
CA MET B 168 36.37 42.81 20.73
C MET B 168 37.52 42.48 21.66
N GLN B 169 37.16 41.99 22.84
CA GLN B 169 38.15 41.50 23.79
C GLN B 169 39.00 40.40 23.15
N PRO B 170 40.32 40.42 23.40
CA PRO B 170 41.22 39.41 22.86
C PRO B 170 40.87 38.00 23.32
N THR B 171 39.92 37.91 24.24
CA THR B 171 39.49 36.64 24.79
C THR B 171 38.11 36.24 24.29
N HIS B 172 37.52 37.04 23.41
CA HIS B 172 36.22 36.68 22.85
C HIS B 172 36.41 35.46 21.96
N PRO B 173 35.57 34.43 22.14
CA PRO B 173 35.64 33.17 21.38
C PRO B 173 35.70 33.40 19.86
N ILE B 174 34.89 34.32 19.36
CA ILE B 174 34.86 34.61 17.94
C ILE B 174 36.18 35.24 17.47
N ARG B 175 36.68 36.21 18.23
CA ARG B 175 37.95 36.84 17.88
C ARG B 175 39.08 35.82 17.99
N LEU B 176 38.91 34.86 18.90
CA LEU B 176 39.84 33.76 19.04
C LEU B 176 39.74 32.74 17.89
N GLY B 177 38.52 32.26 17.61
CA GLY B 177 38.26 31.43 16.44
C GLY B 177 38.81 32.01 15.14
N LEU B 178 38.59 33.31 14.94
CA LEU B 178 39.11 34.00 13.77
C LEU B 178 40.63 33.93 13.68
N ALA B 179 41.28 34.10 14.82
CA ALA B 179 42.73 34.08 14.85
C ALA B 179 43.24 32.68 14.52
N LEU B 180 42.53 31.68 15.07
CA LEU B 180 42.81 30.29 14.76
C LEU B 180 42.81 30.05 13.25
N ASN B 181 41.67 30.20 12.63
CA ASN B 181 41.52 29.94 11.22
C ASN B 181 42.31 30.79 10.29
N TYR B 182 42.49 32.04 10.64
CA TYR B 182 43.30 32.92 9.87
C TYR B 182 44.73 32.45 9.90
N SER B 183 45.20 31.98 11.05
CA SER B 183 46.55 31.44 11.14
C SER B 183 46.67 30.20 10.27
N VAL B 184 45.64 29.35 10.32
CA VAL B 184 45.59 28.15 9.48
C VAL B 184 45.66 28.50 7.99
N PHE B 185 45.02 29.61 7.63
CA PHE B 185 45.11 30.13 6.28
C PHE B 185 46.56 30.40 5.88
N TYR B 186 47.27 31.09 6.76
CA TYR B 186 48.66 31.41 6.53
C TYR B 186 49.55 30.18 6.41
N TYR B 187 49.36 29.23 7.32
CA TYR B 187 50.17 28.01 7.26
C TYR B 187 49.84 27.16 6.02
N GLU B 188 48.58 26.74 5.89
CA GLU B 188 48.17 25.76 4.88
C GLU B 188 48.05 26.34 3.46
N ILE B 189 47.42 27.51 3.35
CA ILE B 189 47.10 28.06 2.02
C ILE B 189 48.23 28.92 1.46
N GLN B 190 48.71 29.85 2.26
CA GLN B 190 49.78 30.76 1.82
C GLN B 190 51.16 30.13 1.95
N ASN B 191 51.23 29.01 2.64
CA ASN B 191 52.51 28.37 2.98
C ASN B 191 53.51 29.38 3.55
N ALA B 192 53.01 30.14 4.52
CA ALA B 192 53.76 31.21 5.17
C ALA B 192 53.73 31.00 6.68
N PRO B 193 54.48 30.00 7.16
CA PRO B 193 54.43 29.58 8.56
C PRO B 193 54.91 30.67 9.53
N GLU B 194 55.73 31.59 9.03
CA GLU B 194 56.23 32.69 9.84
C GLU B 194 55.05 33.57 10.29
N GLN B 195 54.17 33.90 9.35
CA GLN B 195 52.98 34.68 9.64
C GLN B 195 52.00 33.87 10.48
N ALA B 196 51.91 32.57 10.17
CA ALA B 196 51.00 31.68 10.87
C ALA B 196 51.28 31.68 12.37
N CYS B 197 52.53 31.40 12.72
CA CYS B 197 52.93 31.34 14.11
C CYS B 197 52.76 32.70 14.77
N HIS B 198 53.21 33.76 14.10
CA HIS B 198 53.10 35.11 14.66
C HIS B 198 51.66 35.44 15.06
N LEU B 199 50.72 35.25 14.14
CA LEU B 199 49.31 35.53 14.37
C LEU B 199 48.71 34.65 15.46
N ALA B 200 49.09 33.37 15.46
CA ALA B 200 48.56 32.43 16.44
C ALA B 200 49.12 32.72 17.84
N LYS B 201 50.38 33.19 17.89
CA LYS B 201 51.00 33.56 19.17
C LYS B 201 50.46 34.90 19.71
N THR B 202 50.55 35.94 18.87
CA THR B 202 49.96 37.25 19.14
C THR B 202 48.57 37.14 19.76
N ALA B 203 47.72 36.33 19.15
CA ALA B 203 46.36 36.16 19.63
C ALA B 203 46.32 35.44 20.98
N PHE B 204 47.20 34.47 21.14
CA PHE B 204 47.20 33.66 22.36
C PHE B 204 47.68 34.49 23.54
N ASP B 205 48.81 35.15 23.36
CA ASP B 205 49.36 36.03 24.40
C ASP B 205 48.37 37.10 24.85
N ASP B 206 47.81 37.84 23.87
CA ASP B 206 46.85 38.90 24.17
C ASP B 206 45.71 38.37 24.99
N ALA B 207 45.29 37.15 24.69
CA ALA B 207 44.19 36.55 25.40
C ALA B 207 44.57 36.32 26.86
N ILE B 208 45.79 35.81 27.06
CA ILE B 208 46.29 35.44 28.39
C ILE B 208 46.38 36.65 29.31
N ALA B 209 46.81 37.77 28.78
CA ALA B 209 47.07 38.99 29.53
C ALA B 209 45.82 39.48 30.20
N GLU B 210 44.71 39.36 29.52
CA GLU B 210 43.49 39.98 29.93
C GLU B 210 42.60 38.97 30.62
N LEU B 211 43.25 37.97 31.17
CA LEU B 211 42.52 36.78 31.62
C LEU B 211 41.37 37.13 32.58
N ASP B 212 41.29 38.40 32.96
CA ASP B 212 40.20 38.88 33.81
C ASP B 212 38.87 38.98 33.05
N THR B 213 38.94 39.21 31.74
CA THR B 213 37.77 39.48 30.91
C THR B 213 36.88 38.25 30.64
N LEU B 214 37.22 37.11 31.25
CA LEU B 214 36.41 35.91 31.13
C LEU B 214 35.19 35.93 32.05
N ASN B 215 34.03 35.63 31.47
CA ASN B 215 32.83 35.43 32.26
C ASN B 215 32.53 33.94 32.36
N GLU B 216 31.49 33.58 33.11
CA GLU B 216 31.12 32.17 33.24
C GLU B 216 30.75 31.58 31.88
N ASP B 217 30.28 32.44 30.97
CA ASP B 217 29.84 32.00 29.66
C ASP B 217 31.01 31.87 28.67
N SER B 218 32.13 32.51 28.97
CA SER B 218 33.25 32.55 28.05
C SER B 218 34.32 31.50 28.32
N TYR B 219 34.64 31.29 29.61
CA TYR B 219 35.85 30.55 30.00
C TYR B 219 35.94 29.18 29.32
N LYS B 220 34.80 28.49 29.19
CA LYS B 220 34.77 27.20 28.50
C LYS B 220 35.28 27.35 27.07
N ASP B 221 34.66 28.25 26.32
CA ASP B 221 34.95 28.39 24.90
C ASP B 221 36.22 29.16 24.59
N SER B 222 36.54 30.17 25.39
CA SER B 222 37.75 30.94 25.15
C SER B 222 39.00 30.07 25.33
N THR B 223 39.04 29.31 26.42
CA THR B 223 40.23 28.51 26.76
C THR B 223 40.41 27.33 25.82
N LEU B 224 39.29 26.69 25.45
CA LEU B 224 39.31 25.59 24.49
C LEU B 224 39.92 26.01 23.14
N ILE B 225 39.58 27.20 22.66
CA ILE B 225 40.17 27.69 21.44
C ILE B 225 41.61 28.19 21.66
N MET B 226 41.93 28.66 22.86
CA MET B 226 43.30 29.08 23.13
C MET B 226 44.24 27.88 23.09
N GLN B 227 43.74 26.73 23.54
CA GLN B 227 44.48 25.47 23.44
C GLN B 227 44.77 25.07 22.00
N LEU B 228 43.75 25.15 21.14
CA LEU B 228 43.91 24.80 19.74
C LEU B 228 44.98 25.67 19.11
N LEU B 229 44.92 26.98 19.38
CA LEU B 229 45.93 27.92 18.92
C LEU B 229 47.31 27.43 19.29
N ARG B 230 47.45 27.05 20.56
CA ARG B 230 48.67 26.48 21.10
C ARG B 230 49.05 25.14 20.44
N ASP B 231 48.08 24.24 20.33
CA ASP B 231 48.31 22.95 19.67
C ASP B 231 48.89 23.14 18.25
N ASN B 232 48.33 24.09 17.49
CA ASN B 232 48.86 24.38 16.15
C ASN B 232 50.22 25.05 16.24
N LEU B 233 50.38 25.83 17.28
CA LEU B 233 51.60 26.52 17.51
C LEU B 233 52.69 25.56 17.81
N THR B 234 52.42 24.62 18.69
CA THR B 234 53.42 23.66 19.04
C THR B 234 53.78 22.93 17.80
N LEU B 235 52.81 22.26 17.22
CA LEU B 235 53.02 21.52 16.00
C LEU B 235 53.85 22.26 14.97
N TRP B 236 53.30 23.29 14.37
CA TRP B 236 54.02 23.94 13.28
C TRP B 236 55.45 24.27 13.62
N THR B 237 55.70 24.44 14.90
CA THR B 237 56.97 24.92 15.38
C THR B 237 58.04 23.84 15.22
N SER B 238 57.61 22.63 15.51
CA SER B 238 58.38 21.40 15.40
C SER B 238 58.50 20.96 13.94
N ARG C 5 22.35 -4.94 21.22
CA ARG C 5 21.55 -5.13 20.00
C ARG C 5 22.15 -6.00 18.92
N GLN C 6 23.42 -5.79 18.62
CA GLN C 6 24.14 -6.28 17.46
C GLN C 6 23.65 -7.38 16.50
N SEP C 7 23.75 -7.03 15.22
CA SEP C 7 23.67 -7.89 14.05
CB SEP C 7 22.55 -7.40 13.12
OG SEP C 7 22.67 -6.01 12.90
C SEP C 7 25.04 -7.79 13.37
O SEP C 7 25.91 -7.06 13.85
P SEP C 7 21.61 -5.29 11.93
O1P SEP C 7 22.12 -3.76 11.86
O2P SEP C 7 21.57 -5.98 10.48
O3P SEP C 7 20.11 -5.33 12.48
N VAL C 8 25.27 -8.59 12.37
CA VAL C 8 26.62 -8.62 11.88
C VAL C 8 26.80 -7.33 11.19
N LEU C 9 27.95 -6.71 11.39
CA LEU C 9 28.21 -5.43 10.79
C LEU C 9 28.71 -5.67 9.39
N LYS C 32 46.50 19.12 12.83
CA LYS C 32 46.52 20.54 12.44
C LYS C 32 45.11 21.08 12.24
N VAL C 33 44.48 21.54 13.31
CA VAL C 33 43.06 21.83 13.30
C VAL C 33 42.62 23.26 13.14
N SEP C 34 41.38 23.42 12.72
CA SEP C 34 40.73 24.68 12.56
CB SEP C 34 40.27 24.91 11.13
OG SEP C 34 39.56 23.81 10.65
C SEP C 34 39.56 24.59 13.44
O SEP C 34 39.23 23.51 13.92
P SEP C 34 38.75 24.01 9.37
O1P SEP C 34 39.77 24.07 8.35
O2P SEP C 34 38.07 25.25 9.60
O3P SEP C 34 37.93 22.83 9.36
N LEU C 35 38.90 25.69 13.70
CA LEU C 35 37.90 25.73 14.71
C LEU C 35 36.84 24.70 14.43
N ALA C 36 36.29 24.08 15.47
CA ALA C 36 35.38 22.94 15.33
C ALA C 36 33.96 23.29 15.79
N PRO C 37 32.94 22.85 15.03
CA PRO C 37 31.53 23.13 15.30
C PRO C 37 31.01 22.58 16.63
N VAL D 5 -4.51 6.97 9.25
CA VAL D 5 -5.92 7.31 9.43
C VAL D 5 -6.82 6.22 8.83
N ASP D 6 -8.13 6.47 8.80
CA ASP D 6 -9.15 5.47 8.42
C ASP D 6 -9.15 5.12 6.92
N ARG D 7 -9.52 3.89 6.59
CA ARG D 7 -9.50 3.44 5.20
C ARG D 7 -10.38 4.28 4.26
N GLU D 8 -11.64 4.51 4.63
CA GLU D 8 -12.51 5.27 3.75
C GLU D 8 -11.97 6.70 3.64
N GLN D 9 -11.36 7.21 4.72
CA GLN D 9 -10.76 8.56 4.71
C GLN D 9 -9.60 8.66 3.72
N LEU D 10 -8.91 7.55 3.52
CA LEU D 10 -7.80 7.45 2.57
C LEU D 10 -8.34 7.45 1.16
N VAL D 11 -9.33 6.61 0.90
CA VAL D 11 -9.93 6.58 -0.41
C VAL D 11 -10.49 7.96 -0.75
N GLN D 12 -11.07 8.61 0.24
CA GLN D 12 -11.55 9.98 0.07
C GLN D 12 -10.39 10.90 -0.33
N LYS D 13 -9.24 10.74 0.31
CA LYS D 13 -8.07 11.55 -0.02
C LYS D 13 -7.65 11.30 -1.45
N ALA D 14 -7.80 10.07 -1.90
CA ALA D 14 -7.38 9.74 -3.23
C ALA D 14 -8.30 10.44 -4.22
N ARG D 15 -9.61 10.27 -4.04
CA ARG D 15 -10.57 10.89 -4.94
C ARG D 15 -10.37 12.41 -4.98
N LEU D 16 -10.02 12.99 -3.85
CA LEU D 16 -9.75 14.42 -3.77
C LEU D 16 -8.55 14.76 -4.63
N ALA D 17 -7.46 14.07 -4.35
CA ALA D 17 -6.22 14.35 -5.03
C ALA D 17 -6.37 14.16 -6.54
N GLU D 18 -7.26 13.25 -6.94
CA GLU D 18 -7.48 13.05 -8.36
C GLU D 18 -8.06 14.32 -8.96
N GLN D 19 -9.00 14.89 -8.23
CA GLN D 19 -9.67 16.10 -8.64
C GLN D 19 -8.66 17.24 -8.72
N ALA D 20 -7.81 17.35 -7.71
CA ALA D 20 -6.83 18.42 -7.67
C ALA D 20 -5.68 18.16 -8.65
N GLU D 21 -5.77 17.08 -9.41
CA GLU D 21 -4.67 16.56 -10.25
C GLU D 21 -3.32 16.53 -9.52
N ARG D 22 -3.35 16.02 -8.28
CA ARG D 22 -2.13 15.82 -7.52
C ARG D 22 -1.86 14.33 -7.43
N TYR D 23 -1.24 13.78 -8.45
CA TYR D 23 -1.23 12.35 -8.60
C TYR D 23 -0.26 11.64 -7.65
N ASP D 24 0.85 12.27 -7.29
CA ASP D 24 1.74 11.71 -6.24
C ASP D 24 0.98 11.47 -4.93
N ASP D 25 0.21 12.48 -4.50
CA ASP D 25 -0.70 12.35 -3.35
C ASP D 25 -1.67 11.19 -3.52
N MET D 26 -2.25 11.09 -4.70
CA MET D 26 -3.22 10.05 -4.96
C MET D 26 -2.55 8.67 -4.92
N ALA D 27 -1.34 8.58 -5.45
CA ALA D 27 -0.65 7.30 -5.45
C ALA D 27 -0.28 6.95 -4.01
N ALA D 28 0.10 7.96 -3.26
CA ALA D 28 0.50 7.72 -1.88
C ALA D 28 -0.68 7.18 -1.07
N ALA D 29 -1.82 7.85 -1.20
CA ALA D 29 -3.04 7.44 -0.52
C ALA D 29 -3.42 6.01 -0.88
N MET D 30 -3.40 5.71 -2.16
CA MET D 30 -3.86 4.40 -2.57
C MET D 30 -2.86 3.30 -2.21
N LYS D 31 -1.60 3.68 -2.00
CA LYS D 31 -0.60 2.75 -1.52
C LYS D 31 -0.91 2.34 -0.08
N ASN D 32 -1.08 3.32 0.81
CA ASN D 32 -1.60 3.05 2.14
C ASN D 32 -2.82 2.14 2.14
N VAL D 33 -3.77 2.40 1.26
CA VAL D 33 -4.94 1.56 1.21
C VAL D 33 -4.52 0.13 0.85
N THR D 34 -3.64 -0.03 -0.14
CA THR D 34 -3.17 -1.36 -0.53
C THR D 34 -2.46 -2.06 0.62
N GLU D 35 -1.67 -1.31 1.38
CA GLU D 35 -0.95 -1.86 2.53
C GLU D 35 -1.85 -2.23 3.71
N LEU D 36 -3.16 -2.02 3.61
CA LEU D 36 -4.07 -2.50 4.65
C LEU D 36 -4.27 -4.01 4.49
N ASN D 37 -3.81 -4.53 3.37
CA ASN D 37 -3.74 -5.95 3.11
C ASN D 37 -5.13 -6.55 2.97
N GLU D 38 -6.09 -5.71 2.62
CA GLU D 38 -7.43 -6.14 2.22
CA GLU D 38 -7.39 -6.20 2.21
C GLU D 38 -7.55 -5.99 0.71
N PRO D 39 -8.30 -6.88 0.04
CA PRO D 39 -8.45 -6.73 -1.42
C PRO D 39 -9.12 -5.41 -1.78
N LEU D 40 -8.86 -4.94 -2.99
CA LEU D 40 -9.36 -3.64 -3.39
C LEU D 40 -10.65 -3.78 -4.18
N SER D 41 -11.60 -2.88 -3.93
CA SER D 41 -12.82 -2.85 -4.74
C SER D 41 -12.51 -2.41 -6.16
N ASN D 42 -13.48 -2.54 -7.06
CA ASN D 42 -13.24 -2.15 -8.45
C ASN D 42 -12.90 -0.66 -8.58
N GLU D 43 -13.61 0.20 -7.83
CA GLU D 43 -13.28 1.61 -7.77
C GLU D 43 -11.86 1.81 -7.29
N GLU D 44 -11.49 1.12 -6.21
CA GLU D 44 -10.18 1.32 -5.62
C GLU D 44 -9.05 0.82 -6.56
N ARG D 45 -9.29 -0.27 -7.28
CA ARG D 45 -8.38 -0.70 -8.34
C ARG D 45 -8.06 0.42 -9.29
N ASN D 46 -9.10 1.11 -9.75
CA ASN D 46 -8.93 2.13 -10.76
C ASN D 46 -8.21 3.35 -10.22
N LEU D 47 -8.56 3.78 -9.02
CA LEU D 47 -7.84 4.87 -8.37
C LEU D 47 -6.34 4.59 -8.31
N LEU D 48 -5.98 3.34 -7.99
CA LEU D 48 -4.59 2.99 -7.81
C LEU D 48 -3.95 3.00 -9.18
N SER D 49 -4.61 2.33 -10.10
CA SER D 49 -4.15 2.22 -11.47
C SER D 49 -3.92 3.62 -12.07
N VAL D 50 -4.89 4.50 -11.84
CA VAL D 50 -4.88 5.84 -12.42
C VAL D 50 -3.80 6.70 -11.82
N ALA D 51 -3.69 6.67 -10.49
CA ALA D 51 -2.69 7.45 -9.78
C ALA D 51 -1.30 7.10 -10.29
N TYR D 52 -1.01 5.81 -10.33
CA TYR D 52 0.32 5.41 -10.74
C TYR D 52 0.53 5.54 -12.25
N LYS D 53 -0.53 5.42 -13.04
CA LYS D 53 -0.39 5.60 -14.49
C LYS D 53 0.04 7.05 -14.77
N ASN D 54 -0.49 7.97 -13.98
CA ASN D 54 -0.22 9.38 -14.14
C ASN D 54 1.14 9.75 -13.59
N VAL D 55 1.50 9.17 -12.45
CA VAL D 55 2.81 9.46 -11.89
C VAL D 55 3.91 8.96 -12.84
N VAL D 56 3.88 7.69 -13.24
CA VAL D 56 4.92 7.17 -14.12
C VAL D 56 4.80 7.85 -15.49
N GLY D 57 3.57 8.17 -15.91
CA GLY D 57 3.35 8.79 -17.20
C GLY D 57 4.11 10.11 -17.39
N ALA D 58 4.10 10.94 -16.36
CA ALA D 58 4.85 12.18 -16.42
C ALA D 58 6.33 11.94 -16.71
N ARG D 59 6.84 10.84 -16.16
CA ARG D 59 8.26 10.53 -16.25
C ARG D 59 8.60 9.95 -17.61
N ARG D 60 7.75 9.03 -18.10
CA ARG D 60 7.93 8.52 -19.45
C ARG D 60 7.90 9.69 -20.44
N SER D 61 6.93 10.58 -20.27
CA SER D 61 6.83 11.74 -21.12
C SER D 61 8.09 12.61 -21.06
N SER D 62 8.57 12.90 -19.84
CA SER D 62 9.80 13.66 -19.73
C SER D 62 10.97 12.92 -20.36
N TRP D 63 11.03 11.61 -20.13
CA TRP D 63 12.14 10.80 -20.61
C TRP D 63 12.16 10.78 -22.14
N ARG D 64 11.02 10.62 -22.79
CA ARG D 64 11.00 10.64 -24.25
C ARG D 64 11.55 11.96 -24.78
N VAL D 65 11.10 13.08 -24.22
CA VAL D 65 11.57 14.40 -24.65
C VAL D 65 13.08 14.59 -24.44
N ILE D 66 13.56 14.29 -23.24
CA ILE D 66 14.98 14.47 -22.97
C ILE D 66 15.78 13.54 -23.84
N SER D 67 15.32 12.31 -23.99
CA SER D 67 16.02 11.30 -24.77
C SER D 67 16.12 11.72 -26.24
N SER D 68 15.03 12.26 -26.78
CA SER D 68 15.00 12.72 -28.16
C SER D 68 16.00 13.85 -28.38
N ILE D 69 16.13 14.73 -27.40
CA ILE D 69 17.09 15.82 -27.45
C ILE D 69 18.50 15.30 -27.31
N GLU D 70 18.66 14.23 -26.55
CA GLU D 70 19.99 13.64 -26.34
C GLU D 70 20.63 13.22 -27.65
N GLN D 71 19.81 12.75 -28.56
CA GLN D 71 20.34 12.19 -29.80
C GLN D 71 20.62 13.30 -30.80
N LYS D 72 19.69 14.24 -30.92
CA LYS D 72 19.84 15.40 -31.80
C LYS D 72 21.09 16.23 -31.46
N THR D 73 21.41 16.37 -30.17
CA THR D 73 22.61 17.08 -29.77
C THR D 73 23.74 16.11 -29.44
N SER D 74 23.78 14.99 -30.15
CA SER D 74 24.90 14.06 -30.04
C SER D 74 25.67 14.09 -31.36
N ALA D 75 24.92 14.36 -32.44
CA ALA D 75 25.49 14.66 -33.74
C ALA D 75 26.12 16.05 -33.71
N ASP D 76 25.67 16.85 -32.75
CA ASP D 76 26.20 18.16 -32.46
C ASP D 76 27.63 18.05 -32.02
N GLY D 77 27.95 16.99 -31.30
CA GLY D 77 29.31 16.81 -30.85
C GLY D 77 29.87 17.94 -30.03
N ASN D 78 29.21 18.22 -28.92
CA ASN D 78 29.74 19.07 -27.88
C ASN D 78 29.89 18.23 -26.61
N GLU D 79 31.08 18.14 -26.03
CA GLU D 79 31.26 17.20 -24.92
C GLU D 79 30.62 17.59 -23.57
N LYS D 80 30.49 18.88 -23.30
CA LYS D 80 29.96 19.27 -21.99
C LYS D 80 28.43 19.43 -22.06
N LYS D 81 27.91 19.52 -23.28
CA LYS D 81 26.47 19.60 -23.48
C LYS D 81 25.86 18.20 -23.44
N ILE D 82 26.53 17.24 -24.07
CA ILE D 82 26.10 15.85 -24.09
C ILE D 82 25.99 15.26 -22.69
N GLU D 83 27.03 15.49 -21.89
CA GLU D 83 27.09 14.96 -20.54
C GLU D 83 25.98 15.54 -19.66
N MET D 84 25.69 16.80 -19.92
CA MET D 84 24.59 17.54 -19.32
C MET D 84 23.22 16.84 -19.51
N VAL D 85 22.89 16.56 -20.76
CA VAL D 85 21.65 15.90 -21.12
C VAL D 85 21.59 14.46 -20.62
N ARG D 86 22.71 13.76 -20.68
CA ARG D 86 22.78 12.37 -20.27
C ARG D 86 22.45 12.27 -18.79
N ALA D 87 23.09 13.11 -17.99
CA ALA D 87 22.91 13.09 -16.55
C ALA D 87 21.47 13.38 -16.20
N TYR D 88 20.82 14.21 -17.01
CA TYR D 88 19.47 14.60 -16.68
C TYR D 88 18.51 13.50 -17.13
N ARG D 89 18.85 12.84 -18.23
CA ARG D 89 18.08 11.69 -18.65
C ARG D 89 18.10 10.61 -17.57
N GLU D 90 19.25 10.42 -16.93
CA GLU D 90 19.33 9.35 -15.95
C GLU D 90 18.59 9.72 -14.70
N LYS D 91 18.70 10.99 -14.32
CA LYS D 91 17.98 11.48 -13.16
C LYS D 91 16.49 11.17 -13.34
N ILE D 92 15.97 11.38 -14.55
CA ILE D 92 14.58 11.09 -14.78
C ILE D 92 14.32 9.58 -14.82
N GLU D 93 15.29 8.83 -15.34
CA GLU D 93 15.19 7.37 -15.42
C GLU D 93 15.04 6.73 -14.05
N LYS D 94 15.88 7.19 -13.12
CA LYS D 94 15.91 6.63 -11.77
C LYS D 94 14.59 6.88 -11.07
N GLU D 95 14.00 8.06 -11.27
CA GLU D 95 12.66 8.32 -10.76
C GLU D 95 11.68 7.33 -11.38
N LEU D 96 11.74 7.16 -12.70
CA LEU D 96 10.81 6.27 -13.39
C LEU D 96 10.96 4.84 -12.87
N GLU D 97 12.20 4.45 -12.62
CA GLU D 97 12.46 3.10 -12.15
C GLU D 97 11.92 2.91 -10.75
N ALA D 98 12.05 3.94 -9.93
CA ALA D 98 11.65 3.80 -8.54
C ALA D 98 10.13 3.72 -8.42
N VAL D 99 9.43 4.53 -9.23
CA VAL D 99 7.98 4.47 -9.30
C VAL D 99 7.55 3.07 -9.71
N CYS D 100 8.17 2.51 -10.75
CA CYS D 100 7.86 1.14 -11.18
C CYS D 100 8.17 0.07 -10.13
N GLN D 101 9.31 0.18 -9.44
CA GLN D 101 9.60 -0.81 -8.39
C GLN D 101 8.60 -0.70 -7.23
N ASP D 102 8.04 0.48 -7.04
CA ASP D 102 7.04 0.71 -6.00
C ASP D 102 5.75 -0.02 -6.36
N VAL D 103 5.28 0.17 -7.59
CA VAL D 103 4.05 -0.48 -8.04
C VAL D 103 4.22 -1.99 -8.10
N LEU D 104 5.30 -2.44 -8.74
CA LEU D 104 5.63 -3.85 -8.81
C LEU D 104 5.65 -4.50 -7.42
N SER D 105 6.20 -3.79 -6.45
CA SER D 105 6.29 -4.31 -5.09
C SER D 105 4.88 -4.44 -4.48
N LEU D 106 4.01 -3.46 -4.73
CA LEU D 106 2.62 -3.55 -4.28
C LEU D 106 1.90 -4.72 -4.98
N LEU D 107 2.23 -4.95 -6.25
CA LEU D 107 1.56 -6.02 -6.97
C LEU D 107 1.99 -7.39 -6.44
N ASP D 108 3.28 -7.55 -6.18
CA ASP D 108 3.78 -8.86 -5.80
C ASP D 108 3.55 -9.19 -4.31
N ASN D 109 3.64 -8.20 -3.45
CA ASN D 109 3.55 -8.43 -2.00
C ASN D 109 2.17 -8.30 -1.37
N TYR D 110 1.20 -7.75 -2.11
CA TYR D 110 -0.15 -7.58 -1.61
C TYR D 110 -1.19 -8.00 -2.63
N LEU D 111 -1.26 -7.29 -3.75
CA LEU D 111 -2.43 -7.34 -4.62
C LEU D 111 -2.64 -8.68 -5.31
N ILE D 112 -1.60 -9.23 -5.92
CA ILE D 112 -1.73 -10.54 -6.57
C ILE D 112 -1.74 -11.65 -5.51
N LYS D 113 -0.96 -11.44 -4.45
CA LYS D 113 -0.91 -12.37 -3.34
C LYS D 113 -2.31 -12.62 -2.76
N ASN D 114 -2.96 -11.54 -2.33
CA ASN D 114 -4.30 -11.61 -1.72
C ASN D 114 -5.44 -12.02 -2.64
N CYS D 115 -5.10 -12.51 -3.82
CA CYS D 115 -6.13 -12.89 -4.76
C CYS D 115 -6.57 -14.32 -4.56
N SER D 116 -7.89 -14.51 -4.44
CA SER D 116 -8.46 -15.84 -4.39
C SER D 116 -8.51 -16.31 -5.82
N GLU D 117 -8.40 -17.62 -6.04
CA GLU D 117 -8.31 -18.12 -7.41
C GLU D 117 -9.63 -18.05 -8.16
N THR D 118 -10.75 -17.92 -7.45
CA THR D 118 -12.02 -17.73 -8.13
C THR D 118 -12.10 -16.31 -8.71
N GLN D 119 -11.21 -15.45 -8.23
CA GLN D 119 -11.13 -14.07 -8.62
C GLN D 119 -10.33 -13.93 -9.89
N TYR D 120 -10.92 -14.32 -10.99
CA TYR D 120 -10.15 -14.36 -12.23
C TYR D 120 -9.90 -12.94 -12.75
N GLU D 121 -10.92 -12.09 -12.62
CA GLU D 121 -10.88 -10.73 -13.14
C GLU D 121 -9.77 -9.91 -12.49
N SER D 122 -9.78 -9.87 -11.16
CA SER D 122 -8.77 -9.14 -10.40
C SER D 122 -7.37 -9.67 -10.72
N LYS D 123 -7.27 -10.97 -10.98
CA LYS D 123 -5.96 -11.57 -11.16
C LYS D 123 -5.39 -11.19 -12.51
N VAL D 124 -6.25 -11.00 -13.51
CA VAL D 124 -5.80 -10.67 -14.86
C VAL D 124 -5.42 -9.20 -14.87
N PHE D 125 -6.17 -8.42 -14.12
CA PHE D 125 -5.93 -6.99 -14.01
C PHE D 125 -4.54 -6.70 -13.46
N TYR D 126 -4.26 -7.25 -12.28
CA TYR D 126 -2.98 -7.08 -11.64
C TYR D 126 -1.81 -7.66 -12.46
N LEU D 127 -1.99 -8.81 -13.09
CA LEU D 127 -0.90 -9.37 -13.86
C LEU D 127 -0.64 -8.54 -15.11
N LYS D 128 -1.70 -7.97 -15.69
CA LYS D 128 -1.53 -7.07 -16.81
C LYS D 128 -0.78 -5.81 -16.33
N MET D 129 -1.19 -5.25 -15.21
CA MET D 129 -0.51 -4.08 -14.64
C MET D 129 0.96 -4.39 -14.41
N LYS D 130 1.24 -5.57 -13.88
CA LYS D 130 2.61 -6.01 -13.69
C LYS D 130 3.35 -6.12 -15.04
N GLY D 131 2.64 -6.59 -16.06
CA GLY D 131 3.21 -6.61 -17.39
C GLY D 131 3.52 -5.22 -17.91
N ASP D 132 2.66 -4.24 -17.62
CA ASP D 132 2.85 -2.87 -18.10
C ASP D 132 4.06 -2.23 -17.44
N TYR D 133 4.14 -2.31 -16.12
CA TYR D 133 5.25 -1.65 -15.43
C TYR D 133 6.61 -2.30 -15.72
N TYR D 134 6.66 -3.58 -16.05
CA TYR D 134 7.94 -4.12 -16.52
C TYR D 134 8.20 -3.67 -17.96
N ARG D 135 7.13 -3.41 -18.70
CA ARG D 135 7.27 -2.79 -20.01
C ARG D 135 7.82 -1.35 -19.88
N TYR D 136 7.31 -0.56 -18.92
CA TYR D 136 7.83 0.78 -18.73
C TYR D 136 9.30 0.77 -18.30
N LEU D 137 9.73 -0.28 -17.59
CA LEU D 137 11.15 -0.36 -17.25
C LEU D 137 11.98 -0.73 -18.51
N ALA D 138 11.37 -1.53 -19.39
CA ALA D 138 12.03 -1.97 -20.59
C ALA D 138 12.23 -0.80 -21.54
N GLU D 139 11.22 0.07 -21.67
CA GLU D 139 11.32 1.26 -22.51
C GLU D 139 12.63 2.05 -22.29
N VAL D 140 13.14 2.08 -21.07
CA VAL D 140 14.33 2.87 -20.78
C VAL D 140 15.56 2.04 -20.44
N ALA D 141 15.50 0.75 -20.65
CA ALA D 141 16.62 -0.07 -20.28
C ALA D 141 17.40 -0.49 -21.47
N THR D 142 18.66 -0.85 -21.24
CA THR D 142 19.53 -1.32 -22.27
C THR D 142 20.25 -2.52 -21.73
N GLY D 143 20.91 -3.29 -22.56
CA GLY D 143 21.73 -4.37 -22.08
C GLY D 143 20.99 -5.57 -21.53
N GLU D 144 21.65 -6.28 -20.64
CA GLU D 144 21.04 -7.43 -20.00
C GLU D 144 19.92 -7.01 -19.04
N LYS D 145 20.01 -5.78 -18.55
CA LYS D 145 18.96 -5.22 -17.72
C LYS D 145 17.68 -5.23 -18.52
N ARG D 146 17.74 -4.70 -19.74
CA ARG D 146 16.59 -4.72 -20.62
C ARG D 146 16.07 -6.14 -20.80
N ALA D 147 16.96 -7.06 -21.12
CA ALA D 147 16.53 -8.42 -21.39
C ALA D 147 15.86 -9.03 -20.16
N THR D 148 16.37 -8.70 -18.98
CA THR D 148 15.76 -9.19 -17.73
C THR D 148 14.31 -8.70 -17.60
N VAL D 149 14.12 -7.38 -17.59
CA VAL D 149 12.79 -6.82 -17.42
C VAL D 149 11.86 -7.20 -18.59
N VAL D 150 12.41 -7.42 -19.78
CA VAL D 150 11.59 -7.86 -20.90
C VAL D 150 11.00 -9.23 -20.57
N GLU D 151 11.84 -10.13 -20.05
CA GLU D 151 11.35 -11.46 -19.67
C GLU D 151 10.25 -11.40 -18.60
N SER D 152 10.42 -10.55 -17.59
CA SER D 152 9.40 -10.41 -16.55
C SER D 152 8.07 -9.96 -17.12
N SER D 153 8.15 -9.05 -18.08
CA SER D 153 6.97 -8.48 -18.71
C SER D 153 6.20 -9.57 -19.44
N GLU D 154 6.87 -10.17 -20.42
CA GLU D 154 6.34 -11.32 -21.17
C GLU D 154 5.68 -12.35 -20.27
N LYS D 155 6.38 -12.71 -19.20
CA LYS D 155 5.90 -13.70 -18.26
C LYS D 155 4.61 -13.23 -17.59
N ALA D 156 4.55 -11.96 -17.18
CA ALA D 156 3.34 -11.48 -16.53
C ALA D 156 2.19 -11.43 -17.52
N TYR D 157 2.46 -10.93 -18.73
CA TYR D 157 1.45 -10.83 -19.78
C TYR D 157 0.93 -12.22 -20.17
N SER D 158 1.85 -13.13 -20.47
CA SER D 158 1.53 -14.51 -20.85
C SER D 158 0.57 -15.17 -19.86
N GLU D 159 0.93 -15.11 -18.59
CA GLU D 159 0.12 -15.70 -17.53
C GLU D 159 -1.25 -15.01 -17.43
N ALA D 160 -1.30 -13.70 -17.66
CA ALA D 160 -2.59 -12.98 -17.62
C ALA D 160 -3.47 -13.36 -18.80
N HIS D 161 -2.86 -13.59 -19.95
CA HIS D 161 -3.57 -13.97 -21.16
C HIS D 161 -4.24 -15.33 -20.98
N GLU D 162 -3.46 -16.33 -20.58
CA GLU D 162 -3.98 -17.68 -20.33
C GLU D 162 -5.16 -17.72 -19.36
N ILE D 163 -5.05 -17.04 -18.23
CA ILE D 163 -6.20 -16.94 -17.33
C ILE D 163 -7.41 -16.31 -18.04
N SER D 164 -7.20 -15.35 -18.93
CA SER D 164 -8.34 -14.68 -19.56
C SER D 164 -8.92 -15.51 -20.71
N LYS D 165 -8.10 -16.32 -21.37
CA LYS D 165 -8.55 -17.14 -22.49
C LYS D 165 -9.46 -18.26 -22.00
N GLU D 166 -9.51 -18.42 -20.68
CA GLU D 166 -10.26 -19.49 -20.07
C GLU D 166 -11.45 -18.98 -19.27
N HIS D 167 -11.25 -17.94 -18.49
CA HIS D 167 -12.25 -17.59 -17.49
C HIS D 167 -12.94 -16.25 -17.75
N MET D 168 -12.63 -15.64 -18.89
CA MET D 168 -13.21 -14.33 -19.26
C MET D 168 -13.74 -14.35 -20.69
N GLN D 169 -14.88 -13.69 -20.91
CA GLN D 169 -15.46 -13.60 -22.25
C GLN D 169 -14.63 -12.67 -23.13
N PRO D 170 -14.49 -13.00 -24.43
CA PRO D 170 -13.58 -12.29 -25.35
C PRO D 170 -13.92 -10.80 -25.52
N THR D 171 -15.09 -10.41 -25.04
CA THR D 171 -15.55 -9.04 -25.16
C THR D 171 -15.35 -8.27 -23.86
N HIS D 172 -14.87 -8.97 -22.82
CA HIS D 172 -14.65 -8.32 -21.53
C HIS D 172 -13.54 -7.27 -21.66
N PRO D 173 -13.80 -6.04 -21.18
CA PRO D 173 -12.86 -4.92 -21.33
C PRO D 173 -11.44 -5.27 -20.91
N ILE D 174 -11.32 -5.85 -19.73
CA ILE D 174 -10.05 -6.21 -19.14
C ILE D 174 -9.30 -7.20 -20.01
N ARG D 175 -10.03 -8.11 -20.64
CA ARG D 175 -9.38 -9.08 -21.53
C ARG D 175 -8.92 -8.44 -22.83
N LEU D 176 -9.70 -7.47 -23.32
CA LEU D 176 -9.37 -6.74 -24.54
C LEU D 176 -8.20 -5.79 -24.28
N GLY D 177 -8.31 -4.98 -23.21
CA GLY D 177 -7.23 -4.12 -22.77
C GLY D 177 -5.90 -4.86 -22.66
N LEU D 178 -5.93 -6.09 -22.18
CA LEU D 178 -4.74 -6.89 -22.02
C LEU D 178 -4.15 -7.29 -23.35
N ALA D 179 -4.99 -7.54 -24.34
CA ALA D 179 -4.48 -7.89 -25.67
C ALA D 179 -3.81 -6.68 -26.31
N LEU D 180 -4.49 -5.54 -26.16
CA LEU D 180 -4.00 -4.27 -26.66
C LEU D 180 -2.59 -4.05 -26.14
N ASN D 181 -2.42 -4.03 -24.84
CA ASN D 181 -1.14 -3.79 -24.26
C ASN D 181 -0.11 -4.84 -24.56
N TYR D 182 -0.52 -6.08 -24.55
CA TYR D 182 0.31 -7.19 -24.91
C TYR D 182 0.77 -7.15 -26.35
N SER D 183 -0.10 -6.75 -27.26
CA SER D 183 0.30 -6.56 -28.63
C SER D 183 1.26 -5.41 -28.76
N VAL D 184 1.02 -4.38 -28.00
CA VAL D 184 1.94 -3.25 -27.95
C VAL D 184 3.30 -3.73 -27.45
N PHE D 185 3.31 -4.59 -26.43
CA PHE D 185 4.54 -5.21 -25.97
C PHE D 185 5.28 -5.89 -27.12
N TYR D 186 4.58 -6.71 -27.88
CA TYR D 186 5.24 -7.36 -29.02
C TYR D 186 5.70 -6.37 -30.10
N TYR D 187 4.94 -5.32 -30.35
CA TYR D 187 5.36 -4.38 -31.39
C TYR D 187 6.53 -3.51 -30.95
N GLU D 188 6.36 -2.72 -29.88
CA GLU D 188 7.37 -1.74 -29.48
C GLU D 188 8.56 -2.37 -28.75
N ILE D 189 8.31 -3.32 -27.85
CA ILE D 189 9.41 -3.85 -27.03
C ILE D 189 10.14 -5.02 -27.68
N GLN D 190 9.39 -6.02 -28.14
CA GLN D 190 9.98 -7.22 -28.73
C GLN D 190 10.36 -6.99 -30.17
N ASN D 191 9.76 -5.98 -30.79
CA ASN D 191 9.96 -5.70 -32.20
C ASN D 191 9.58 -6.93 -33.02
N ALA D 192 8.41 -7.47 -32.69
CA ALA D 192 7.83 -8.59 -33.40
C ALA D 192 6.49 -8.17 -34.01
N PRO D 193 6.54 -7.34 -35.07
CA PRO D 193 5.33 -6.82 -35.71
C PRO D 193 4.35 -7.92 -36.15
N GLU D 194 4.87 -9.06 -36.65
CA GLU D 194 4.02 -10.20 -37.05
C GLU D 194 3.24 -10.72 -35.84
N GLN D 195 3.99 -11.15 -34.82
CA GLN D 195 3.42 -11.66 -33.58
C GLN D 195 2.46 -10.65 -32.94
N ALA D 196 2.82 -9.37 -33.04
CA ALA D 196 2.00 -8.27 -32.52
C ALA D 196 0.66 -8.21 -33.22
N CYS D 197 0.67 -8.32 -34.55
CA CYS D 197 -0.56 -8.24 -35.34
C CYS D 197 -1.48 -9.45 -35.12
N HIS D 198 -0.89 -10.64 -35.17
CA HIS D 198 -1.61 -11.86 -34.86
C HIS D 198 -2.37 -11.69 -33.55
N LEU D 199 -1.66 -11.23 -32.52
CA LEU D 199 -2.25 -11.17 -31.21
C LEU D 199 -3.43 -10.18 -31.20
N ALA D 200 -3.26 -9.03 -31.84
CA ALA D 200 -4.32 -8.01 -31.83
C ALA D 200 -5.49 -8.44 -32.71
N LYS D 201 -5.16 -8.98 -33.88
CA LYS D 201 -6.19 -9.44 -34.82
C LYS D 201 -7.01 -10.59 -34.21
N THR D 202 -6.33 -11.59 -33.65
CA THR D 202 -7.00 -12.68 -32.95
C THR D 202 -7.95 -12.19 -31.87
N ALA D 203 -7.48 -11.24 -31.05
CA ALA D 203 -8.28 -10.70 -29.96
C ALA D 203 -9.50 -10.00 -30.49
N PHE D 204 -9.30 -9.27 -31.57
CA PHE D 204 -10.39 -8.62 -32.30
C PHE D 204 -11.43 -9.63 -32.79
N ASP D 205 -10.96 -10.65 -33.52
CA ASP D 205 -11.82 -11.70 -34.05
C ASP D 205 -12.62 -12.41 -32.95
N ASP D 206 -11.95 -12.84 -31.89
CA ASP D 206 -12.60 -13.55 -30.80
C ASP D 206 -13.78 -12.74 -30.27
N ALA D 207 -13.61 -11.42 -30.20
CA ALA D 207 -14.64 -10.52 -29.70
C ALA D 207 -15.82 -10.43 -30.66
N ILE D 208 -15.53 -10.33 -31.93
CA ILE D 208 -16.58 -10.22 -32.91
C ILE D 208 -17.42 -11.47 -32.91
N ALA D 209 -16.76 -12.60 -32.80
CA ALA D 209 -17.40 -13.89 -32.91
C ALA D 209 -18.43 -14.02 -31.85
N GLU D 210 -18.23 -13.33 -30.74
CA GLU D 210 -19.12 -13.44 -29.61
C GLU D 210 -19.68 -12.11 -29.21
N LEU D 211 -19.96 -11.31 -30.22
CA LEU D 211 -20.35 -9.94 -30.05
C LEU D 211 -21.63 -9.86 -29.29
N ASP D 212 -22.37 -10.95 -29.30
CA ASP D 212 -23.62 -10.97 -28.58
C ASP D 212 -23.34 -10.73 -27.11
N THR D 213 -22.11 -11.01 -26.71
CA THR D 213 -21.73 -11.00 -25.33
C THR D 213 -21.69 -9.66 -24.64
N LEU D 214 -21.73 -8.58 -25.40
CA LEU D 214 -21.61 -7.25 -24.83
C LEU D 214 -22.70 -6.85 -23.85
N ASN D 215 -22.30 -6.16 -22.80
CA ASN D 215 -23.20 -5.65 -21.75
C ASN D 215 -23.49 -4.17 -21.93
N GLU D 216 -24.71 -3.76 -21.66
CA GLU D 216 -25.05 -2.36 -21.75
C GLU D 216 -24.15 -1.63 -20.78
N ASP D 217 -23.86 -2.30 -19.69
CA ASP D 217 -22.96 -1.78 -18.71
C ASP D 217 -21.56 -1.59 -19.31
N SER D 218 -21.07 -2.52 -20.12
CA SER D 218 -19.68 -2.44 -20.58
C SER D 218 -19.35 -2.44 -22.07
N TYR D 219 -20.29 -2.11 -22.93
CA TYR D 219 -20.19 -2.29 -24.37
C TYR D 219 -19.42 -1.14 -25.00
N LYS D 220 -19.63 0.06 -24.46
CA LYS D 220 -18.87 1.24 -24.87
C LYS D 220 -17.38 1.01 -24.64
N ASP D 221 -17.06 0.44 -23.49
CA ASP D 221 -15.67 0.24 -23.12
C ASP D 221 -15.03 -0.81 -24.01
N SER D 222 -15.75 -1.90 -24.23
CA SER D 222 -15.31 -2.93 -25.14
C SER D 222 -15.11 -2.38 -26.55
N THR D 223 -16.10 -1.65 -27.07
CA THR D 223 -16.03 -1.16 -28.45
C THR D 223 -14.86 -0.19 -28.60
N LEU D 224 -14.69 0.68 -27.60
CA LEU D 224 -13.55 1.58 -27.57
C LEU D 224 -12.24 0.84 -27.79
N ILE D 225 -12.00 -0.21 -27.00
CA ILE D 225 -10.74 -0.96 -27.08
C ILE D 225 -10.65 -1.79 -28.38
N MET D 226 -11.81 -2.19 -28.91
CA MET D 226 -11.81 -2.93 -30.16
C MET D 226 -11.36 -1.98 -31.24
N GLN D 227 -11.81 -0.73 -31.11
CA GLN D 227 -11.38 0.31 -32.04
C GLN D 227 -9.87 0.54 -31.99
N LEU D 228 -9.31 0.65 -30.79
CA LEU D 228 -7.88 0.82 -30.64
C LEU D 228 -7.11 -0.32 -31.27
N LEU D 229 -7.60 -1.55 -31.06
CA LEU D 229 -6.97 -2.72 -31.65
C LEU D 229 -6.88 -2.60 -33.16
N ARG D 230 -7.97 -2.15 -33.78
CA ARG D 230 -8.01 -2.01 -35.22
C ARG D 230 -7.06 -0.91 -35.69
N ASP D 231 -7.21 0.27 -35.13
CA ASP D 231 -6.31 1.39 -35.41
C ASP D 231 -4.85 0.96 -35.30
N ASN D 232 -4.51 0.29 -34.20
CA ASN D 232 -3.18 -0.34 -34.10
C ASN D 232 -2.86 -1.29 -35.28
N LEU D 233 -3.80 -2.11 -35.70
CA LEU D 233 -3.53 -2.97 -36.81
C LEU D 233 -3.41 -2.18 -38.07
N THR D 234 -4.19 -1.13 -38.14
CA THR D 234 -4.16 -0.28 -39.29
C THR D 234 -2.81 0.34 -39.41
N LEU D 235 -2.18 0.63 -38.30
CA LEU D 235 -0.94 1.34 -38.32
C LEU D 235 0.22 0.42 -38.55
N TRP D 236 0.25 -0.66 -37.81
CA TRP D 236 1.40 -1.53 -37.86
C TRP D 236 1.62 -2.07 -39.23
N THR D 237 0.53 -2.28 -39.91
CA THR D 237 0.53 -2.84 -41.23
C THR D 237 1.25 -1.92 -42.21
N SER D 238 0.99 -0.63 -42.12
CA SER D 238 1.59 0.36 -42.98
C SER D 238 3.10 0.27 -42.95
N MET E 1 31.08 34.74 -8.22
CA MET E 1 30.20 33.59 -8.06
C MET E 1 30.26 32.72 -9.29
N GLY E 2 30.48 33.35 -10.43
CA GLY E 2 30.40 32.64 -11.69
C GLY E 2 31.41 31.54 -11.78
N SER E 3 32.61 31.81 -11.27
CA SER E 3 33.68 30.85 -11.34
C SER E 3 33.37 29.59 -10.59
N MET E 4 32.69 29.73 -9.47
CA MET E 4 32.38 28.58 -8.63
C MET E 4 31.49 27.54 -9.29
N VAL E 5 30.61 28.00 -10.14
CA VAL E 5 29.70 27.15 -10.86
C VAL E 5 29.53 27.64 -12.28
N ASP E 6 29.19 26.73 -13.17
CA ASP E 6 28.96 27.07 -14.55
C ASP E 6 27.62 27.69 -14.68
N ARG E 7 27.59 28.99 -14.88
CA ARG E 7 26.30 29.68 -15.02
C ARG E 7 25.55 29.19 -16.26
N GLU E 8 26.26 29.02 -17.36
CA GLU E 8 25.64 28.65 -18.61
CA GLU E 8 25.58 28.65 -18.60
C GLU E 8 25.02 27.24 -18.53
N GLN E 9 25.66 26.35 -17.77
CA GLN E 9 25.14 24.99 -17.60
C GLN E 9 23.80 25.01 -16.85
N LEU E 10 23.73 25.82 -15.80
CA LEU E 10 22.49 26.00 -15.05
C LEU E 10 21.36 26.48 -15.95
N VAL E 11 21.69 27.36 -16.90
CA VAL E 11 20.63 27.89 -17.74
C VAL E 11 20.19 26.83 -18.74
N GLN E 12 21.08 26.00 -19.18
CA GLN E 12 20.75 24.91 -20.06
C GLN E 12 19.84 23.93 -19.40
N LYS E 13 20.06 23.70 -18.12
CA LYS E 13 19.22 22.79 -17.36
C LYS E 13 17.80 23.33 -17.30
N ALA E 14 17.69 24.63 -17.01
CA ALA E 14 16.38 25.27 -17.09
C ALA E 14 15.72 25.03 -18.47
N ARG E 15 16.47 25.21 -19.56
CA ARG E 15 15.87 25.01 -20.89
C ARG E 15 15.42 23.56 -21.10
N LEU E 16 16.25 22.61 -20.66
CA LEU E 16 15.87 21.20 -20.68
C LEU E 16 14.64 20.91 -19.80
N ALA E 17 14.73 21.31 -18.54
CA ALA E 17 13.62 21.14 -17.62
C ALA E 17 12.34 21.69 -18.21
N GLU E 18 12.42 22.82 -18.91
CA GLU E 18 11.21 23.39 -19.49
C GLU E 18 10.66 22.48 -20.59
N GLN E 19 11.53 21.97 -21.45
CA GLN E 19 11.07 21.08 -22.52
C GLN E 19 10.44 19.80 -21.96
N ALA E 20 10.89 19.37 -20.78
CA ALA E 20 10.45 18.14 -20.16
C ALA E 20 9.27 18.36 -19.21
N GLU E 21 8.78 19.60 -19.20
CA GLU E 21 7.69 20.00 -18.31
C GLU E 21 7.97 19.66 -16.85
N ARG E 22 9.21 19.85 -16.44
CA ARG E 22 9.60 19.68 -15.06
C ARG E 22 9.88 21.03 -14.42
N TYR E 23 8.83 21.67 -13.94
CA TYR E 23 8.94 23.07 -13.56
C TYR E 23 9.62 23.30 -12.20
N ASP E 24 9.56 22.34 -11.28
CA ASP E 24 10.39 22.48 -10.06
C ASP E 24 11.89 22.47 -10.42
N ASP E 25 12.29 21.60 -11.34
CA ASP E 25 13.69 21.55 -11.73
C ASP E 25 14.11 22.87 -12.35
N MET E 26 13.23 23.41 -13.19
CA MET E 26 13.47 24.65 -13.89
C MET E 26 13.57 25.84 -12.95
N ALA E 27 12.68 25.88 -11.95
CA ALA E 27 12.71 26.94 -10.96
C ALA E 27 14.00 26.87 -10.15
N ALA E 28 14.35 25.67 -9.70
CA ALA E 28 15.59 25.47 -8.97
C ALA E 28 16.80 25.92 -9.77
N ALA E 29 16.83 25.62 -11.06
CA ALA E 29 17.94 26.03 -11.90
C ALA E 29 18.01 27.56 -11.98
N MET E 30 16.87 28.22 -12.19
CA MET E 30 16.87 29.66 -12.35
C MET E 30 17.09 30.41 -11.03
N LYS E 31 16.62 29.85 -9.91
CA LYS E 31 16.91 30.47 -8.61
C LYS E 31 18.42 30.48 -8.36
N ASN E 32 19.07 29.37 -8.65
CA ASN E 32 20.51 29.29 -8.53
C ASN E 32 21.20 30.26 -9.50
N VAL E 33 20.69 30.43 -10.69
CA VAL E 33 21.26 31.39 -11.60
C VAL E 33 21.16 32.81 -11.08
N THR E 34 20.04 33.14 -10.49
CA THR E 34 19.85 34.41 -9.90
C THR E 34 20.77 34.64 -8.74
N GLU E 35 20.99 33.62 -7.97
CA GLU E 35 21.82 33.65 -6.77
C GLU E 35 23.28 33.93 -7.01
N LEU E 36 23.77 33.66 -8.20
CA LEU E 36 25.01 34.24 -8.72
C LEU E 36 24.53 35.60 -8.92
N ASN E 37 25.36 36.62 -8.84
CA ASN E 37 24.81 37.96 -8.70
C ASN E 37 24.60 38.77 -9.98
N GLU E 38 24.93 38.18 -11.11
CA GLU E 38 24.83 38.86 -12.39
C GLU E 38 23.39 39.02 -12.77
N PRO E 39 23.05 40.04 -13.56
CA PRO E 39 21.63 40.13 -13.93
C PRO E 39 21.18 39.19 -15.00
N LEU E 40 19.88 39.04 -15.15
CA LEU E 40 19.30 38.06 -16.01
C LEU E 40 18.98 38.66 -17.34
N SER E 41 19.31 37.94 -18.38
CA SER E 41 18.97 38.31 -19.74
C SER E 41 17.46 38.26 -19.91
N ASN E 42 16.98 38.78 -21.02
CA ASN E 42 15.57 38.71 -21.32
C ASN E 42 15.11 37.25 -21.36
N GLU E 43 15.85 36.40 -22.08
CA GLU E 43 15.48 34.99 -22.13
C GLU E 43 15.43 34.42 -20.71
N GLU E 44 16.40 34.83 -19.90
CA GLU E 44 16.54 34.27 -18.57
C GLU E 44 15.41 34.72 -17.65
N ARG E 45 15.10 36.01 -17.72
CA ARG E 45 13.96 36.59 -17.02
C ARG E 45 12.74 35.71 -17.24
N ASN E 46 12.54 35.32 -18.48
CA ASN E 46 11.35 34.56 -18.82
C ASN E 46 11.42 33.12 -18.36
N LEU E 47 12.58 32.50 -18.50
CA LEU E 47 12.82 31.19 -17.93
C LEU E 47 12.46 31.18 -16.44
N LEU E 48 12.97 32.13 -15.67
CA LEU E 48 12.61 32.20 -14.25
C LEU E 48 11.12 32.35 -14.04
N SER E 49 10.52 33.25 -14.80
CA SER E 49 9.10 33.56 -14.63
C SER E 49 8.24 32.37 -15.02
N VAL E 50 8.50 31.73 -16.15
CA VAL E 50 7.70 30.59 -16.56
C VAL E 50 7.71 29.48 -15.53
N ALA E 51 8.91 29.12 -15.09
CA ALA E 51 9.10 28.08 -14.07
C ALA E 51 8.24 28.33 -12.82
N TYR E 52 8.52 29.43 -12.15
CA TYR E 52 7.77 29.74 -10.95
C TYR E 52 6.28 29.92 -11.19
N LYS E 53 5.89 30.39 -12.39
CA LYS E 53 4.48 30.57 -12.69
C LYS E 53 3.77 29.21 -12.76
N ASN E 54 4.42 28.20 -13.33
CA ASN E 54 3.85 26.84 -13.36
C ASN E 54 3.84 26.17 -12.00
N VAL E 55 4.93 26.35 -11.24
CA VAL E 55 5.00 25.78 -9.92
C VAL E 55 3.87 26.29 -9.05
N VAL E 56 3.74 27.62 -8.89
CA VAL E 56 2.67 28.17 -8.07
C VAL E 56 1.32 27.94 -8.76
N GLY E 57 1.33 27.85 -10.08
CA GLY E 57 0.09 27.73 -10.84
C GLY E 57 -0.64 26.42 -10.61
N ALA E 58 0.11 25.33 -10.50
CA ALA E 58 -0.51 24.01 -10.27
C ALA E 58 -1.22 24.02 -8.93
N ARG E 59 -0.62 24.71 -7.96
CA ARG E 59 -1.20 24.86 -6.64
C ARG E 59 -2.46 25.72 -6.66
N ARG E 60 -2.40 26.86 -7.33
CA ARG E 60 -3.55 27.74 -7.44
C ARG E 60 -4.68 26.96 -8.04
N SER E 61 -4.38 26.23 -9.10
CA SER E 61 -5.40 25.47 -9.78
C SER E 61 -6.02 24.45 -8.82
N SER E 62 -5.16 23.69 -8.15
CA SER E 62 -5.62 22.70 -7.17
C SER E 62 -6.48 23.32 -6.07
N TRP E 63 -6.03 24.44 -5.55
CA TRP E 63 -6.74 25.13 -4.49
C TRP E 63 -8.14 25.55 -4.92
N ARG E 64 -8.29 25.96 -6.18
CA ARG E 64 -9.60 26.40 -6.61
C ARG E 64 -10.52 25.18 -6.71
N VAL E 65 -10.03 24.05 -7.18
CA VAL E 65 -10.86 22.85 -7.23
C VAL E 65 -11.31 22.39 -5.84
N ILE E 66 -10.38 22.36 -4.89
CA ILE E 66 -10.65 21.92 -3.53
C ILE E 66 -11.55 22.91 -2.78
N SER E 67 -11.33 24.21 -2.95
CA SER E 67 -12.21 25.21 -2.36
C SER E 67 -13.60 25.10 -2.89
N SER E 68 -13.70 24.81 -4.18
CA SER E 68 -15.00 24.62 -4.78
C SER E 68 -15.68 23.40 -4.13
N ILE E 69 -14.97 22.29 -4.05
CA ILE E 69 -15.52 21.07 -3.47
C ILE E 69 -15.94 21.26 -2.01
N GLU E 70 -15.19 22.12 -1.31
CA GLU E 70 -15.48 22.39 0.09
C GLU E 70 -16.83 23.11 0.25
N GLN E 71 -17.09 24.15 -0.54
CA GLN E 71 -18.37 24.86 -0.47
C GLN E 71 -19.55 23.95 -0.78
N LYS E 72 -19.33 22.96 -1.61
CA LYS E 72 -20.44 22.12 -2.09
C LYS E 72 -20.77 20.96 -1.15
N THR E 73 -19.85 20.62 -0.25
CA THR E 73 -20.11 19.52 0.67
C THR E 73 -20.13 19.98 2.12
N SER E 74 -20.30 21.29 2.33
CA SER E 74 -20.49 21.82 3.69
C SER E 74 -21.99 21.79 4.00
N ALA E 75 -22.79 21.72 2.94
CA ALA E 75 -24.22 21.56 3.07
C ALA E 75 -24.59 20.15 3.53
N ASP E 76 -23.73 19.17 3.24
CA ASP E 76 -23.95 17.78 3.64
C ASP E 76 -23.75 17.57 5.14
N GLY E 77 -23.11 18.55 5.79
CA GLY E 77 -22.86 18.54 7.22
C GLY E 77 -22.20 17.27 7.72
N ASN E 78 -21.53 16.55 6.84
CA ASN E 78 -20.85 15.31 7.19
C ASN E 78 -19.43 15.54 7.66
N GLU E 79 -19.30 15.93 8.91
CA GLU E 79 -18.19 16.69 9.37
C GLU E 79 -16.86 16.03 9.19
N LYS E 80 -16.83 14.72 9.15
CA LYS E 80 -15.58 14.02 8.93
C LYS E 80 -14.99 14.25 7.55
N LYS E 81 -15.85 14.25 6.54
CA LYS E 81 -15.44 14.58 5.21
C LYS E 81 -15.03 16.03 5.06
N ILE E 82 -15.83 16.91 5.63
CA ILE E 82 -15.55 18.31 5.51
C ILE E 82 -14.23 18.64 6.14
N GLU E 83 -13.92 18.03 7.26
CA GLU E 83 -12.66 18.28 7.92
C GLU E 83 -11.54 17.82 7.04
N MET E 84 -11.76 16.72 6.35
CA MET E 84 -10.74 16.14 5.48
C MET E 84 -10.44 17.10 4.33
N VAL E 85 -11.49 17.58 3.66
CA VAL E 85 -11.34 18.53 2.57
C VAL E 85 -10.66 19.78 3.06
N ARG E 86 -11.02 20.21 4.26
CA ARG E 86 -10.52 21.49 4.74
C ARG E 86 -9.03 21.37 4.98
N ALA E 87 -8.60 20.20 5.46
CA ALA E 87 -7.21 19.99 5.79
C ALA E 87 -6.35 19.94 4.53
N TYR E 88 -6.88 19.32 3.47
CA TYR E 88 -6.18 19.27 2.18
C TYR E 88 -5.99 20.68 1.58
N ARG E 89 -6.98 21.55 1.74
CA ARG E 89 -6.86 22.93 1.29
C ARG E 89 -5.73 23.65 2.00
N GLU E 90 -5.54 23.36 3.29
CA GLU E 90 -4.47 24.04 4.00
C GLU E 90 -3.12 23.48 3.58
N LYS E 91 -3.09 22.20 3.26
CA LYS E 91 -1.83 21.57 2.87
C LYS E 91 -1.33 22.21 1.55
N ILE E 92 -2.28 22.39 0.62
CA ILE E 92 -2.03 23.13 -0.61
C ILE E 92 -1.69 24.61 -0.41
N GLU E 93 -2.45 25.30 0.43
CA GLU E 93 -2.14 26.69 0.79
C GLU E 93 -0.72 26.90 1.23
N LYS E 94 -0.21 26.04 2.12
CA LYS E 94 1.17 26.16 2.60
C LYS E 94 2.19 25.96 1.47
N GLU E 95 1.94 25.02 0.56
CA GLU E 95 2.83 24.88 -0.57
C GLU E 95 2.83 26.18 -1.36
N LEU E 96 1.64 26.73 -1.58
CA LEU E 96 1.48 27.92 -2.41
C LEU E 96 2.16 29.12 -1.75
N GLU E 97 1.96 29.28 -0.45
CA GLU E 97 2.60 30.34 0.29
C GLU E 97 4.13 30.21 0.26
N ALA E 98 4.62 28.97 0.35
CA ALA E 98 6.06 28.74 0.33
C ALA E 98 6.70 29.06 -1.03
N VAL E 99 6.01 28.78 -2.13
CA VAL E 99 6.53 29.21 -3.45
C VAL E 99 6.58 30.72 -3.60
N CYS E 100 5.46 31.38 -3.26
CA CYS E 100 5.41 32.82 -3.26
C CYS E 100 6.53 33.43 -2.41
N GLN E 101 6.73 32.93 -1.20
CA GLN E 101 7.82 33.41 -0.36
C GLN E 101 9.17 33.24 -1.02
N ASP E 102 9.32 32.17 -1.78
CA ASP E 102 10.60 31.89 -2.41
C ASP E 102 10.91 32.94 -3.49
N VAL E 103 9.94 33.21 -4.36
CA VAL E 103 10.10 34.23 -5.39
C VAL E 103 10.25 35.64 -4.84
N LEU E 104 9.37 36.02 -3.93
CA LEU E 104 9.41 37.38 -3.41
C LEU E 104 10.75 37.66 -2.77
N SER E 105 11.33 36.65 -2.10
CA SER E 105 12.63 36.83 -1.50
C SER E 105 13.66 37.09 -2.58
N LEU E 106 13.61 36.29 -3.64
CA LEU E 106 14.44 36.48 -4.83
C LEU E 106 14.29 37.86 -5.42
N LEU E 107 13.03 38.29 -5.51
CA LEU E 107 12.71 39.57 -6.12
C LEU E 107 13.28 40.70 -5.28
N ASP E 108 13.05 40.67 -3.97
CA ASP E 108 13.46 41.78 -3.12
C ASP E 108 14.97 41.85 -2.93
N ASN E 109 15.59 40.69 -2.82
CA ASN E 109 16.99 40.66 -2.42
C ASN E 109 18.00 40.36 -3.53
N TYR E 110 17.51 40.07 -4.72
CA TYR E 110 18.41 39.86 -5.84
C TYR E 110 18.00 40.63 -7.07
N LEU E 111 16.81 40.33 -7.57
CA LEU E 111 16.39 40.79 -8.88
C LEU E 111 16.11 42.29 -8.91
N ILE E 112 15.13 42.74 -8.13
CA ILE E 112 14.78 44.15 -8.13
C ILE E 112 16.00 44.96 -7.73
N LYS E 113 16.71 44.50 -6.72
CA LYS E 113 17.78 45.27 -6.10
C LYS E 113 18.86 45.67 -7.10
N ASN E 114 19.31 44.74 -7.92
CA ASN E 114 20.44 44.97 -8.82
C ASN E 114 20.08 45.68 -10.12
N CYS E 115 18.89 46.26 -10.19
CA CYS E 115 18.50 47.03 -11.36
C CYS E 115 19.08 48.45 -11.32
N SER E 116 19.97 48.77 -12.26
CA SER E 116 20.44 50.16 -12.40
C SER E 116 19.25 50.98 -12.88
N GLU E 117 19.37 52.29 -12.96
CA GLU E 117 18.12 53.04 -13.12
C GLU E 117 17.71 53.21 -14.59
N THR E 118 18.59 52.92 -15.53
CA THR E 118 18.17 52.92 -16.91
C THR E 118 17.64 51.57 -17.35
N GLN E 119 17.63 50.61 -16.45
CA GLN E 119 17.03 49.33 -16.71
C GLN E 119 15.55 49.29 -16.35
N TYR E 120 14.74 50.05 -17.05
CA TYR E 120 13.33 50.09 -16.80
C TYR E 120 12.66 48.79 -17.06
N GLU E 121 13.08 48.11 -18.08
CA GLU E 121 12.41 46.93 -18.52
C GLU E 121 12.42 45.83 -17.51
N SER E 122 13.56 45.62 -16.89
CA SER E 122 13.74 44.69 -15.77
C SER E 122 12.92 45.14 -14.58
N LYS E 123 13.04 46.42 -14.25
CA LYS E 123 12.39 46.93 -13.08
C LYS E 123 10.87 46.74 -13.19
N VAL E 124 10.28 47.02 -14.34
CA VAL E 124 8.83 46.87 -14.48
C VAL E 124 8.48 45.40 -14.45
N PHE E 125 9.29 44.60 -15.12
CA PHE E 125 9.06 43.15 -15.15
C PHE E 125 9.03 42.55 -13.75
N TYR E 126 10.06 42.86 -12.95
CA TYR E 126 10.18 42.33 -11.58
C TYR E 126 9.16 42.92 -10.62
N LEU E 127 8.90 44.20 -10.73
CA LEU E 127 7.89 44.81 -9.87
C LEU E 127 6.53 44.21 -10.19
N LYS E 128 6.29 43.92 -11.47
CA LYS E 128 5.02 43.29 -11.82
C LYS E 128 4.93 41.88 -11.27
N MET E 129 6.03 41.11 -11.35
CA MET E 129 6.07 39.80 -10.70
C MET E 129 5.78 39.89 -9.21
N LYS E 130 6.39 40.88 -8.57
CA LYS E 130 6.20 41.05 -7.16
C LYS E 130 4.73 41.30 -6.88
N GLY E 131 4.07 42.07 -7.75
CA GLY E 131 2.66 42.33 -7.58
C GLY E 131 1.82 41.11 -7.84
N ASP E 132 2.19 40.35 -8.87
CA ASP E 132 1.54 39.07 -9.18
C ASP E 132 1.55 38.14 -7.98
N TYR E 133 2.74 37.89 -7.42
CA TYR E 133 2.84 36.88 -6.37
C TYR E 133 2.24 37.32 -5.06
N TYR E 134 2.19 38.63 -4.81
CA TYR E 134 1.45 39.10 -3.63
C TYR E 134 -0.02 38.97 -3.91
N ARG E 135 -0.42 39.07 -5.17
CA ARG E 135 -1.82 38.84 -5.49
C ARG E 135 -2.15 37.37 -5.25
N TYR E 136 -1.22 36.46 -5.58
CA TYR E 136 -1.47 35.03 -5.41
C TYR E 136 -1.62 34.68 -3.95
N LEU E 137 -0.84 35.37 -3.09
CA LEU E 137 -0.97 35.22 -1.66
C LEU E 137 -2.37 35.68 -1.28
N ALA E 138 -2.76 36.83 -1.81
CA ALA E 138 -4.03 37.42 -1.41
C ALA E 138 -5.22 36.56 -1.81
N GLU E 139 -5.07 35.74 -2.83
CA GLU E 139 -6.18 34.87 -3.23
C GLU E 139 -6.57 33.86 -2.14
N VAL E 140 -5.66 33.55 -1.22
CA VAL E 140 -5.95 32.51 -0.22
C VAL E 140 -5.84 32.99 1.23
N ALA E 141 -5.44 34.24 1.43
CA ALA E 141 -5.34 34.82 2.77
C ALA E 141 -6.70 35.27 3.24
N THR E 142 -6.88 35.41 4.55
CA THR E 142 -8.13 35.89 5.10
C THR E 142 -7.85 36.96 6.16
N GLY E 143 -8.81 37.84 6.38
CA GLY E 143 -8.69 38.87 7.40
C GLY E 143 -7.39 39.67 7.46
N GLU E 144 -6.80 39.69 8.65
CA GLU E 144 -5.68 40.56 8.99
C GLU E 144 -4.52 40.42 8.01
N LYS E 145 -4.22 39.18 7.66
CA LYS E 145 -3.10 38.85 6.79
C LYS E 145 -3.44 39.17 5.32
N ARG E 146 -4.72 39.06 4.96
CA ARG E 146 -5.14 39.35 3.60
C ARG E 146 -4.90 40.80 3.24
N ALA E 147 -5.22 41.70 4.17
CA ALA E 147 -5.11 43.11 3.87
C ALA E 147 -3.64 43.51 3.72
N THR E 148 -2.75 42.83 4.43
CA THR E 148 -1.34 43.15 4.33
C THR E 148 -0.77 42.76 2.96
N VAL E 149 -1.21 41.64 2.40
CA VAL E 149 -0.63 41.26 1.14
C VAL E 149 -1.32 41.99 0.01
N VAL E 150 -2.60 42.35 0.19
CA VAL E 150 -3.28 43.14 -0.84
C VAL E 150 -2.53 44.46 -1.02
N GLU E 151 -2.20 45.07 0.11
CA GLU E 151 -1.51 46.35 0.11
C GLU E 151 -0.13 46.23 -0.51
N SER E 152 0.55 45.11 -0.30
CA SER E 152 1.90 44.94 -0.89
C SER E 152 1.80 44.73 -2.39
N SER E 153 0.67 44.20 -2.84
CA SER E 153 0.48 43.93 -4.25
C SER E 153 0.23 45.25 -4.93
N GLU E 154 -0.71 46.00 -4.37
CA GLU E 154 -0.98 47.35 -4.83
C GLU E 154 0.29 48.20 -4.95
N LYS E 155 1.09 48.20 -3.89
CA LYS E 155 2.30 49.00 -3.87
C LYS E 155 3.29 48.55 -4.95
N ALA E 156 3.31 47.24 -5.26
CA ALA E 156 4.22 46.73 -6.27
C ALA E 156 3.71 47.08 -7.66
N TYR E 157 2.43 46.88 -7.86
CA TYR E 157 1.84 47.19 -9.12
C TYR E 157 1.92 48.68 -9.43
N SER E 158 1.66 49.50 -8.44
CA SER E 158 1.69 50.94 -8.61
C SER E 158 3.06 51.45 -8.97
N GLU E 159 4.07 50.91 -8.34
CA GLU E 159 5.41 51.32 -8.59
C GLU E 159 5.81 50.96 -10.00
N ALA E 160 5.26 49.88 -10.50
CA ALA E 160 5.61 49.37 -11.82
C ALA E 160 4.86 50.16 -12.85
N HIS E 161 3.67 50.56 -12.50
CA HIS E 161 2.88 51.39 -13.35
C HIS E 161 3.49 52.75 -13.57
N GLU E 162 4.02 53.33 -12.53
CA GLU E 162 4.61 54.63 -12.63
C GLU E 162 5.78 54.65 -13.57
N ILE E 163 6.66 53.69 -13.45
CA ILE E 163 7.80 53.60 -14.36
C ILE E 163 7.34 53.25 -15.77
N SER E 164 6.31 52.41 -15.84
CA SER E 164 5.84 51.92 -17.12
C SER E 164 5.37 53.07 -18.00
N LYS E 165 4.48 53.91 -17.48
CA LYS E 165 3.89 54.94 -18.33
C LYS E 165 4.87 56.06 -18.67
N GLU E 166 5.91 56.21 -17.87
CA GLU E 166 6.93 57.20 -18.14
C GLU E 166 7.96 56.73 -19.16
N HIS E 167 8.28 55.43 -19.21
CA HIS E 167 9.39 54.97 -20.07
C HIS E 167 9.02 53.93 -21.11
N MET E 168 7.76 53.61 -21.19
CA MET E 168 7.33 52.59 -22.10
C MET E 168 6.22 53.05 -22.98
N GLN E 169 6.29 52.68 -24.24
CA GLN E 169 5.25 52.99 -25.17
C GLN E 169 4.02 52.18 -24.92
N PRO E 170 2.83 52.83 -25.23
CA PRO E 170 1.63 52.10 -24.84
C PRO E 170 1.46 50.72 -25.43
N THR E 171 2.14 50.41 -26.50
CA THR E 171 2.01 49.10 -27.13
C THR E 171 3.03 48.09 -26.60
N HIS E 172 3.93 48.55 -25.71
CA HIS E 172 4.98 47.69 -25.14
C HIS E 172 4.41 46.50 -24.41
N PRO E 173 4.81 45.28 -24.83
CA PRO E 173 4.25 44.06 -24.24
C PRO E 173 4.34 44.04 -22.70
N ILE E 174 5.45 44.48 -22.12
CA ILE E 174 5.54 44.49 -20.67
C ILE E 174 4.52 45.46 -20.06
N ARG E 175 4.39 46.63 -20.66
CA ARG E 175 3.44 47.62 -20.18
C ARG E 175 2.00 47.10 -20.22
N LEU E 176 1.65 46.46 -21.32
CA LEU E 176 0.29 45.96 -21.54
C LEU E 176 -0.05 44.87 -20.55
N GLY E 177 0.88 43.92 -20.38
CA GLY E 177 0.70 42.83 -19.44
C GLY E 177 0.52 43.35 -18.03
N LEU E 178 1.31 44.36 -17.65
CA LEU E 178 1.18 44.99 -16.35
C LEU E 178 -0.23 45.51 -16.15
N ALA E 179 -0.76 46.14 -17.19
CA ALA E 179 -2.13 46.63 -17.16
C ALA E 179 -3.11 45.47 -16.96
N LEU E 180 -2.96 44.42 -17.72
CA LEU E 180 -3.89 43.34 -17.63
C LEU E 180 -3.91 42.75 -16.26
N ASN E 181 -2.75 42.52 -15.69
CA ASN E 181 -2.67 41.95 -14.36
C ASN E 181 -3.16 42.85 -13.27
N TYR E 182 -2.85 44.13 -13.36
CA TYR E 182 -3.29 45.15 -12.44
C TYR E 182 -4.79 45.29 -12.46
N SER E 183 -5.38 45.20 -13.62
CA SER E 183 -6.81 45.26 -13.75
C SER E 183 -7.43 44.07 -13.11
N VAL E 184 -6.82 42.93 -13.30
CA VAL E 184 -7.32 41.72 -12.72
C VAL E 184 -7.23 41.87 -11.23
N PHE E 185 -6.16 42.47 -10.78
CA PHE E 185 -6.00 42.68 -9.34
C PHE E 185 -7.13 43.54 -8.79
N TYR E 186 -7.53 44.58 -9.49
CA TYR E 186 -8.68 45.37 -9.07
C TYR E 186 -10.00 44.65 -9.13
N TYR E 187 -10.24 43.95 -10.21
CA TYR E 187 -11.48 43.22 -10.33
C TYR E 187 -11.59 42.10 -9.30
N GLU E 188 -10.65 41.15 -9.33
CA GLU E 188 -10.73 39.95 -8.48
C GLU E 188 -10.41 40.24 -7.01
N ILE E 189 -9.38 41.03 -6.74
CA ILE E 189 -8.90 41.18 -5.37
C ILE E 189 -9.54 42.36 -4.62
N GLN E 190 -9.36 43.57 -5.12
CA GLN E 190 -9.94 44.74 -4.45
C GLN E 190 -11.46 44.83 -4.63
N ASN E 191 -11.97 44.01 -5.51
CA ASN E 191 -13.37 44.04 -5.80
C ASN E 191 -13.79 45.43 -6.14
N ALA E 192 -13.19 45.96 -7.19
CA ALA E 192 -13.49 47.28 -7.70
C ALA E 192 -13.68 47.15 -9.19
N PRO E 193 -14.91 46.61 -9.58
CA PRO E 193 -15.00 46.33 -11.02
C PRO E 193 -14.85 47.56 -11.85
N GLU E 194 -15.39 48.66 -11.38
CA GLU E 194 -15.38 49.87 -12.14
C GLU E 194 -13.94 50.26 -12.38
N GLN E 195 -13.15 50.22 -11.35
CA GLN E 195 -11.77 50.63 -11.45
C GLN E 195 -11.00 49.75 -12.39
N ALA E 196 -11.34 48.48 -12.39
CA ALA E 196 -10.72 47.51 -13.25
C ALA E 196 -10.99 47.77 -14.70
N CYS E 197 -12.20 48.18 -14.99
CA CYS E 197 -12.58 48.37 -16.39
C CYS E 197 -11.91 49.64 -16.89
N HIS E 198 -11.77 50.61 -16.01
CA HIS E 198 -11.14 51.87 -16.38
C HIS E 198 -9.67 51.66 -16.75
N LEU E 199 -8.95 50.89 -15.93
CA LEU E 199 -7.53 50.63 -16.17
C LEU E 199 -7.31 49.79 -17.42
N ALA E 200 -8.19 48.82 -17.63
CA ALA E 200 -8.07 47.95 -18.79
C ALA E 200 -8.44 48.68 -20.06
N LYS E 201 -9.44 49.56 -19.98
CA LYS E 201 -9.91 50.27 -21.17
C LYS E 201 -8.94 51.37 -21.54
N THR E 202 -8.49 52.13 -20.55
CA THR E 202 -7.44 53.12 -20.77
C THR E 202 -6.25 52.51 -21.52
N ALA E 203 -5.69 51.42 -20.99
CA ALA E 203 -4.50 50.81 -21.58
C ALA E 203 -4.76 50.18 -22.95
N PHE E 204 -5.96 49.67 -23.16
CA PHE E 204 -6.32 49.10 -24.45
C PHE E 204 -6.49 50.17 -25.52
N ASP E 205 -7.14 51.28 -25.16
CA ASP E 205 -7.37 52.40 -26.10
C ASP E 205 -6.05 53.01 -26.55
N ASP E 206 -5.22 53.39 -25.58
CA ASP E 206 -3.91 53.97 -25.84
C ASP E 206 -3.08 53.17 -26.86
N ALA E 207 -3.26 51.85 -26.87
CA ALA E 207 -2.47 50.98 -27.73
C ALA E 207 -2.96 50.92 -29.17
N ILE E 208 -4.26 50.95 -29.37
CA ILE E 208 -4.82 51.05 -30.69
C ILE E 208 -4.44 52.39 -31.28
N ALA E 209 -4.43 53.41 -30.46
CA ALA E 209 -4.19 54.73 -30.94
C ALA E 209 -2.86 54.74 -31.59
N GLU E 210 -1.93 54.00 -31.03
CA GLU E 210 -0.56 53.99 -31.50
C GLU E 210 -0.19 52.72 -32.19
N LEU E 211 -1.13 52.13 -32.89
CA LEU E 211 -0.96 50.79 -33.41
C LEU E 211 0.18 50.63 -34.41
N ASP E 212 0.69 51.73 -34.95
CA ASP E 212 1.80 51.65 -35.89
C ASP E 212 3.14 51.65 -35.18
N THR E 213 3.14 51.70 -33.87
CA THR E 213 4.38 51.58 -33.11
C THR E 213 4.98 50.21 -33.27
N LEU E 214 4.13 49.22 -33.44
CA LEU E 214 4.53 47.83 -33.47
C LEU E 214 5.29 47.37 -34.68
N ASN E 215 6.03 46.29 -34.53
CA ASN E 215 6.80 45.69 -35.61
C ASN E 215 6.92 44.19 -35.47
N GLU E 216 7.29 43.52 -36.53
CA GLU E 216 6.97 42.12 -36.64
C GLU E 216 7.40 41.43 -35.40
N ASP E 217 8.42 41.96 -34.78
CA ASP E 217 8.99 41.28 -33.64
C ASP E 217 8.03 41.10 -32.49
N SER E 218 7.32 42.15 -32.14
CA SER E 218 6.50 42.17 -30.92
C SER E 218 5.00 42.20 -31.21
N TYR E 219 4.62 42.34 -32.49
CA TYR E 219 3.21 42.46 -32.86
C TYR E 219 2.33 41.37 -32.27
N LYS E 220 2.74 40.11 -32.44
CA LYS E 220 2.00 39.01 -31.87
C LYS E 220 1.83 39.19 -30.36
N ASP E 221 2.92 39.43 -29.65
CA ASP E 221 2.88 39.49 -28.20
C ASP E 221 1.94 40.59 -27.73
N SER E 222 2.03 41.74 -28.38
CA SER E 222 1.25 42.91 -27.96
C SER E 222 -0.25 42.70 -28.18
N THR E 223 -0.60 42.13 -29.32
CA THR E 223 -2.01 42.02 -29.71
C THR E 223 -2.69 40.87 -28.98
N LEU E 224 -1.92 39.87 -28.60
CA LEU E 224 -2.38 38.82 -27.71
C LEU E 224 -2.86 39.44 -26.40
N ILE E 225 -1.99 40.24 -25.78
CA ILE E 225 -2.36 40.86 -24.51
C ILE E 225 -3.51 41.82 -24.72
N MET E 226 -3.49 42.55 -25.84
CA MET E 226 -4.56 43.48 -26.15
C MET E 226 -5.90 42.76 -26.25
N GLN E 227 -5.89 41.61 -26.91
CA GLN E 227 -7.09 40.79 -26.95
C GLN E 227 -7.60 40.41 -25.55
N LEU E 228 -6.71 39.99 -24.65
CA LEU E 228 -7.17 39.56 -23.32
C LEU E 228 -7.75 40.75 -22.56
N LEU E 229 -7.16 41.93 -22.77
CA LEU E 229 -7.71 43.15 -22.20
C LEU E 229 -9.15 43.34 -22.67
N ARG E 230 -9.44 42.87 -23.89
CA ARG E 230 -10.76 43.00 -24.49
C ARG E 230 -11.75 41.96 -23.97
N ASP E 231 -11.32 40.73 -23.90
CA ASP E 231 -12.16 39.68 -23.40
C ASP E 231 -12.60 39.94 -21.99
N ASN E 232 -11.69 40.42 -21.16
CA ASN E 232 -12.04 40.73 -19.81
C ASN E 232 -13.03 41.83 -19.79
N LEU E 233 -12.80 42.84 -20.60
CA LEU E 233 -13.62 44.02 -20.54
C LEU E 233 -15.02 43.67 -20.90
N THR E 234 -15.15 42.83 -21.89
CA THR E 234 -16.45 42.41 -22.31
C THR E 234 -17.05 41.67 -21.15
N LEU E 235 -16.27 40.80 -20.55
CA LEU E 235 -16.80 39.96 -19.52
C LEU E 235 -17.21 40.81 -18.38
N TRP E 236 -16.35 41.73 -18.02
CA TRP E 236 -16.59 42.52 -16.85
C TRP E 236 -17.80 43.43 -16.96
N THR E 237 -17.97 44.08 -18.09
CA THR E 237 -19.10 44.95 -18.26
C THR E 237 -20.34 44.12 -18.21
N SER E 238 -20.31 43.00 -18.91
CA SER E 238 -21.48 42.14 -18.95
C SER E 238 -22.03 41.94 -17.55
N GLN F 6 0.11 2.71 -29.19
CA GLN F 6 -0.75 3.26 -28.15
C GLN F 6 -1.49 2.19 -27.32
N SEP F 7 -1.59 2.43 -26.03
CA SEP F 7 -1.95 1.43 -25.07
CB SEP F 7 -0.81 1.19 -24.10
OG SEP F 7 -0.18 2.39 -23.74
C SEP F 7 -3.15 1.90 -24.39
O SEP F 7 -3.51 3.04 -24.54
P SEP F 7 0.69 2.55 -22.49
O1P SEP F 7 1.98 2.36 -23.09
O2P SEP F 7 0.20 1.54 -21.62
O3P SEP F 7 0.45 3.89 -22.01
N VAL F 8 -3.76 1.08 -23.57
CA VAL F 8 -5.03 1.44 -22.99
C VAL F 8 -4.78 2.69 -22.20
N LEU F 9 -5.75 3.61 -22.24
CA LEU F 9 -5.65 4.90 -21.56
C LEU F 9 -6.84 5.14 -20.64
N ASN F 10 -6.80 4.54 -19.45
CA ASN F 10 -7.78 4.78 -18.38
C ASN F 10 -9.25 4.73 -18.83
N LYS F 32 -11.72 37.34 -16.42
CA LYS F 32 -11.13 36.18 -15.76
C LYS F 32 -9.59 36.14 -15.92
N VAL F 33 -9.12 35.67 -17.06
CA VAL F 33 -7.73 35.36 -17.26
C VAL F 33 -6.73 36.50 -17.13
N SEP F 34 -5.60 36.19 -16.51
CA SEP F 34 -4.48 37.08 -16.45
CB SEP F 34 -3.81 36.95 -15.11
OG SEP F 34 -3.62 35.59 -14.87
C SEP F 34 -3.52 36.78 -17.54
O SEP F 34 -3.79 35.97 -18.42
P SEP F 34 -3.02 35.14 -13.54
O1P SEP F 34 -1.96 36.06 -13.35
O2P SEP F 34 -4.13 35.25 -12.64
O3P SEP F 34 -2.60 33.80 -13.79
N LEU F 35 -2.38 37.42 -17.52
CA LEU F 35 -1.43 37.29 -18.58
C LEU F 35 -0.98 35.86 -18.67
N ALA F 36 -0.89 35.33 -19.87
CA ALA F 36 -0.58 33.90 -20.09
C ALA F 36 0.93 33.61 -19.94
N PRO F 37 1.28 32.40 -19.43
CA PRO F 37 2.71 32.05 -19.29
C PRO F 37 3.27 31.35 -20.52
N VAL G 5 -16.63 -9.67 14.84
CA VAL G 5 -16.09 -8.47 14.20
C VAL G 5 -17.01 -7.27 14.41
N ASP G 6 -17.82 -6.99 13.40
CA ASP G 6 -18.70 -5.83 13.38
C ASP G 6 -20.17 -6.21 13.25
N ARG G 7 -20.98 -5.72 14.16
CA ARG G 7 -22.27 -6.29 14.25
C ARG G 7 -22.74 -6.25 12.83
N GLU G 8 -22.58 -5.12 12.20
CA GLU G 8 -23.13 -4.95 10.88
C GLU G 8 -22.80 -6.18 10.08
N GLN G 9 -21.57 -6.67 10.26
CA GLN G 9 -21.05 -7.83 9.58
C GLN G 9 -21.69 -9.13 9.98
N LEU G 10 -21.89 -9.28 11.29
CA LEU G 10 -22.23 -10.55 11.86
C LEU G 10 -23.49 -10.97 11.20
N VAL G 11 -24.36 -10.01 10.96
CA VAL G 11 -25.60 -10.30 10.33
C VAL G 11 -25.27 -10.89 8.98
N GLN G 12 -24.26 -10.37 8.33
CA GLN G 12 -23.99 -10.84 6.97
C GLN G 12 -23.65 -12.34 7.00
N LYS G 13 -22.90 -12.74 8.04
CA LYS G 13 -22.63 -14.16 8.30
C LYS G 13 -23.95 -14.88 8.45
N ALA G 14 -24.75 -14.38 9.39
CA ALA G 14 -26.06 -14.91 9.69
C ALA G 14 -26.95 -15.04 8.45
N ARG G 15 -26.91 -14.06 7.56
CA ARG G 15 -27.79 -14.09 6.39
C ARG G 15 -27.23 -15.00 5.30
N LEU G 16 -25.91 -15.20 5.34
CA LEU G 16 -25.25 -16.16 4.46
C LEU G 16 -25.54 -17.58 4.91
N ALA G 17 -25.33 -17.80 6.21
CA ALA G 17 -25.69 -19.05 6.88
C ALA G 17 -27.09 -19.55 6.47
N GLU G 18 -28.09 -18.70 6.63
CA GLU G 18 -29.46 -19.06 6.24
C GLU G 18 -29.56 -19.41 4.75
N GLN G 19 -28.78 -18.74 3.93
CA GLN G 19 -28.77 -19.08 2.51
C GLN G 19 -28.08 -20.42 2.37
N ALA G 20 -26.99 -20.60 3.13
CA ALA G 20 -26.22 -21.84 3.12
C ALA G 20 -27.02 -23.02 3.69
N GLU G 21 -28.07 -22.71 4.44
CA GLU G 21 -28.84 -23.67 5.24
C GLU G 21 -27.92 -24.28 6.27
N ARG G 22 -27.16 -23.42 6.94
CA ARG G 22 -26.17 -23.86 7.91
C ARG G 22 -26.47 -23.19 9.22
N TYR G 23 -27.63 -23.56 9.75
CA TYR G 23 -28.26 -22.87 10.86
C TYR G 23 -27.50 -22.93 12.20
N ASP G 24 -26.55 -23.83 12.33
CA ASP G 24 -25.72 -23.80 13.54
C ASP G 24 -24.83 -22.58 13.48
N ASP G 25 -24.33 -22.33 12.27
CA ASP G 25 -23.52 -21.15 11.97
C ASP G 25 -24.32 -19.90 12.29
N MET G 26 -25.50 -19.80 11.67
CA MET G 26 -26.40 -18.65 11.83
C MET G 26 -26.69 -18.30 13.30
N ALA G 27 -27.07 -19.30 14.09
CA ALA G 27 -27.38 -19.05 15.49
C ALA G 27 -26.16 -18.55 16.24
N ALA G 28 -25.00 -18.99 15.78
CA ALA G 28 -23.77 -18.64 16.43
C ALA G 28 -23.54 -17.18 16.34
N ALA G 29 -23.75 -16.63 15.16
CA ALA G 29 -23.51 -15.23 14.98
C ALA G 29 -24.47 -14.40 15.78
N MET G 30 -25.75 -14.68 15.61
CA MET G 30 -26.77 -13.89 16.30
C MET G 30 -26.69 -14.01 17.81
N LYS G 31 -26.13 -15.12 18.29
CA LYS G 31 -25.88 -15.25 19.71
C LYS G 31 -24.99 -14.10 20.13
N ASN G 32 -23.91 -13.93 19.39
CA ASN G 32 -22.92 -12.94 19.70
C ASN G 32 -23.50 -11.57 19.68
N VAL G 33 -24.26 -11.28 18.65
CA VAL G 33 -24.78 -9.96 18.48
C VAL G 33 -25.61 -9.66 19.69
N THR G 34 -26.38 -10.62 20.12
CA THR G 34 -27.25 -10.43 21.24
C THR G 34 -26.42 -10.11 22.44
N GLU G 35 -25.26 -10.72 22.43
CA GLU G 35 -24.31 -10.65 23.49
C GLU G 35 -23.82 -9.23 23.62
N LEU G 36 -23.80 -8.53 22.50
CA LEU G 36 -23.23 -7.21 22.48
C LEU G 36 -24.01 -6.38 23.45
N ASN G 37 -25.29 -6.68 23.58
CA ASN G 37 -26.20 -5.97 24.45
C ASN G 37 -26.83 -4.76 23.81
N GLU G 38 -26.68 -4.62 22.50
CA GLU G 38 -27.32 -3.53 21.81
C GLU G 38 -28.58 -4.05 21.16
N PRO G 39 -29.72 -3.54 21.58
CA PRO G 39 -30.95 -4.27 21.27
C PRO G 39 -31.22 -4.40 19.81
N LEU G 40 -32.18 -5.23 19.43
CA LEU G 40 -32.25 -5.83 18.11
C LEU G 40 -33.39 -5.35 17.24
N SER G 41 -33.06 -5.21 15.97
CA SER G 41 -33.97 -4.71 15.00
C SER G 41 -34.84 -5.84 14.64
N ASN G 42 -35.94 -5.54 14.02
CA ASN G 42 -36.88 -6.54 13.64
C ASN G 42 -36.30 -7.52 12.66
N GLU G 43 -35.37 -7.08 11.82
CA GLU G 43 -34.69 -8.00 10.94
C GLU G 43 -33.77 -8.87 11.79
N GLU G 44 -33.10 -8.24 12.73
CA GLU G 44 -32.14 -8.92 13.55
C GLU G 44 -32.85 -9.98 14.35
N ARG G 45 -33.99 -9.66 14.91
CA ARG G 45 -34.72 -10.63 15.69
C ARG G 45 -35.16 -11.78 14.84
N ASN G 46 -35.67 -11.49 13.68
CA ASN G 46 -36.24 -12.53 12.88
C ASN G 46 -35.19 -13.52 12.57
N LEU G 47 -33.99 -13.04 12.29
CA LEU G 47 -32.90 -13.91 11.99
C LEU G 47 -32.62 -14.75 13.19
N LEU G 48 -32.64 -14.13 14.36
CA LEU G 48 -32.34 -14.87 15.54
C LEU G 48 -33.33 -15.99 15.74
N SER G 49 -34.60 -15.70 15.55
CA SER G 49 -35.62 -16.71 15.75
C SER G 49 -35.54 -17.83 14.76
N VAL G 50 -35.33 -17.50 13.51
CA VAL G 50 -35.23 -18.50 12.49
C VAL G 50 -34.04 -19.38 12.73
N ALA G 51 -33.00 -18.82 13.30
CA ALA G 51 -31.80 -19.54 13.57
C ALA G 51 -32.05 -20.65 14.55
N TYR G 52 -32.39 -20.28 15.75
CA TYR G 52 -32.60 -21.23 16.79
C TYR G 52 -33.75 -22.18 16.45
N LYS G 53 -34.78 -21.68 15.82
CA LYS G 53 -35.89 -22.51 15.43
C LYS G 53 -35.49 -23.69 14.58
N ASN G 54 -34.54 -23.50 13.68
CA ASN G 54 -34.08 -24.61 12.84
C ASN G 54 -33.05 -25.49 13.56
N VAL G 55 -32.41 -24.94 14.59
CA VAL G 55 -31.41 -25.68 15.33
C VAL G 55 -32.13 -26.64 16.28
N VAL G 56 -32.99 -26.07 17.12
CA VAL G 56 -33.81 -26.87 18.01
C VAL G 56 -34.79 -27.73 17.21
N GLY G 57 -35.22 -27.22 16.05
CA GLY G 57 -36.17 -27.93 15.23
C GLY G 57 -35.60 -29.20 14.66
N ALA G 58 -34.29 -29.24 14.45
CA ALA G 58 -33.73 -30.48 13.93
C ALA G 58 -33.52 -31.51 15.04
N ARG G 59 -33.31 -31.03 16.26
CA ARG G 59 -33.27 -31.89 17.45
C ARG G 59 -34.65 -32.47 17.78
N ARG G 60 -35.65 -31.60 17.85
CA ARG G 60 -37.04 -32.01 18.02
C ARG G 60 -37.41 -33.10 17.02
N SER G 61 -36.95 -32.96 15.80
CA SER G 61 -37.39 -33.87 14.76
C SER G 61 -36.70 -35.22 14.93
N SER G 62 -35.41 -35.16 15.25
CA SER G 62 -34.63 -36.36 15.50
C SER G 62 -35.19 -37.08 16.71
N TRP G 63 -35.47 -36.33 17.77
CA TRP G 63 -36.01 -36.85 19.00
C TRP G 63 -37.38 -37.51 18.81
N ARG G 64 -38.24 -36.95 17.98
CA ARG G 64 -39.56 -37.55 17.78
C ARG G 64 -39.38 -38.87 17.02
N VAL G 65 -38.44 -38.91 16.09
CA VAL G 65 -38.17 -40.11 15.31
C VAL G 65 -37.56 -41.23 16.17
N ILE G 66 -36.57 -40.88 16.99
CA ILE G 66 -35.90 -41.88 17.84
C ILE G 66 -36.88 -42.38 18.92
N SER G 67 -37.64 -41.48 19.54
CA SER G 67 -38.71 -41.87 20.46
C SER G 67 -39.69 -42.87 19.90
N SER G 68 -39.93 -42.80 18.60
CA SER G 68 -40.95 -43.63 17.99
C SER G 68 -40.36 -45.02 17.78
N ILE G 69 -39.09 -45.02 17.37
CA ILE G 69 -38.37 -46.26 17.23
C ILE G 69 -38.13 -46.92 18.60
N GLU G 70 -37.82 -46.11 19.61
CA GLU G 70 -37.60 -46.62 20.96
C GLU G 70 -38.85 -47.30 21.49
N GLN G 71 -40.00 -46.67 21.27
CA GLN G 71 -41.26 -47.26 21.64
C GLN G 71 -41.55 -48.58 20.90
N LYS G 72 -41.24 -48.65 19.62
CA LYS G 72 -41.47 -49.89 18.92
C LYS G 72 -40.50 -50.98 19.39
N THR G 73 -39.26 -50.63 19.67
CA THR G 73 -38.32 -51.65 20.10
C THR G 73 -38.65 -52.08 21.54
N SER G 74 -39.16 -51.14 22.33
CA SER G 74 -39.65 -51.41 23.67
C SER G 74 -40.74 -52.48 23.72
N ALA G 75 -41.76 -52.31 22.90
CA ALA G 75 -42.82 -53.29 22.74
C ALA G 75 -42.26 -54.65 22.30
N ASP G 76 -41.29 -54.63 21.40
CA ASP G 76 -40.70 -55.86 20.91
C ASP G 76 -39.97 -56.57 22.06
N GLY G 77 -39.48 -55.78 22.99
CA GLY G 77 -39.01 -56.24 24.25
C GLY G 77 -37.56 -56.50 24.55
N ASN G 78 -36.70 -56.54 23.56
CA ASN G 78 -35.34 -56.92 23.82
C ASN G 78 -34.63 -55.84 24.56
N GLU G 79 -34.19 -56.20 25.74
CA GLU G 79 -33.65 -55.29 26.71
C GLU G 79 -32.38 -54.62 26.22
N LYS G 80 -31.57 -55.33 25.47
CA LYS G 80 -30.27 -54.78 25.10
C LYS G 80 -30.40 -53.75 23.97
N LYS G 81 -31.21 -54.07 22.96
CA LYS G 81 -31.60 -53.11 21.94
C LYS G 81 -32.32 -51.88 22.53
N ILE G 82 -33.20 -52.08 23.52
CA ILE G 82 -33.88 -50.95 24.14
C ILE G 82 -32.91 -49.93 24.73
N GLU G 83 -31.96 -50.37 25.50
CA GLU G 83 -31.11 -49.42 26.14
C GLU G 83 -30.28 -48.66 25.16
N MET G 84 -30.04 -49.28 24.03
CA MET G 84 -29.34 -48.65 22.93
C MET G 84 -30.09 -47.50 22.29
N VAL G 85 -31.36 -47.70 22.02
CA VAL G 85 -32.18 -46.67 21.47
C VAL G 85 -32.38 -45.66 22.52
N ARG G 86 -32.51 -46.11 23.73
CA ARG G 86 -32.83 -45.18 24.80
C ARG G 86 -31.65 -44.24 25.05
N ALA G 87 -30.43 -44.74 24.91
CA ALA G 87 -29.27 -43.88 25.08
C ALA G 87 -29.14 -42.84 23.95
N TYR G 88 -29.40 -43.24 22.70
CA TYR G 88 -29.36 -42.31 21.58
C TYR G 88 -30.43 -41.24 21.77
N ARG G 89 -31.61 -41.64 22.23
CA ARG G 89 -32.63 -40.67 22.55
C ARG G 89 -32.10 -39.69 23.59
N GLU G 90 -31.45 -40.20 24.63
CA GLU G 90 -31.05 -39.30 25.70
C GLU G 90 -29.90 -38.40 25.25
N LYS G 91 -29.19 -38.85 24.21
CA LYS G 91 -28.11 -38.05 23.63
C LYS G 91 -28.74 -36.86 22.90
N ILE G 92 -29.59 -37.16 21.94
CA ILE G 92 -30.35 -36.16 21.20
C ILE G 92 -31.05 -35.20 22.13
N GLU G 93 -31.54 -35.74 23.24
CA GLU G 93 -32.27 -34.95 24.21
C GLU G 93 -31.36 -33.91 24.90
N LYS G 94 -30.10 -34.26 25.16
CA LYS G 94 -29.21 -33.36 25.88
C LYS G 94 -28.75 -32.22 24.96
N GLU G 95 -28.65 -32.48 23.67
CA GLU G 95 -28.39 -31.41 22.72
C GLU G 95 -29.58 -30.45 22.73
N LEU G 96 -30.78 -31.01 22.58
CA LEU G 96 -32.02 -30.23 22.56
C LEU G 96 -32.14 -29.37 23.80
N GLU G 97 -31.83 -29.93 24.96
CA GLU G 97 -31.99 -29.16 26.19
C GLU G 97 -30.91 -28.08 26.28
N ALA G 98 -29.77 -28.29 25.66
CA ALA G 98 -28.73 -27.30 25.65
C ALA G 98 -29.12 -26.07 24.91
N VAL G 99 -29.65 -26.28 23.74
CA VAL G 99 -30.00 -25.21 22.88
C VAL G 99 -31.03 -24.35 23.56
N CYS G 100 -32.00 -24.97 24.19
CA CYS G 100 -33.07 -24.21 24.77
C CYS G 100 -32.62 -23.37 25.91
N GLN G 101 -31.46 -23.68 26.44
CA GLN G 101 -31.07 -23.13 27.70
C GLN G 101 -30.24 -21.91 27.51
N ASP G 102 -29.46 -21.90 26.46
CA ASP G 102 -28.79 -20.70 26.15
C ASP G 102 -29.75 -19.68 25.60
N VAL G 103 -30.62 -20.09 24.69
CA VAL G 103 -31.54 -19.15 24.11
C VAL G 103 -32.38 -18.62 25.23
N LEU G 104 -32.73 -19.46 26.16
CA LEU G 104 -33.48 -19.02 27.31
C LEU G 104 -32.67 -18.02 28.08
N SER G 105 -31.37 -18.23 28.16
CA SER G 105 -30.50 -17.28 28.82
C SER G 105 -30.38 -15.96 28.07
N LEU G 106 -30.26 -16.06 26.75
CA LEU G 106 -30.13 -14.89 25.95
C LEU G 106 -31.35 -14.06 26.19
N LEU G 107 -32.51 -14.67 26.21
CA LEU G 107 -33.73 -13.88 26.37
C LEU G 107 -33.74 -13.22 27.73
N ASP G 108 -33.39 -13.97 28.77
CA ASP G 108 -33.45 -13.41 30.12
C ASP G 108 -32.36 -12.35 30.34
N ASN G 109 -31.14 -12.70 30.04
CA ASN G 109 -30.02 -11.80 30.18
C ASN G 109 -29.94 -10.56 29.30
N TYR G 110 -30.29 -10.69 28.03
CA TYR G 110 -30.30 -9.52 27.17
C TYR G 110 -31.68 -9.11 26.76
N LEU G 111 -32.27 -9.84 25.84
CA LEU G 111 -33.35 -9.35 25.01
C LEU G 111 -34.58 -8.87 25.72
N ILE G 112 -35.04 -9.59 26.70
CA ILE G 112 -36.20 -9.19 27.48
C ILE G 112 -35.91 -8.00 28.38
N LYS G 113 -34.73 -8.04 29.01
CA LYS G 113 -34.30 -7.00 29.96
C LYS G 113 -34.19 -5.60 29.34
N ASN G 114 -33.57 -5.52 28.18
CA ASN G 114 -33.46 -4.27 27.46
C ASN G 114 -34.66 -4.03 26.59
N CYS G 115 -35.82 -3.96 27.20
CA CYS G 115 -37.02 -3.67 26.48
C CYS G 115 -37.60 -2.53 27.21
N SER G 116 -37.87 -1.45 26.51
CA SER G 116 -38.43 -0.30 27.16
C SER G 116 -39.90 -0.54 27.44
N GLU G 117 -40.45 0.22 28.37
CA GLU G 117 -41.88 0.12 28.66
C GLU G 117 -42.80 0.24 27.44
N THR G 118 -42.27 0.83 26.39
CA THR G 118 -43.03 1.11 25.18
C THR G 118 -42.73 0.20 24.03
N GLN G 119 -41.72 -0.64 24.16
CA GLN G 119 -41.39 -1.56 23.09
C GLN G 119 -42.22 -2.82 23.23
N TYR G 120 -43.51 -2.65 23.09
CA TYR G 120 -44.47 -3.68 23.37
C TYR G 120 -44.30 -4.85 22.45
N GLU G 121 -44.04 -4.59 21.19
CA GLU G 121 -43.91 -5.64 20.23
C GLU G 121 -42.76 -6.55 20.54
N SER G 122 -41.68 -5.98 21.02
CA SER G 122 -40.50 -6.72 21.39
C SER G 122 -40.76 -7.58 22.64
N LYS G 123 -41.33 -6.99 23.70
CA LYS G 123 -41.66 -7.78 24.89
C LYS G 123 -42.48 -9.04 24.58
N VAL G 124 -43.55 -8.87 23.80
CA VAL G 124 -44.43 -9.98 23.49
C VAL G 124 -43.70 -11.04 22.66
N PHE G 125 -42.85 -10.60 21.73
CA PHE G 125 -42.07 -11.48 20.89
C PHE G 125 -41.09 -12.35 21.68
N TYR G 126 -40.52 -11.75 22.73
CA TYR G 126 -39.50 -12.41 23.53
C TYR G 126 -40.14 -13.30 24.58
N LEU G 127 -41.16 -12.77 25.27
CA LEU G 127 -41.99 -13.59 26.17
C LEU G 127 -42.60 -14.81 25.48
N LYS G 128 -43.00 -14.67 24.23
CA LYS G 128 -43.49 -15.80 23.46
C LYS G 128 -42.34 -16.74 23.06
N MET G 129 -41.14 -16.21 22.86
CA MET G 129 -39.98 -17.09 22.62
C MET G 129 -39.63 -17.89 23.85
N LYS G 130 -39.60 -17.20 24.99
CA LYS G 130 -39.44 -17.82 26.29
C LYS G 130 -40.47 -18.96 26.41
N GLY G 131 -41.74 -18.60 26.21
CA GLY G 131 -42.82 -19.57 26.25
C GLY G 131 -42.54 -20.76 25.35
N ASP G 132 -42.05 -20.50 24.15
CA ASP G 132 -41.84 -21.56 23.18
C ASP G 132 -40.73 -22.50 23.60
N TYR G 133 -39.70 -21.98 24.25
CA TYR G 133 -38.50 -22.80 24.43
C TYR G 133 -38.61 -23.56 25.74
N TYR G 134 -39.36 -23.00 26.70
CA TYR G 134 -39.81 -23.81 27.83
C TYR G 134 -40.78 -24.91 27.36
N ARG G 135 -41.54 -24.64 26.31
CA ARG G 135 -42.46 -25.63 25.79
C ARG G 135 -41.66 -26.73 25.08
N TYR G 136 -40.52 -26.41 24.49
CA TYR G 136 -39.73 -27.46 23.83
C TYR G 136 -39.04 -28.32 24.87
N LEU G 137 -38.70 -27.70 26.01
CA LEU G 137 -38.21 -28.42 27.16
C LEU G 137 -39.26 -29.39 27.70
N ALA G 138 -40.47 -28.87 27.92
CA ALA G 138 -41.58 -29.68 28.41
C ALA G 138 -41.86 -30.91 27.55
N GLU G 139 -41.79 -30.76 26.23
CA GLU G 139 -42.00 -31.87 25.30
C GLU G 139 -41.16 -33.10 25.61
N VAL G 140 -39.98 -32.93 26.20
CA VAL G 140 -39.06 -34.05 26.37
C VAL G 140 -38.82 -34.37 27.85
N ALA G 141 -39.45 -33.62 28.73
CA ALA G 141 -39.26 -33.78 30.16
C ALA G 141 -40.29 -34.70 30.80
N THR G 142 -39.91 -35.31 31.92
CA THR G 142 -40.78 -36.20 32.68
C THR G 142 -40.72 -35.86 34.15
N GLY G 143 -41.77 -36.19 34.89
CA GLY G 143 -41.78 -36.04 36.33
C GLY G 143 -41.70 -34.62 36.80
N GLU G 144 -40.91 -34.42 37.85
CA GLU G 144 -40.82 -33.11 38.48
C GLU G 144 -40.09 -32.11 37.60
N LYS G 145 -39.15 -32.60 36.78
CA LYS G 145 -38.36 -31.71 35.93
C LYS G 145 -39.28 -31.04 34.92
N ARG G 146 -40.37 -31.74 34.57
CA ARG G 146 -41.37 -31.25 33.61
C ARG G 146 -42.33 -30.23 34.20
N ALA G 147 -42.73 -30.44 35.47
CA ALA G 147 -43.63 -29.52 36.16
C ALA G 147 -43.02 -28.13 36.25
N THR G 148 -41.73 -28.08 36.50
CA THR G 148 -41.02 -26.81 36.59
C THR G 148 -41.12 -26.09 35.23
N VAL G 149 -40.65 -26.71 34.15
CA VAL G 149 -40.66 -26.03 32.85
C VAL G 149 -42.07 -25.76 32.30
N VAL G 150 -43.00 -26.67 32.51
CA VAL G 150 -44.36 -26.45 32.08
C VAL G 150 -44.89 -25.14 32.69
N GLU G 151 -44.61 -24.95 33.99
CA GLU G 151 -45.11 -23.78 34.72
C GLU G 151 -44.46 -22.50 34.23
N SER G 152 -43.21 -22.62 33.78
CA SER G 152 -42.41 -21.50 33.29
C SER G 152 -42.84 -21.07 31.89
N SER G 153 -43.18 -22.05 31.07
CA SER G 153 -43.71 -21.80 29.74
C SER G 153 -45.02 -21.02 29.82
N GLU G 154 -45.87 -21.42 30.75
CA GLU G 154 -47.18 -20.80 30.91
C GLU G 154 -47.05 -19.36 31.42
N LYS G 155 -46.18 -19.14 32.40
CA LYS G 155 -45.92 -17.81 32.95
C LYS G 155 -45.53 -16.81 31.84
N ALA G 156 -44.53 -17.18 31.04
CA ALA G 156 -44.12 -16.41 29.88
C ALA G 156 -45.29 -16.14 28.94
N TYR G 157 -46.01 -17.18 28.55
CA TYR G 157 -47.11 -17.02 27.61
C TYR G 157 -48.18 -16.06 28.17
N SER G 158 -48.58 -16.28 29.43
CA SER G 158 -49.64 -15.50 30.06
C SER G 158 -49.25 -14.03 30.15
N GLU G 159 -47.96 -13.78 30.25
CA GLU G 159 -47.45 -12.42 30.31
C GLU G 159 -47.59 -11.74 28.94
N ALA G 160 -47.15 -12.43 27.89
CA ALA G 160 -47.20 -11.90 26.55
C ALA G 160 -48.65 -11.62 26.17
N HIS G 161 -49.53 -12.46 26.67
CA HIS G 161 -50.94 -12.37 26.35
C HIS G 161 -51.57 -11.13 26.98
N GLU G 162 -51.30 -10.89 28.27
CA GLU G 162 -51.72 -9.66 28.94
C GLU G 162 -51.24 -8.43 28.18
N ILE G 163 -49.94 -8.36 27.94
CA ILE G 163 -49.35 -7.24 27.20
C ILE G 163 -49.95 -7.06 25.81
N SER G 164 -50.09 -8.16 25.06
CA SER G 164 -50.58 -8.04 23.68
C SER G 164 -52.08 -7.72 23.65
N LYS G 165 -52.83 -8.14 24.66
CA LYS G 165 -54.25 -7.82 24.70
C LYS G 165 -54.46 -6.36 25.05
N GLU G 166 -53.54 -5.79 25.80
CA GLU G 166 -53.66 -4.39 26.21
C GLU G 166 -53.18 -3.42 25.13
N HIS G 167 -52.07 -3.74 24.45
CA HIS G 167 -51.36 -2.76 23.63
C HIS G 167 -51.30 -3.02 22.13
N MET G 168 -51.76 -4.18 21.67
CA MET G 168 -51.60 -4.49 20.26
C MET G 168 -52.93 -4.82 19.56
N GLN G 169 -53.01 -4.57 18.25
CA GLN G 169 -54.24 -4.88 17.51
C GLN G 169 -54.47 -6.39 17.41
N PRO G 170 -55.73 -6.79 17.41
CA PRO G 170 -56.06 -8.21 17.26
C PRO G 170 -55.61 -8.79 15.92
N THR G 171 -55.23 -7.95 14.96
CA THR G 171 -54.76 -8.47 13.68
C THR G 171 -53.24 -8.43 13.57
N HIS G 172 -52.58 -7.89 14.58
CA HIS G 172 -51.10 -7.87 14.59
C HIS G 172 -50.54 -9.29 14.65
N PRO G 173 -49.75 -9.66 13.62
CA PRO G 173 -49.08 -10.95 13.40
C PRO G 173 -48.41 -11.52 14.65
N ILE G 174 -47.91 -10.66 15.52
CA ILE G 174 -47.24 -11.12 16.73
C ILE G 174 -48.28 -11.59 17.75
N ARG G 175 -49.36 -10.83 17.91
CA ARG G 175 -50.43 -11.25 18.79
C ARG G 175 -51.13 -12.54 18.27
N LEU G 176 -51.25 -12.68 16.96
CA LEU G 176 -51.87 -13.86 16.40
C LEU G 176 -50.99 -15.08 16.66
N GLY G 177 -49.73 -14.97 16.24
CA GLY G 177 -48.71 -15.95 16.51
C GLY G 177 -48.62 -16.35 17.98
N LEU G 178 -48.74 -15.39 18.90
CA LEU G 178 -48.72 -15.73 20.30
C LEU G 178 -49.93 -16.61 20.63
N ALA G 179 -51.09 -16.23 20.12
CA ALA G 179 -52.31 -16.97 20.41
C ALA G 179 -52.22 -18.41 19.86
N LEU G 180 -51.79 -18.54 18.61
CA LEU G 180 -51.51 -19.83 18.01
C LEU G 180 -50.67 -20.76 18.90
N ASN G 181 -49.47 -20.30 19.25
CA ASN G 181 -48.51 -21.10 20.02
C ASN G 181 -48.91 -21.31 21.49
N TYR G 182 -49.57 -20.33 22.08
CA TYR G 182 -50.06 -20.48 23.46
C TYR G 182 -51.14 -21.57 23.48
N SER G 183 -51.93 -21.64 22.42
CA SER G 183 -53.04 -22.57 22.38
C SER G 183 -52.51 -23.96 22.12
N VAL G 184 -51.53 -24.07 21.23
CA VAL G 184 -50.82 -25.33 21.03
C VAL G 184 -50.21 -25.80 22.35
N PHE G 185 -49.82 -24.85 23.20
CA PHE G 185 -49.31 -25.19 24.52
C PHE G 185 -50.39 -25.89 25.33
N TYR G 186 -51.56 -25.28 25.39
CA TYR G 186 -52.68 -25.87 26.11
C TYR G 186 -53.08 -27.25 25.56
N TYR G 187 -53.05 -27.41 24.24
CA TYR G 187 -53.41 -28.67 23.64
C TYR G 187 -52.32 -29.74 23.87
N GLU G 188 -51.13 -29.54 23.31
CA GLU G 188 -50.08 -30.58 23.29
C GLU G 188 -49.42 -30.83 24.65
N ILE G 189 -49.33 -29.82 25.51
CA ILE G 189 -48.58 -29.98 26.75
C ILE G 189 -49.49 -30.15 27.95
N GLN G 190 -50.54 -29.34 28.05
CA GLN G 190 -51.44 -29.37 29.22
C GLN G 190 -52.57 -30.34 29.05
N ASN G 191 -52.69 -30.88 27.84
CA ASN G 191 -53.74 -31.82 27.49
C ASN G 191 -55.10 -31.26 27.86
N ALA G 192 -55.34 -30.02 27.44
CA ALA G 192 -56.55 -29.29 27.81
C ALA G 192 -57.19 -28.68 26.57
N PRO G 193 -57.76 -29.52 25.69
CA PRO G 193 -58.28 -29.07 24.40
C PRO G 193 -59.37 -28.01 24.53
N GLU G 194 -60.10 -28.01 25.64
CA GLU G 194 -61.11 -26.99 25.90
C GLU G 194 -60.48 -25.60 25.90
N GLN G 195 -59.51 -25.39 26.79
CA GLN G 195 -58.83 -24.10 26.88
C GLN G 195 -58.12 -23.71 25.58
N ALA G 196 -57.58 -24.71 24.89
CA ALA G 196 -56.83 -24.50 23.66
C ALA G 196 -57.72 -24.00 22.53
N CYS G 197 -58.89 -24.64 22.38
CA CYS G 197 -59.84 -24.20 21.38
C CYS G 197 -60.40 -22.84 21.78
N HIS G 198 -60.63 -22.64 23.07
CA HIS G 198 -61.18 -21.38 23.54
C HIS G 198 -60.25 -20.21 23.25
N LEU G 199 -58.95 -20.44 23.37
CA LEU G 199 -57.98 -19.36 23.16
C LEU G 199 -57.78 -19.11 21.68
N ALA G 200 -57.90 -20.17 20.87
CA ALA G 200 -57.66 -20.05 19.44
C ALA G 200 -58.86 -19.43 18.73
N LYS G 201 -60.05 -19.76 19.22
CA LYS G 201 -61.29 -19.24 18.64
C LYS G 201 -61.43 -17.76 18.99
N THR G 202 -61.21 -17.45 20.27
CA THR G 202 -61.27 -16.06 20.71
C THR G 202 -60.34 -15.19 19.87
N ALA G 203 -59.11 -15.67 19.67
CA ALA G 203 -58.09 -14.91 18.94
C ALA G 203 -58.44 -14.73 17.47
N PHE G 204 -59.00 -15.79 16.89
CA PHE G 204 -59.42 -15.79 15.49
C PHE G 204 -60.61 -14.86 15.31
N ASP G 205 -61.64 -15.06 16.13
CA ASP G 205 -62.83 -14.21 16.09
C ASP G 205 -62.47 -12.72 16.21
N ASP G 206 -61.66 -12.35 17.22
CA ASP G 206 -61.30 -10.95 17.46
C ASP G 206 -60.55 -10.35 16.30
N ALA G 207 -59.77 -11.16 15.59
CA ALA G 207 -59.09 -10.69 14.40
C ALA G 207 -60.07 -10.51 13.24
N ILE G 208 -61.09 -11.37 13.17
CA ILE G 208 -62.07 -11.31 12.09
C ILE G 208 -62.93 -10.05 12.22
N ALA G 209 -63.40 -9.78 13.44
CA ALA G 209 -64.23 -8.60 13.74
C ALA G 209 -63.57 -7.28 13.31
N GLU G 210 -62.26 -7.30 13.10
CA GLU G 210 -61.52 -6.09 12.73
C GLU G 210 -60.65 -6.36 11.52
N LEU G 211 -61.17 -7.22 10.66
CA LEU G 211 -60.46 -7.67 9.47
C LEU G 211 -60.02 -6.50 8.57
N ASP G 212 -60.73 -5.38 8.70
CA ASP G 212 -60.46 -4.20 7.89
C ASP G 212 -59.18 -3.49 8.36
N THR G 213 -58.77 -3.76 9.60
CA THR G 213 -57.60 -3.11 10.18
C THR G 213 -56.30 -3.81 9.74
N LEU G 214 -56.42 -4.70 8.76
CA LEU G 214 -55.26 -5.36 8.16
C LEU G 214 -54.42 -4.36 7.34
N ASN G 215 -53.14 -4.27 7.69
CA ASN G 215 -52.18 -3.44 6.99
C ASN G 215 -51.86 -4.04 5.63
N GLU G 216 -51.97 -3.22 4.58
CA GLU G 216 -51.58 -3.65 3.23
C GLU G 216 -50.15 -4.18 3.25
N ASP G 217 -49.35 -3.65 4.17
CA ASP G 217 -47.96 -4.07 4.33
C ASP G 217 -47.83 -5.50 4.87
N SER G 218 -48.52 -5.80 5.97
CA SER G 218 -48.35 -7.10 6.61
C SER G 218 -49.65 -7.89 6.74
N TYR G 219 -50.54 -7.75 5.76
CA TYR G 219 -51.79 -8.48 5.81
C TYR G 219 -51.58 -9.96 5.54
N LYS G 220 -50.57 -10.31 4.74
CA LYS G 220 -50.33 -11.71 4.40
C LYS G 220 -49.86 -12.48 5.63
N ASP G 221 -49.04 -11.82 6.44
CA ASP G 221 -48.62 -12.39 7.72
C ASP G 221 -49.82 -12.82 8.56
N SER G 222 -50.67 -11.85 8.90
CA SER G 222 -51.84 -12.11 9.74
C SER G 222 -52.76 -13.19 9.18
N THR G 223 -52.94 -13.21 7.85
CA THR G 223 -53.91 -14.12 7.26
C THR G 223 -53.41 -15.55 7.25
N LEU G 224 -52.10 -15.74 7.11
CA LEU G 224 -51.54 -17.08 7.25
C LEU G 224 -51.78 -17.61 8.67
N ILE G 225 -51.52 -16.78 9.68
CA ILE G 225 -51.65 -17.24 11.06
C ILE G 225 -53.12 -17.46 11.43
N MET G 226 -54.02 -16.67 10.84
CA MET G 226 -55.46 -16.90 11.04
C MET G 226 -55.86 -18.23 10.43
N GLN G 227 -55.29 -18.52 9.27
CA GLN G 227 -55.52 -19.80 8.61
C GLN G 227 -55.05 -20.99 9.46
N LEU G 228 -53.90 -20.82 10.14
CA LEU G 228 -53.35 -21.89 10.96
C LEU G 228 -54.15 -22.07 12.21
N LEU G 229 -54.69 -20.97 12.72
CA LEU G 229 -55.57 -21.06 13.87
C LEU G 229 -56.80 -21.89 13.51
N ARG G 230 -57.30 -21.70 12.29
CA ARG G 230 -58.46 -22.46 11.84
C ARG G 230 -58.14 -23.93 11.55
N ASP G 231 -57.03 -24.18 10.85
CA ASP G 231 -56.55 -25.56 10.69
C ASP G 231 -56.54 -26.30 12.03
N ASN G 232 -55.81 -25.77 13.02
CA ASN G 232 -55.77 -26.42 14.33
C ASN G 232 -57.13 -26.60 14.96
N LEU G 233 -58.00 -25.58 14.88
CA LEU G 233 -59.33 -25.68 15.47
C LEU G 233 -60.12 -26.80 14.80
N THR G 234 -60.03 -26.87 13.48
CA THR G 234 -60.74 -27.91 12.83
C THR G 234 -60.20 -29.22 13.34
N LEU G 235 -58.89 -29.35 13.31
CA LEU G 235 -58.28 -30.63 13.61
C LEU G 235 -58.51 -31.04 15.04
N TRP G 236 -58.44 -30.08 15.93
CA TRP G 236 -58.65 -30.36 17.32
C TRP G 236 -60.05 -30.82 17.63
N THR G 237 -61.05 -30.28 16.97
CA THR G 237 -62.42 -30.63 17.34
C THR G 237 -62.78 -32.04 16.96
N SER G 238 -62.01 -32.61 16.04
CA SER G 238 -62.25 -33.96 15.67
C SER G 238 -61.63 -34.70 16.83
N ASP G 239 -62.32 -34.54 17.96
CA ASP G 239 -62.04 -35.16 19.24
C ASP G 239 -60.63 -35.70 19.39
N ASP H 6 -18.38 -53.23 20.47
CA ASP H 6 -18.93 -54.32 19.68
C ASP H 6 -19.31 -53.78 18.33
N ARG H 7 -19.20 -54.63 17.33
CA ARG H 7 -19.43 -54.21 15.95
C ARG H 7 -20.90 -54.01 15.61
N GLU H 8 -21.73 -55.02 15.88
CA GLU H 8 -23.16 -54.96 15.51
C GLU H 8 -23.89 -53.80 16.19
N GLN H 9 -23.28 -53.27 17.25
CA GLN H 9 -23.83 -52.13 17.98
C GLN H 9 -23.61 -50.83 17.18
N LEU H 10 -22.43 -50.72 16.58
CA LEU H 10 -22.12 -49.60 15.71
C LEU H 10 -23.01 -49.57 14.45
N VAL H 11 -23.26 -50.71 13.85
CA VAL H 11 -24.15 -50.77 12.68
C VAL H 11 -25.60 -50.50 13.09
N GLN H 12 -25.98 -50.86 14.31
CA GLN H 12 -27.29 -50.46 14.83
C GLN H 12 -27.32 -48.94 15.05
N LYS H 13 -26.22 -48.37 15.55
CA LYS H 13 -26.19 -46.94 15.82
C LYS H 13 -26.28 -46.12 14.54
N ALA H 14 -25.68 -46.64 13.47
CA ALA H 14 -25.74 -46.00 12.16
C ALA H 14 -27.11 -46.14 11.52
N ARG H 15 -27.75 -47.29 11.72
CA ARG H 15 -29.12 -47.46 11.23
C ARG H 15 -30.01 -46.41 11.90
N LEU H 16 -29.81 -46.21 13.20
CA LEU H 16 -30.58 -45.26 13.98
C LEU H 16 -30.34 -43.82 13.53
N ALA H 17 -29.06 -43.44 13.43
CA ALA H 17 -28.69 -42.10 13.00
C ALA H 17 -29.29 -41.77 11.63
N GLU H 18 -29.25 -42.73 10.71
CA GLU H 18 -29.87 -42.52 9.40
C GLU H 18 -31.30 -42.02 9.54
N GLN H 19 -32.10 -42.70 10.37
CA GLN H 19 -33.49 -42.32 10.61
C GLN H 19 -33.61 -40.91 11.19
N ALA H 20 -32.68 -40.56 12.08
CA ALA H 20 -32.71 -39.29 12.80
C ALA H 20 -32.20 -38.14 11.96
N GLU H 21 -31.96 -38.44 10.69
CA GLU H 21 -31.28 -37.55 9.74
C GLU H 21 -30.10 -36.85 10.40
N ARG H 22 -29.27 -37.65 11.06
CA ARG H 22 -28.06 -37.19 11.73
C ARG H 22 -26.86 -37.90 11.10
N TYR H 23 -26.54 -37.44 9.90
CA TYR H 23 -25.60 -38.11 9.02
C TYR H 23 -24.15 -37.98 9.47
N ASP H 24 -23.83 -36.94 10.23
CA ASP H 24 -22.52 -36.90 10.86
C ASP H 24 -22.37 -38.13 11.75
N ASP H 25 -23.34 -38.37 12.63
CA ASP H 25 -23.30 -39.54 13.49
C ASP H 25 -23.26 -40.82 12.66
N MET H 26 -24.11 -40.89 11.64
CA MET H 26 -24.16 -42.08 10.78
C MET H 26 -22.79 -42.34 10.19
N ALA H 27 -22.15 -41.30 9.67
CA ALA H 27 -20.82 -41.43 9.07
C ALA H 27 -19.78 -41.88 10.09
N ALA H 28 -19.76 -41.24 11.26
CA ALA H 28 -18.77 -41.56 12.29
C ALA H 28 -18.85 -43.03 12.71
N ALA H 29 -20.06 -43.50 12.96
CA ALA H 29 -20.29 -44.89 13.33
C ALA H 29 -19.73 -45.82 12.25
N MET H 30 -20.13 -45.61 11.00
CA MET H 30 -19.63 -46.41 9.88
C MET H 30 -18.11 -46.31 9.63
N LYS H 31 -17.51 -45.19 9.99
CA LYS H 31 -16.05 -45.02 9.94
C LYS H 31 -15.37 -45.98 10.90
N ASN H 32 -15.87 -45.99 12.13
CA ASN H 32 -15.37 -46.88 13.17
C ASN H 32 -15.58 -48.36 12.82
N VAL H 33 -16.60 -48.65 12.01
CA VAL H 33 -16.88 -50.01 11.53
C VAL H 33 -15.87 -50.48 10.46
N THR H 34 -15.60 -49.61 9.49
CA THR H 34 -14.67 -49.93 8.43
C THR H 34 -13.27 -50.13 9.02
N GLU H 35 -12.99 -49.41 10.10
CA GLU H 35 -11.71 -49.50 10.77
C GLU H 35 -11.53 -50.76 11.59
N LEU H 36 -12.56 -51.59 11.65
CA LEU H 36 -12.51 -52.84 12.36
C LEU H 36 -11.68 -53.86 11.60
N ASN H 37 -11.42 -53.53 10.35
CA ASN H 37 -10.53 -54.28 9.51
C ASN H 37 -11.19 -55.46 8.91
N GLU H 38 -12.50 -55.51 9.05
CA GLU H 38 -13.26 -56.53 8.36
C GLU H 38 -14.06 -55.92 7.23
N PRO H 39 -13.98 -56.53 6.07
CA PRO H 39 -14.75 -56.09 4.91
C PRO H 39 -16.21 -55.79 5.26
N LEU H 40 -16.79 -54.81 4.58
CA LEU H 40 -18.19 -54.45 4.80
C LEU H 40 -19.09 -55.37 3.97
N SER H 41 -20.34 -55.52 4.43
CA SER H 41 -21.35 -56.25 3.66
C SER H 41 -22.13 -55.28 2.79
N ASN H 42 -22.95 -55.79 1.88
CA ASN H 42 -23.68 -54.96 0.93
C ASN H 42 -24.51 -53.87 1.59
N GLU H 43 -24.84 -54.09 2.86
CA GLU H 43 -25.71 -53.18 3.61
C GLU H 43 -24.87 -52.20 4.41
N GLU H 44 -23.81 -52.69 5.03
CA GLU H 44 -22.88 -51.83 5.75
C GLU H 44 -22.20 -50.88 4.77
N ARG H 45 -21.90 -51.43 3.59
CA ARG H 45 -21.34 -50.64 2.49
C ARG H 45 -22.30 -49.52 2.12
N ASN H 46 -23.50 -49.90 1.70
CA ASN H 46 -24.57 -48.96 1.39
C ASN H 46 -24.82 -47.94 2.52
N LEU H 47 -24.64 -48.37 3.77
CA LEU H 47 -24.66 -47.45 4.90
C LEU H 47 -23.52 -46.44 4.82
N LEU H 48 -22.28 -46.95 4.73
CA LEU H 48 -21.10 -46.09 4.65
C LEU H 48 -21.26 -45.04 3.55
N SER H 49 -21.69 -45.52 2.38
CA SER H 49 -21.92 -44.70 1.21
C SER H 49 -22.92 -43.58 1.48
N VAL H 50 -24.15 -43.95 1.80
CA VAL H 50 -25.22 -43.02 2.12
C VAL H 50 -24.83 -42.05 3.22
N ALA H 51 -24.13 -42.55 4.24
CA ALA H 51 -23.65 -41.71 5.32
C ALA H 51 -22.79 -40.56 4.79
N TYR H 52 -21.72 -40.90 4.09
CA TYR H 52 -20.77 -39.88 3.67
C TYR H 52 -21.30 -39.04 2.49
N LYS H 53 -22.14 -39.64 1.66
CA LYS H 53 -22.82 -38.92 0.57
C LYS H 53 -23.64 -37.74 1.09
N ASN H 54 -24.16 -37.87 2.30
CA ASN H 54 -25.00 -36.85 2.93
C ASN H 54 -24.21 -35.82 3.72
N VAL H 55 -23.08 -36.26 4.28
CA VAL H 55 -22.17 -35.32 4.95
C VAL H 55 -21.53 -34.41 3.92
N VAL H 56 -21.01 -34.99 2.84
CA VAL H 56 -20.37 -34.17 1.83
C VAL H 56 -21.40 -33.46 0.96
N GLY H 57 -22.53 -34.12 0.66
CA GLY H 57 -23.56 -33.53 -0.18
C GLY H 57 -24.16 -32.27 0.43
N ALA H 58 -24.02 -32.14 1.75
CA ALA H 58 -24.48 -30.97 2.46
C ALA H 58 -23.55 -29.80 2.19
N ARG H 59 -22.25 -30.06 2.26
CA ARG H 59 -21.23 -29.03 2.07
C ARG H 59 -21.10 -28.58 0.60
N ARG H 60 -21.41 -29.49 -0.32
CA ARG H 60 -21.41 -29.17 -1.75
C ARG H 60 -22.59 -28.26 -2.11
N SER H 61 -23.69 -28.38 -1.38
CA SER H 61 -24.86 -27.54 -1.63
C SER H 61 -24.70 -26.20 -0.92
N SER H 62 -23.97 -26.23 0.19
CA SER H 62 -23.65 -25.02 0.91
C SER H 62 -22.59 -24.24 0.16
N TRP H 63 -21.72 -24.98 -0.51
CA TRP H 63 -20.61 -24.35 -1.21
C TRP H 63 -21.10 -23.57 -2.39
N ARG H 64 -21.98 -24.19 -3.14
CA ARG H 64 -22.41 -23.58 -4.36
C ARG H 64 -23.14 -22.31 -4.08
N VAL H 65 -23.99 -22.33 -3.08
CA VAL H 65 -24.76 -21.15 -2.76
C VAL H 65 -23.85 -20.02 -2.36
N ILE H 66 -22.83 -20.31 -1.57
CA ILE H 66 -21.96 -19.22 -1.14
C ILE H 66 -21.09 -18.76 -2.31
N SER H 67 -20.78 -19.68 -3.21
CA SER H 67 -20.03 -19.34 -4.42
C SER H 67 -20.90 -18.64 -5.46
N SER H 68 -22.20 -18.89 -5.41
CA SER H 68 -23.14 -18.20 -6.29
C SER H 68 -23.51 -16.82 -5.75
N ILE H 69 -23.47 -16.67 -4.42
CA ILE H 69 -23.64 -15.37 -3.75
C ILE H 69 -22.39 -14.53 -3.97
N GLU H 70 -21.26 -15.21 -4.16
CA GLU H 70 -20.00 -14.53 -4.38
C GLU H 70 -19.93 -13.93 -5.79
N GLN H 71 -20.60 -14.56 -6.73
CA GLN H 71 -20.60 -14.07 -8.08
C GLN H 71 -21.27 -12.71 -8.10
N LYS H 72 -22.35 -12.57 -7.35
CA LYS H 72 -23.02 -11.29 -7.28
C LYS H 72 -22.16 -10.20 -6.65
N THR H 73 -21.44 -10.53 -5.60
CA THR H 73 -20.62 -9.54 -4.93
C THR H 73 -19.58 -9.09 -5.91
N SER H 74 -19.04 -10.07 -6.63
CA SER H 74 -18.04 -9.79 -7.64
C SER H 74 -18.47 -8.59 -8.44
N ALA H 75 -19.58 -8.78 -9.13
CA ALA H 75 -20.20 -7.80 -10.01
C ALA H 75 -20.56 -6.51 -9.35
N ASP H 76 -21.06 -6.60 -8.14
CA ASP H 76 -21.66 -5.44 -7.52
C ASP H 76 -20.68 -4.34 -7.33
N GLY H 77 -19.46 -4.70 -6.95
CA GLY H 77 -18.41 -3.74 -6.76
C GLY H 77 -18.51 -3.10 -5.39
N ASN H 78 -19.52 -3.51 -4.64
CA ASN H 78 -19.52 -3.27 -3.22
C ASN H 78 -18.84 -4.55 -2.87
N GLU H 79 -17.54 -4.46 -2.64
CA GLU H 79 -16.78 -5.66 -2.37
C GLU H 79 -16.59 -5.91 -0.90
N LYS H 80 -16.58 -4.92 -0.06
CA LYS H 80 -16.13 -5.23 1.28
C LYS H 80 -17.04 -6.37 1.66
N LYS H 81 -18.14 -6.44 0.93
CA LYS H 81 -19.20 -7.43 1.15
C LYS H 81 -18.83 -8.68 0.40
N ILE H 82 -17.54 -8.85 0.17
CA ILE H 82 -17.01 -10.11 -0.28
C ILE H 82 -16.07 -10.67 0.77
N GLU H 83 -15.75 -9.86 1.78
CA GLU H 83 -14.81 -10.28 2.80
C GLU H 83 -15.37 -11.48 3.55
N MET H 84 -16.65 -11.43 3.86
CA MET H 84 -17.29 -12.54 4.53
C MET H 84 -17.61 -13.65 3.52
N VAL H 85 -18.20 -13.28 2.38
CA VAL H 85 -18.55 -14.25 1.34
C VAL H 85 -17.33 -15.03 0.84
N ARG H 86 -16.14 -14.53 1.16
CA ARG H 86 -14.88 -15.19 0.81
C ARG H 86 -14.43 -16.20 1.87
N ALA H 87 -14.20 -15.73 3.10
CA ALA H 87 -13.74 -16.58 4.20
C ALA H 87 -14.68 -17.76 4.42
N TYR H 88 -15.96 -17.48 4.25
CA TYR H 88 -17.02 -18.48 4.38
C TYR H 88 -16.87 -19.60 3.34
N ARG H 89 -16.80 -19.24 2.06
CA ARG H 89 -16.74 -20.23 0.98
C ARG H 89 -15.59 -21.20 1.15
N GLU H 90 -14.47 -20.72 1.69
CA GLU H 90 -13.29 -21.57 1.86
C GLU H 90 -13.37 -22.35 3.17
N LYS H 91 -14.22 -21.89 4.09
CA LYS H 91 -14.52 -22.66 5.31
C LYS H 91 -15.31 -23.92 4.95
N ILE H 92 -16.35 -23.74 4.15
CA ILE H 92 -17.12 -24.83 3.55
C ILE H 92 -16.25 -25.74 2.68
N GLU H 93 -15.26 -25.17 2.01
CA GLU H 93 -14.31 -25.94 1.22
C GLU H 93 -13.38 -26.70 2.16
N LYS H 94 -12.91 -26.00 3.19
CA LYS H 94 -12.09 -26.61 4.24
C LYS H 94 -12.79 -27.85 4.79
N GLU H 95 -14.08 -27.73 5.05
CA GLU H 95 -14.89 -28.85 5.55
C GLU H 95 -15.11 -29.92 4.47
N LEU H 96 -15.46 -29.50 3.25
CA LEU H 96 -15.77 -30.44 2.16
C LEU H 96 -14.56 -31.29 1.80
N GLU H 97 -13.36 -30.71 1.81
CA GLU H 97 -12.17 -31.46 1.44
C GLU H 97 -11.79 -32.38 2.60
N ALA H 98 -12.09 -31.95 3.82
CA ALA H 98 -11.85 -32.76 5.02
C ALA H 98 -12.88 -33.89 5.21
N VAL H 99 -13.82 -34.02 4.28
CA VAL H 99 -14.75 -35.13 4.31
C VAL H 99 -14.30 -36.12 3.25
N CYS H 100 -13.92 -35.61 2.09
CA CYS H 100 -13.32 -36.43 1.04
C CYS H 100 -11.97 -37.00 1.48
N GLN H 101 -11.30 -36.35 2.43
CA GLN H 101 -10.05 -36.88 2.97
C GLN H 101 -10.27 -38.26 3.60
N ASP H 102 -11.36 -38.39 4.34
CA ASP H 102 -11.62 -39.58 5.16
C ASP H 102 -12.09 -40.75 4.35
N VAL H 103 -13.05 -40.51 3.46
CA VAL H 103 -13.58 -41.56 2.61
C VAL H 103 -12.46 -42.23 1.83
N LEU H 104 -11.63 -41.41 1.19
CA LEU H 104 -10.50 -41.93 0.43
C LEU H 104 -9.51 -42.67 1.35
N SER H 105 -9.08 -42.03 2.44
CA SER H 105 -8.20 -42.70 3.43
C SER H 105 -8.78 -44.01 3.92
N LEU H 106 -10.09 -44.06 3.98
CA LEU H 106 -10.78 -45.28 4.24
C LEU H 106 -10.73 -46.22 3.07
N LEU H 107 -10.98 -45.70 1.88
CA LEU H 107 -11.06 -46.56 0.74
C LEU H 107 -9.74 -47.22 0.49
N ASP H 108 -8.68 -46.42 0.52
CA ASP H 108 -7.35 -46.94 0.28
C ASP H 108 -6.75 -47.85 1.33
N ASN H 109 -6.89 -47.49 2.60
CA ASN H 109 -6.24 -48.24 3.66
C ASN H 109 -7.06 -49.36 4.21
N TYR H 110 -8.31 -49.44 3.79
CA TYR H 110 -9.18 -50.44 4.33
C TYR H 110 -10.00 -51.15 3.28
N LEU H 111 -10.77 -50.37 2.55
CA LEU H 111 -11.82 -50.94 1.68
C LEU H 111 -11.32 -51.56 0.36
N ILE H 112 -10.37 -50.89 -0.29
CA ILE H 112 -9.79 -51.45 -1.51
C ILE H 112 -8.78 -52.55 -1.14
N LYS H 113 -8.01 -52.29 -0.08
CA LYS H 113 -7.04 -53.25 0.45
C LYS H 113 -7.69 -54.61 0.77
N ASN H 114 -8.53 -54.65 1.80
CA ASN H 114 -9.07 -55.90 2.35
C ASN H 114 -10.02 -56.70 1.45
N CYS H 115 -10.32 -56.20 0.26
CA CYS H 115 -11.16 -56.98 -0.66
C CYS H 115 -10.31 -57.60 -1.76
N SER H 116 -10.38 -58.92 -1.85
CA SER H 116 -9.60 -59.70 -2.82
C SER H 116 -10.02 -59.42 -4.26
N GLU H 117 -9.27 -59.96 -5.20
CA GLU H 117 -9.59 -59.85 -6.62
C GLU H 117 -10.79 -60.68 -7.01
N THR H 118 -11.03 -61.73 -6.23
CA THR H 118 -12.14 -62.62 -6.47
C THR H 118 -13.43 -61.84 -6.37
N GLN H 119 -13.54 -60.99 -5.35
CA GLN H 119 -14.77 -60.27 -5.18
C GLN H 119 -14.72 -59.05 -6.07
N TYR H 120 -15.30 -59.21 -7.25
CA TYR H 120 -15.23 -58.21 -8.31
C TYR H 120 -16.28 -57.12 -8.15
N GLU H 121 -17.43 -57.49 -7.58
CA GLU H 121 -18.53 -56.56 -7.36
C GLU H 121 -18.15 -55.45 -6.38
N SER H 122 -17.32 -55.80 -5.39
CA SER H 122 -16.91 -54.87 -4.33
C SER H 122 -15.82 -53.90 -4.80
N LYS H 123 -15.07 -54.28 -5.84
CA LYS H 123 -14.06 -53.40 -6.41
C LYS H 123 -14.69 -52.27 -7.21
N VAL H 124 -15.72 -52.57 -7.99
CA VAL H 124 -16.35 -51.57 -8.86
C VAL H 124 -17.05 -50.48 -8.04
N PHE H 125 -17.59 -50.88 -6.90
CA PHE H 125 -18.24 -49.98 -5.96
C PHE H 125 -17.21 -49.04 -5.33
N TYR H 126 -16.26 -49.64 -4.61
CA TYR H 126 -15.26 -48.91 -3.84
C TYR H 126 -14.38 -48.01 -4.71
N LEU H 127 -14.05 -48.49 -5.91
CA LEU H 127 -13.26 -47.70 -6.85
C LEU H 127 -14.10 -46.53 -7.41
N LYS H 128 -15.41 -46.75 -7.54
CA LYS H 128 -16.32 -45.69 -7.99
C LYS H 128 -16.43 -44.57 -6.96
N MET H 129 -16.41 -44.93 -5.68
CA MET H 129 -16.39 -43.94 -4.61
C MET H 129 -15.11 -43.10 -4.66
N LYS H 130 -13.99 -43.77 -4.94
CA LYS H 130 -12.73 -43.08 -5.18
C LYS H 130 -12.93 -42.06 -6.28
N GLY H 131 -13.46 -42.53 -7.41
CA GLY H 131 -13.77 -41.64 -8.52
C GLY H 131 -14.71 -40.53 -8.12
N ASP H 132 -15.69 -40.87 -7.27
CA ASP H 132 -16.68 -39.92 -6.83
C ASP H 132 -16.10 -38.87 -5.88
N TYR H 133 -15.27 -39.27 -4.93
CA TYR H 133 -14.77 -38.32 -3.93
C TYR H 133 -13.55 -37.55 -4.41
N TYR H 134 -12.81 -38.12 -5.36
CA TYR H 134 -11.79 -37.33 -6.04
C TYR H 134 -12.49 -36.32 -6.93
N ARG H 135 -13.69 -36.68 -7.41
CA ARG H 135 -14.51 -35.76 -8.21
C ARG H 135 -15.12 -34.61 -7.38
N TYR H 136 -15.38 -34.85 -6.09
CA TYR H 136 -15.94 -33.80 -5.22
C TYR H 136 -14.84 -32.84 -4.79
N LEU H 137 -13.60 -33.33 -4.86
CA LEU H 137 -12.44 -32.50 -4.59
C LEU H 137 -12.15 -31.58 -5.76
N ALA H 138 -12.53 -32.03 -6.95
CA ALA H 138 -12.25 -31.34 -8.20
C ALA H 138 -13.24 -30.22 -8.52
N GLU H 139 -14.35 -30.16 -7.79
CA GLU H 139 -15.36 -29.13 -8.02
C GLU H 139 -15.07 -27.87 -7.22
N VAL H 140 -14.12 -27.95 -6.27
CA VAL H 140 -13.77 -26.82 -5.40
C VAL H 140 -12.28 -26.46 -5.50
N ALA H 141 -11.53 -27.22 -6.28
CA ALA H 141 -10.10 -27.00 -6.39
C ALA H 141 -9.73 -26.38 -7.74
N THR H 142 -8.68 -25.57 -7.74
CA THR H 142 -8.20 -24.92 -8.95
C THR H 142 -6.71 -25.13 -9.16
N GLY H 143 -6.27 -25.03 -10.41
CA GLY H 143 -4.87 -25.12 -10.74
C GLY H 143 -4.34 -26.53 -10.83
N GLU H 144 -3.25 -26.79 -10.11
CA GLU H 144 -2.55 -28.07 -10.20
C GLU H 144 -2.96 -29.02 -9.07
N LYS H 145 -3.71 -28.50 -8.11
CA LYS H 145 -4.40 -29.36 -7.17
C LYS H 145 -5.58 -30.00 -7.92
N ARG H 146 -6.26 -29.20 -8.74
CA ARG H 146 -7.36 -29.69 -9.55
C ARG H 146 -6.88 -30.69 -10.59
N ALA H 147 -5.71 -30.43 -11.15
CA ALA H 147 -5.18 -31.28 -12.19
C ALA H 147 -4.74 -32.64 -11.63
N THR H 148 -4.21 -32.66 -10.41
CA THR H 148 -3.71 -33.89 -9.81
C THR H 148 -4.85 -34.75 -9.27
N VAL H 149 -5.94 -34.10 -8.87
CA VAL H 149 -7.05 -34.79 -8.24
C VAL H 149 -8.06 -35.29 -9.30
N VAL H 150 -8.12 -34.59 -10.43
CA VAL H 150 -8.89 -35.04 -11.60
C VAL H 150 -8.21 -36.26 -12.22
N GLU H 151 -6.88 -36.25 -12.21
CA GLU H 151 -6.12 -37.37 -12.74
C GLU H 151 -6.35 -38.61 -11.89
N SER H 152 -6.42 -38.45 -10.58
CA SER H 152 -6.70 -39.56 -9.67
C SER H 152 -8.12 -40.10 -9.89
N SER H 153 -9.06 -39.18 -10.10
CA SER H 153 -10.45 -39.53 -10.32
C SER H 153 -10.62 -40.47 -11.53
N GLU H 154 -10.12 -40.07 -12.69
CA GLU H 154 -10.33 -40.89 -13.88
C GLU H 154 -9.55 -42.20 -13.80
N LYS H 155 -8.46 -42.21 -13.03
CA LYS H 155 -7.69 -43.43 -12.81
C LYS H 155 -8.55 -44.46 -12.09
N ALA H 156 -9.39 -43.97 -11.18
CA ALA H 156 -10.34 -44.80 -10.44
C ALA H 156 -11.50 -45.26 -11.33
N TYR H 157 -12.17 -44.30 -11.97
CA TYR H 157 -13.28 -44.60 -12.88
C TYR H 157 -12.93 -45.62 -13.96
N SER H 158 -11.87 -45.35 -14.71
CA SER H 158 -11.44 -46.27 -15.78
C SER H 158 -11.07 -47.64 -15.24
N GLU H 159 -10.35 -47.67 -14.12
CA GLU H 159 -9.92 -48.93 -13.52
C GLU H 159 -11.13 -49.76 -13.11
N ALA H 160 -12.24 -49.08 -12.79
CA ALA H 160 -13.49 -49.75 -12.45
C ALA H 160 -14.29 -50.06 -13.69
N HIS H 161 -14.14 -49.22 -14.72
CA HIS H 161 -14.79 -49.44 -16.01
C HIS H 161 -14.24 -50.72 -16.67
N GLU H 162 -12.93 -50.94 -16.50
CA GLU H 162 -12.24 -52.09 -17.09
C GLU H 162 -12.55 -53.40 -16.38
N ILE H 163 -13.26 -53.33 -15.26
CA ILE H 163 -13.71 -54.51 -14.54
C ILE H 163 -15.24 -54.62 -14.64
N SER H 164 -15.90 -53.48 -14.88
CA SER H 164 -17.36 -53.47 -15.05
C SER H 164 -17.75 -53.97 -16.44
N LYS H 165 -16.92 -53.67 -17.44
CA LYS H 165 -17.10 -54.19 -18.78
C LYS H 165 -16.63 -55.65 -18.85
N GLU H 166 -15.61 -55.95 -18.04
CA GLU H 166 -14.95 -57.25 -18.08
C GLU H 166 -15.77 -58.39 -17.44
N HIS H 167 -16.22 -58.19 -16.20
CA HIS H 167 -16.85 -59.28 -15.44
C HIS H 167 -18.26 -58.98 -14.93
N MET H 168 -18.82 -57.86 -15.38
CA MET H 168 -20.17 -57.46 -14.94
C MET H 168 -21.10 -57.21 -16.13
N GLN H 169 -22.20 -57.95 -16.17
CA GLN H 169 -23.16 -57.85 -17.28
C GLN H 169 -23.97 -56.55 -17.16
N PRO H 170 -24.46 -56.08 -18.30
CA PRO H 170 -24.95 -54.71 -18.49
C PRO H 170 -26.14 -54.41 -17.63
N THR H 171 -26.80 -55.45 -17.20
CA THR H 171 -27.94 -55.31 -16.32
C THR H 171 -27.51 -54.66 -15.02
N HIS H 172 -26.36 -55.05 -14.51
CA HIS H 172 -26.03 -54.71 -13.15
C HIS H 172 -26.03 -53.21 -12.96
N PRO H 173 -26.83 -52.76 -11.90
CA PRO H 173 -26.86 -51.29 -11.78
C PRO H 173 -25.54 -50.63 -11.41
N ILE H 174 -24.80 -51.20 -10.49
CA ILE H 174 -23.55 -50.56 -10.06
C ILE H 174 -22.77 -50.08 -11.29
N ARG H 175 -22.81 -50.87 -12.36
CA ARG H 175 -22.16 -50.53 -13.62
C ARG H 175 -22.83 -49.32 -14.29
N LEU H 176 -24.17 -49.30 -14.27
CA LEU H 176 -24.94 -48.21 -14.87
C LEU H 176 -24.70 -46.89 -14.16
N GLY H 177 -24.45 -46.98 -12.85
CA GLY H 177 -24.15 -45.81 -12.04
C GLY H 177 -22.67 -45.49 -12.11
N LEU H 178 -21.86 -46.51 -12.37
CA LEU H 178 -20.43 -46.30 -12.61
C LEU H 178 -20.27 -45.43 -13.84
N ALA H 179 -20.99 -45.80 -14.89
CA ALA H 179 -20.99 -45.05 -16.14
C ALA H 179 -21.73 -43.71 -16.01
N LEU H 180 -22.78 -43.69 -15.18
CA LEU H 180 -23.56 -42.46 -14.98
C LEU H 180 -22.72 -41.36 -14.33
N ASN H 181 -22.07 -41.66 -13.22
CA ASN H 181 -21.19 -40.71 -12.56
C ASN H 181 -19.99 -40.38 -13.45
N TYR H 182 -19.61 -41.35 -14.29
CA TYR H 182 -18.49 -41.20 -15.22
C TYR H 182 -18.76 -40.10 -16.26
N SER H 183 -20.01 -40.05 -16.74
CA SER H 183 -20.40 -39.07 -17.75
C SER H 183 -20.48 -37.64 -17.18
N VAL H 184 -20.74 -37.54 -15.89
CA VAL H 184 -20.78 -36.25 -15.20
C VAL H 184 -19.37 -35.69 -15.06
N PHE H 185 -18.43 -36.58 -14.79
CA PHE H 185 -17.04 -36.17 -14.72
C PHE H 185 -16.58 -35.69 -16.08
N TYR H 186 -16.93 -36.46 -17.08
CA TYR H 186 -16.63 -36.05 -18.45
C TYR H 186 -17.19 -34.71 -18.87
N TYR H 187 -18.42 -34.43 -18.48
CA TYR H 187 -19.12 -33.27 -19.00
C TYR H 187 -18.76 -31.95 -18.32
N GLU H 188 -18.61 -31.97 -17.02
CA GLU H 188 -18.21 -30.74 -16.35
C GLU H 188 -16.88 -30.89 -15.65
N ILE H 189 -16.36 -32.10 -15.59
CA ILE H 189 -15.05 -32.26 -15.00
C ILE H 189 -13.97 -32.35 -16.04
N GLN H 190 -14.06 -33.37 -16.87
CA GLN H 190 -13.17 -33.48 -18.01
C GLN H 190 -13.58 -32.49 -19.07
N ASN H 191 -14.81 -32.01 -18.95
CA ASN H 191 -15.35 -31.03 -19.87
C ASN H 191 -15.28 -31.52 -21.30
N ALA H 192 -15.61 -32.78 -21.49
CA ALA H 192 -15.44 -33.38 -22.78
C ALA H 192 -16.79 -33.88 -23.10
N PRO H 193 -17.67 -32.96 -23.42
CA PRO H 193 -19.03 -33.39 -23.74
C PRO H 193 -19.06 -34.42 -24.86
N GLU H 194 -18.02 -34.46 -25.68
CA GLU H 194 -17.92 -35.49 -26.70
C GLU H 194 -17.76 -36.91 -26.11
N GLN H 195 -16.85 -37.02 -25.15
CA GLN H 195 -16.60 -38.29 -24.45
C GLN H 195 -17.78 -38.76 -23.60
N ALA H 196 -18.39 -37.80 -22.91
CA ALA H 196 -19.44 -38.04 -21.94
C ALA H 196 -20.59 -38.83 -22.54
N CYS H 197 -21.25 -38.23 -23.53
CA CYS H 197 -22.48 -38.77 -24.06
C CYS H 197 -22.33 -40.14 -24.72
N HIS H 198 -21.10 -40.52 -25.08
CA HIS H 198 -20.89 -41.80 -25.75
C HIS H 198 -21.09 -42.98 -24.80
N LEU H 199 -20.29 -43.06 -23.74
CA LEU H 199 -20.43 -44.18 -22.80
C LEU H 199 -21.70 -44.07 -21.95
N ALA H 200 -22.32 -42.90 -21.98
CA ALA H 200 -23.64 -42.69 -21.37
C ALA H 200 -24.73 -43.27 -22.27
N LYS H 201 -24.39 -43.44 -23.54
CA LYS H 201 -25.25 -44.13 -24.48
C LYS H 201 -24.91 -45.63 -24.54
N THR H 202 -23.62 -45.95 -24.61
CA THR H 202 -23.19 -47.35 -24.69
C THR H 202 -23.67 -48.17 -23.50
N ALA H 203 -23.77 -47.54 -22.33
CA ALA H 203 -24.24 -48.22 -21.13
C ALA H 203 -25.75 -48.43 -21.16
N PHE H 204 -26.49 -47.47 -21.71
CA PHE H 204 -27.93 -47.61 -21.90
C PHE H 204 -28.31 -48.69 -22.89
N ASP H 205 -27.60 -48.69 -24.00
CA ASP H 205 -28.00 -49.47 -25.17
C ASP H 205 -27.69 -50.96 -25.06
N ASP H 206 -26.47 -51.31 -24.64
CA ASP H 206 -26.08 -52.72 -24.58
C ASP H 206 -26.77 -53.43 -23.41
N ALA H 207 -27.44 -52.65 -22.57
CA ALA H 207 -28.32 -53.19 -21.54
C ALA H 207 -29.70 -53.45 -22.14
N ILE H 208 -30.13 -52.56 -23.01
CA ILE H 208 -31.46 -52.65 -23.59
C ILE H 208 -31.54 -53.97 -24.31
N ALA H 209 -30.45 -54.30 -24.98
CA ALA H 209 -30.40 -55.45 -25.89
C ALA H 209 -31.12 -56.71 -25.38
N GLU H 210 -31.07 -56.95 -24.07
CA GLU H 210 -31.69 -58.13 -23.48
C GLU H 210 -33.11 -57.83 -23.02
N TYR H 219 -33.31 -56.42 -9.79
CA TYR H 219 -33.35 -55.89 -11.14
C TYR H 219 -34.35 -54.77 -11.23
N LYS H 220 -34.29 -54.01 -12.31
CA LYS H 220 -35.33 -53.02 -12.60
C LYS H 220 -35.13 -51.79 -11.74
N ASP H 221 -34.13 -51.85 -10.88
CA ASP H 221 -33.71 -50.72 -10.11
C ASP H 221 -32.83 -50.01 -11.11
N SER H 222 -32.24 -50.79 -12.01
CA SER H 222 -31.32 -50.26 -12.99
C SER H 222 -31.87 -49.25 -13.98
N THR H 223 -33.12 -49.43 -14.41
CA THR H 223 -33.64 -48.61 -15.48
C THR H 223 -33.57 -47.17 -15.04
N LEU H 224 -33.76 -46.95 -13.75
CA LEU H 224 -33.91 -45.62 -13.24
C LEU H 224 -32.68 -44.86 -13.63
N ILE H 225 -31.55 -45.52 -13.52
CA ILE H 225 -30.31 -44.91 -13.88
C ILE H 225 -30.41 -44.54 -15.34
N MET H 226 -31.07 -45.41 -16.08
CA MET H 226 -31.20 -45.23 -17.50
C MET H 226 -31.93 -43.94 -17.85
N GLN H 227 -33.00 -43.65 -17.14
CA GLN H 227 -33.75 -42.44 -17.39
C GLN H 227 -32.78 -41.30 -17.11
N LEU H 228 -31.94 -41.50 -16.11
CA LEU H 228 -31.05 -40.46 -15.63
C LEU H 228 -30.11 -40.07 -16.71
N LEU H 229 -29.59 -41.07 -17.38
CA LEU H 229 -28.76 -40.80 -18.51
C LEU H 229 -29.65 -40.14 -19.54
N ARG H 230 -30.83 -40.70 -19.73
CA ARG H 230 -31.75 -40.10 -20.71
C ARG H 230 -31.92 -38.61 -20.46
N ASP H 231 -32.11 -38.24 -19.20
CA ASP H 231 -32.16 -36.82 -18.84
C ASP H 231 -30.80 -36.18 -19.08
N ASN H 232 -29.74 -36.86 -18.64
CA ASN H 232 -28.37 -36.41 -18.82
C ASN H 232 -28.01 -36.08 -20.28
N LEU H 233 -28.25 -37.04 -21.16
CA LEU H 233 -27.94 -36.87 -22.59
C LEU H 233 -28.76 -35.76 -23.25
N THR H 234 -30.05 -35.68 -22.91
CA THR H 234 -30.97 -34.78 -23.58
C THR H 234 -30.72 -33.30 -23.24
N LEU H 235 -30.46 -33.02 -21.96
CA LEU H 235 -30.25 -31.64 -21.52
C LEU H 235 -28.95 -31.07 -22.10
N TRP H 236 -27.93 -31.92 -22.19
CA TRP H 236 -26.64 -31.51 -22.73
C TRP H 236 -26.74 -31.12 -24.21
N THR H 237 -27.63 -31.77 -24.95
CA THR H 237 -27.85 -31.47 -26.37
C THR H 237 -28.59 -30.13 -26.51
N GLN I 6 -49.83 -28.07 15.30
CA GLN I 6 -48.73 -27.35 14.62
C GLN I 6 -48.69 -25.82 14.94
N SEP I 7 -47.46 -25.30 15.01
CA SEP I 7 -47.17 -23.99 15.58
CB SEP I 7 -46.09 -24.15 16.64
OG SEP I 7 -45.04 -24.95 16.11
C SEP I 7 -46.69 -22.97 14.53
O SEP I 7 -46.45 -23.38 13.38
P SEP I 7 -43.85 -25.17 17.17
O1P SEP I 7 -43.63 -23.86 18.09
O2P SEP I 7 -44.23 -26.35 18.19
O3P SEP I 7 -42.56 -25.55 16.28
N VAL I 8 -46.52 -21.70 14.91
CA VAL I 8 -46.12 -20.65 13.96
C VAL I 8 -44.76 -21.02 13.37
N LEU I 9 -44.59 -20.85 12.06
CA LEU I 9 -43.30 -21.17 11.43
C LEU I 9 -42.97 -20.18 10.32
N SEP I 34 -26.28 -38.01 -10.73
CA SEP I 34 -25.54 -39.02 -10.00
CB SEP I 34 -24.84 -38.41 -8.78
OG SEP I 34 -23.75 -37.58 -9.14
C SEP I 34 -26.43 -40.19 -9.57
O SEP I 34 -26.00 -41.09 -8.84
P SEP I 34 -23.39 -36.57 -7.94
O1P SEP I 34 -22.73 -37.41 -6.73
O2P SEP I 34 -22.37 -35.42 -8.44
O3P SEP I 34 -24.74 -35.85 -7.42
#